data_3ZSN
#
_entry.id   3ZSN
#
_cell.length_a   58.214
_cell.length_b   100.940
_cell.length_c   440.842
_cell.angle_alpha   90.00
_cell.angle_beta   90.00
_cell.angle_gamma   90.00
#
_symmetry.space_group_name_H-M   'C 2 2 21'
#
loop_
_entity.id
_entity.type
_entity.pdbx_description
1 polymer 'P-450-LIKE PROTEIN'
2 non-polymer 'PROTOPORPHYRIN IX CONTAINING FE'
3 non-polymer 'MYCINAMICIN IV'
4 non-polymer BENZAMIDINE
5 non-polymer GLYCEROL
6 water water
#
_entity_poly.entity_id   1
_entity_poly.type   'polypeptide(L)'
_entity_poly.pdbx_seq_one_letter_code
;MGSSHHHHHHSSGLVPRGSHMTSAEPRAYPFNDVHGLTLAGRYGELQETEPVSRVRPPYGEEAWLVTRYEDVRAVLGDGR
FVRGPSMTRDEPRTRPEMVKGGLLSMDPPEHSRLRRLVVKAFTARRAESLRPRAREIAHELVDQMAATGQPADLVAMFAR
QLPVRVICELLGVPSADHDRFTRWSGAFLSTAEVTAEEMQEAAEQAYAYMGDLIDRRRKEPTDDLVSALVQARDQQDSLS
EQELLDLAIGLLVAGYESTTTQIADFVYLLMTRPELRRQLLDRPELIPSAVEELTRWVPLGVGTAAPRYAVEDVTLRGVT
IRAGEPVLASTGAANRDQAQFPDADRIDVDRTPNQHLGFGHGVHHCLGAPLARVELQVALEVLLQRLPGIRLGIPETQLR
WSEGMLLRGPLELPVVW
;
_entity_poly.pdbx_strand_id   A,B,C
#
loop_
_chem_comp.id
_chem_comp.type
_chem_comp.name
_chem_comp.formula
BEN non-polymer BENZAMIDINE 'C7 H8 N2'
GOL non-polymer GLYCEROL 'C3 H8 O3'
HEM non-polymer 'PROTOPORPHYRIN IX CONTAINING FE' 'C34 H32 Fe N4 O4'
MIV non-polymer 'MYCINAMICIN IV' 'C37 H61 N O11'
#
# COMPACT_ATOMS: atom_id res chain seq x y z
N GLU A 25 16.88 22.42 -5.80
CA GLU A 25 16.45 23.59 -4.95
C GLU A 25 15.03 23.42 -4.32
N PRO A 26 14.01 23.07 -5.12
CA PRO A 26 12.83 22.52 -4.44
C PRO A 26 13.19 21.09 -3.95
N ARG A 27 12.61 20.65 -2.83
CA ARG A 27 12.94 19.29 -2.37
C ARG A 27 11.99 18.27 -2.94
N ALA A 28 12.48 17.07 -3.24
CA ALA A 28 11.59 15.98 -3.68
C ALA A 28 10.59 15.69 -2.59
N TYR A 29 9.35 15.49 -2.99
CA TYR A 29 8.27 15.41 -2.01
C TYR A 29 7.41 14.30 -2.59
N PRO A 30 6.72 13.50 -1.74
CA PRO A 30 6.50 13.59 -0.29
C PRO A 30 7.76 13.33 0.53
N PHE A 31 7.74 13.70 1.81
CA PHE A 31 8.86 13.39 2.72
C PHE A 31 8.50 12.12 3.49
N ASN A 32 7.22 11.94 3.82
CA ASN A 32 6.80 10.73 4.60
C ASN A 32 7.15 9.41 3.93
N ASP A 33 7.70 8.46 4.73
CA ASP A 33 7.86 7.09 4.27
C ASP A 33 6.50 6.43 4.43
N VAL A 34 5.99 5.78 3.38
CA VAL A 34 4.65 5.13 3.47
C VAL A 34 4.62 3.84 4.30
N HIS A 35 5.81 3.30 4.58
CA HIS A 35 5.93 2.02 5.31
C HIS A 35 5.89 2.24 6.81
N GLY A 36 4.87 2.94 7.30
CA GLY A 36 4.82 3.32 8.71
C GLY A 36 3.99 4.61 8.87
N LEU A 37 3.81 5.06 10.11
CA LEU A 37 3.11 6.33 10.38
C LEU A 37 4.06 7.40 10.87
N THR A 38 5.36 7.16 10.74
CA THR A 38 6.31 8.13 11.26
C THR A 38 6.18 9.48 10.51
N LEU A 39 6.15 10.61 11.23
CA LEU A 39 6.24 11.92 10.65
C LEU A 39 7.67 12.23 10.18
N ALA A 40 7.86 12.49 8.87
CA ALA A 40 9.21 12.74 8.33
C ALA A 40 9.85 13.81 9.16
N GLY A 41 11.11 13.62 9.57
CA GLY A 41 11.90 14.65 10.27
C GLY A 41 12.08 15.96 9.52
N ARG A 42 12.07 15.88 8.19
CA ARG A 42 12.10 17.07 7.35
C ARG A 42 11.04 18.12 7.72
N TYR A 43 9.86 17.68 8.09
CA TYR A 43 8.80 18.66 8.48
C TYR A 43 9.20 19.58 9.62
N GLY A 44 9.66 18.98 10.70
CA GLY A 44 10.18 19.78 11.82
C GLY A 44 11.32 20.73 11.52
N GLU A 45 12.27 20.28 10.70
CA GLU A 45 13.31 21.12 10.23
C GLU A 45 12.75 22.33 9.49
N LEU A 46 11.86 22.10 8.54
CA LEU A 46 11.24 23.23 7.75
C LEU A 46 10.37 24.16 8.60
N GLN A 47 9.58 23.60 9.54
CA GLN A 47 8.85 24.42 10.50
C GLN A 47 9.75 25.38 11.19
N GLU A 48 10.99 24.93 11.42
CA GLU A 48 11.96 25.82 12.04
C GLU A 48 12.73 26.74 11.05
N THR A 49 13.24 26.25 9.95
CA THR A 49 14.18 27.09 9.18
C THR A 49 13.53 27.69 7.93
N GLU A 50 12.49 27.04 7.41
CA GLU A 50 11.93 27.39 6.07
C GLU A 50 10.45 26.97 6.04
N PRO A 51 9.62 27.71 6.82
CA PRO A 51 8.22 27.29 6.99
C PRO A 51 7.35 27.37 5.71
N VAL A 52 7.80 28.14 4.72
CA VAL A 52 7.14 28.14 3.39
C VAL A 52 8.21 27.81 2.40
N SER A 53 8.17 26.61 1.80
CA SER A 53 9.32 26.16 1.00
C SER A 53 8.82 25.58 -0.32
N ARG A 54 9.74 25.18 -1.21
CA ARG A 54 9.39 24.67 -2.54
C ARG A 54 9.57 23.18 -2.56
N VAL A 55 8.66 22.50 -3.20
CA VAL A 55 8.71 21.09 -3.33
C VAL A 55 8.42 20.67 -4.77
N ARG A 56 8.98 19.52 -5.14
CA ARG A 56 8.77 18.86 -6.40
C ARG A 56 8.11 17.51 -6.13
N PRO A 57 6.82 17.40 -6.49
CA PRO A 57 6.09 16.14 -6.34
C PRO A 57 6.40 15.16 -7.46
N PRO A 58 6.03 13.88 -7.29
CA PRO A 58 6.28 12.90 -8.33
C PRO A 58 5.49 13.25 -9.58
N TYR A 59 4.29 13.81 -9.45
CA TYR A 59 3.50 14.20 -10.64
C TYR A 59 2.94 15.60 -10.40
N GLY A 60 2.80 16.37 -11.48
CA GLY A 60 2.15 17.66 -11.38
C GLY A 60 3.20 18.69 -11.15
N GLU A 61 2.74 19.94 -10.97
CA GLU A 61 3.67 21.08 -10.79
C GLU A 61 4.45 21.15 -9.45
N GLU A 62 5.61 21.82 -9.48
CA GLU A 62 6.25 22.27 -8.26
C GLU A 62 5.31 23.18 -7.51
N ALA A 63 5.42 23.19 -6.19
CA ALA A 63 4.45 23.91 -5.38
C ALA A 63 5.13 24.43 -4.13
N TRP A 64 4.44 25.32 -3.44
CA TRP A 64 4.90 25.75 -2.12
C TRP A 64 4.41 24.74 -1.11
N LEU A 65 5.17 24.57 -0.03
CA LEU A 65 4.76 23.67 1.05
C LEU A 65 4.75 24.53 2.33
N VAL A 66 3.61 24.49 3.02
CA VAL A 66 3.41 25.22 4.25
C VAL A 66 3.21 24.21 5.38
N THR A 67 3.95 24.43 6.48
CA THR A 67 4.12 23.37 7.49
C THR A 67 3.77 23.81 8.93
N ARG A 68 3.82 25.11 9.24
CA ARG A 68 3.42 25.58 10.60
C ARG A 68 1.93 25.59 10.79
N TYR A 69 1.49 25.24 12.02
CA TYR A 69 0.07 25.20 12.34
C TYR A 69 -0.58 26.52 12.01
N GLU A 70 0.05 27.64 12.33
CA GLU A 70 -0.65 28.89 12.17
C GLU A 70 -0.82 29.20 10.63
N ASP A 71 0.17 28.82 9.86
CA ASP A 71 0.19 29.11 8.42
C ASP A 71 -0.72 28.15 7.65
N VAL A 72 -0.71 26.87 8.03
CA VAL A 72 -1.57 25.89 7.43
C VAL A 72 -3.03 26.30 7.70
N ARG A 73 -3.33 26.66 8.95
CA ARG A 73 -4.70 27.13 9.26
C ARG A 73 -5.05 28.38 8.43
N ALA A 74 -4.14 29.37 8.40
CA ALA A 74 -4.31 30.56 7.60
C ALA A 74 -4.63 30.29 6.11
N VAL A 75 -3.85 29.44 5.45
CA VAL A 75 -4.11 29.02 4.07
C VAL A 75 -5.48 28.37 3.83
N LEU A 76 -5.85 27.41 4.68
CA LEU A 76 -7.14 26.73 4.50
C LEU A 76 -8.32 27.64 4.81
N GLY A 77 -8.06 28.73 5.52
CA GLY A 77 -9.13 29.62 5.94
C GLY A 77 -9.16 30.94 5.18
N ASP A 78 -8.29 31.16 4.20
CA ASP A 78 -8.18 32.48 3.64
C ASP A 78 -8.95 32.52 2.29
N GLY A 79 -9.79 33.54 2.08
CA GLY A 79 -10.52 33.67 0.80
C GLY A 79 -9.63 33.76 -0.47
N ARG A 80 -8.36 34.14 -0.31
CA ARG A 80 -7.47 34.25 -1.46
C ARG A 80 -6.90 32.90 -1.93
N PHE A 81 -7.26 31.80 -1.26
CA PHE A 81 -6.76 30.49 -1.61
C PHE A 81 -7.92 29.60 -2.00
N VAL A 82 -7.98 29.28 -3.29
CA VAL A 82 -9.12 28.60 -3.87
C VAL A 82 -8.83 27.22 -4.41
N ARG A 83 -9.88 26.44 -4.65
CA ARG A 83 -9.79 25.07 -5.18
C ARG A 83 -10.22 24.92 -6.65
N GLY A 84 -11.01 25.86 -7.19
CA GLY A 84 -11.55 25.77 -8.60
C GLY A 84 -10.50 25.49 -9.66
N PRO A 85 -9.28 26.10 -9.57
CA PRO A 85 -8.27 25.83 -10.60
C PRO A 85 -7.89 24.39 -10.63
N SER A 86 -8.21 23.64 -9.57
CA SER A 86 -7.85 22.24 -9.58
C SER A 86 -8.32 21.60 -10.91
N MET A 87 -9.47 22.07 -11.40
CA MET A 87 -10.14 21.39 -12.53
C MET A 87 -9.36 21.64 -13.83
N THR A 88 -8.49 22.66 -13.89
CA THR A 88 -7.79 23.02 -15.13
C THR A 88 -6.26 23.17 -14.93
N ARG A 89 -5.77 22.48 -13.88
CA ARG A 89 -4.37 22.55 -13.51
C ARG A 89 -3.77 21.16 -13.25
N ASP A 90 -2.45 21.06 -13.41
CA ASP A 90 -1.79 19.78 -13.27
C ASP A 90 -1.36 19.71 -11.81
N GLU A 91 -2.21 19.06 -11.00
CA GLU A 91 -2.05 19.24 -9.52
C GLU A 91 -0.86 18.48 -8.99
N PRO A 92 -0.10 19.10 -8.12
CA PRO A 92 0.97 18.38 -7.39
C PRO A 92 0.34 17.14 -6.74
N ARG A 93 0.93 15.96 -6.91
CA ARG A 93 0.25 14.73 -6.47
C ARG A 93 1.21 13.53 -6.46
N THR A 94 0.77 12.36 -5.95
CA THR A 94 1.64 11.18 -5.86
C THR A 94 1.34 10.07 -6.88
N ARG A 95 0.19 10.17 -7.57
CA ARG A 95 -0.20 9.12 -8.53
C ARG A 95 -0.38 9.69 -9.95
N PRO A 96 -0.19 8.88 -11.00
CA PRO A 96 -0.31 9.52 -12.34
C PRO A 96 -1.73 10.02 -12.68
N GLU A 97 -2.76 9.29 -12.30
CA GLU A 97 -4.13 9.71 -12.66
C GLU A 97 -4.60 10.84 -11.74
N MET A 98 -5.53 11.68 -12.21
CA MET A 98 -6.03 12.75 -11.35
C MET A 98 -7.52 12.46 -10.99
N VAL A 99 -7.82 12.51 -9.70
CA VAL A 99 -9.21 12.35 -9.26
C VAL A 99 -9.79 13.74 -9.01
N LYS A 100 -10.72 14.18 -9.86
CA LYS A 100 -11.12 15.58 -9.81
C LYS A 100 -12.58 15.72 -9.47
N GLY A 101 -13.00 16.95 -9.17
CA GLY A 101 -14.43 17.20 -9.01
C GLY A 101 -14.86 17.03 -7.54
N GLY A 102 -16.18 17.01 -7.37
CA GLY A 102 -16.80 16.91 -6.02
C GLY A 102 -16.73 18.24 -5.28
N LEU A 103 -17.28 18.27 -4.08
CA LEU A 103 -17.35 19.54 -3.33
C LEU A 103 -15.97 20.15 -3.14
N LEU A 104 -14.95 19.28 -3.00
CA LEU A 104 -13.62 19.77 -2.65
C LEU A 104 -12.96 20.51 -3.85
N SER A 105 -13.57 20.41 -5.05
CA SER A 105 -13.02 21.14 -6.19
C SER A 105 -13.70 22.48 -6.35
N MET A 106 -14.65 22.83 -5.48
CA MET A 106 -15.50 24.04 -5.69
C MET A 106 -15.18 25.21 -4.80
N ASP A 107 -15.55 26.40 -5.25
CA ASP A 107 -15.30 27.59 -4.46
C ASP A 107 -16.65 28.28 -4.21
N PRO A 108 -16.77 29.04 -3.12
CA PRO A 108 -18.00 29.91 -2.95
C PRO A 108 -18.12 30.77 -4.22
N PRO A 109 -19.36 31.12 -4.65
CA PRO A 109 -20.58 30.77 -3.93
C PRO A 109 -21.13 29.42 -4.28
N GLU A 110 -20.65 28.79 -5.36
CA GLU A 110 -21.26 27.50 -5.81
C GLU A 110 -21.08 26.43 -4.74
N HIS A 111 -19.88 26.43 -4.16
CA HIS A 111 -19.59 25.50 -3.05
C HIS A 111 -20.51 25.79 -1.87
N SER A 112 -20.68 27.07 -1.58
CA SER A 112 -21.51 27.48 -0.42
C SER A 112 -22.93 26.95 -0.53
N ARG A 113 -23.52 27.11 -1.70
CA ARG A 113 -24.87 26.66 -1.92
C ARG A 113 -25.04 25.14 -1.67
N LEU A 114 -24.16 24.33 -2.28
CA LEU A 114 -24.27 22.90 -2.14
C LEU A 114 -24.03 22.47 -0.73
N ARG A 115 -23.08 23.09 -0.06
CA ARG A 115 -22.77 22.75 1.30
C ARG A 115 -23.93 23.05 2.29
N ARG A 116 -24.60 24.19 2.08
CA ARG A 116 -25.75 24.57 2.92
C ARG A 116 -26.85 23.55 2.78
N LEU A 117 -27.09 23.04 1.57
CA LEU A 117 -28.15 22.01 1.39
C LEU A 117 -27.79 20.68 2.07
N VAL A 118 -26.51 20.25 1.90
CA VAL A 118 -26.08 18.99 2.45
C VAL A 118 -26.14 18.96 3.96
N VAL A 119 -25.58 19.96 4.62
CA VAL A 119 -25.56 20.04 6.08
C VAL A 119 -26.93 20.26 6.67
N LYS A 120 -27.84 20.84 5.92
CA LYS A 120 -29.18 20.97 6.42
C LYS A 120 -29.78 19.55 6.66
N ALA A 121 -29.43 18.59 5.78
CA ALA A 121 -29.81 17.16 5.93
C ALA A 121 -28.83 16.35 6.80
N PHE A 122 -27.53 16.54 6.62
CA PHE A 122 -26.53 15.71 7.27
C PHE A 122 -26.11 16.42 8.58
N THR A 123 -26.99 16.36 9.59
CA THR A 123 -26.84 17.09 10.83
C THR A 123 -25.95 16.33 11.80
N ALA A 124 -25.40 17.01 12.83
CA ALA A 124 -24.67 16.29 13.90
C ALA A 124 -25.59 15.36 14.67
N ARG A 125 -26.86 15.74 14.74
CA ARG A 125 -27.86 14.90 15.36
C ARG A 125 -28.06 13.60 14.55
N ARG A 126 -28.12 13.71 13.22
CA ARG A 126 -28.20 12.53 12.37
C ARG A 126 -26.96 11.65 12.64
N ALA A 127 -25.79 12.28 12.62
CA ALA A 127 -24.57 11.51 12.86
C ALA A 127 -24.66 10.74 14.15
N GLU A 128 -25.05 11.42 15.24
CA GLU A 128 -25.11 10.76 16.56
C GLU A 128 -26.19 9.62 16.55
N SER A 129 -27.28 9.85 15.85
CA SER A 129 -28.36 8.84 15.82
C SER A 129 -27.89 7.49 15.29
N LEU A 130 -26.69 7.48 14.66
CA LEU A 130 -26.17 6.31 13.97
C LEU A 130 -25.26 5.53 14.89
N ARG A 131 -24.93 6.08 16.07
CA ARG A 131 -24.03 5.36 16.99
C ARG A 131 -24.52 3.93 17.32
N PRO A 132 -25.84 3.74 17.65
CA PRO A 132 -26.32 2.37 17.96
C PRO A 132 -26.19 1.36 16.79
N ARG A 133 -26.50 1.78 15.55
CA ARG A 133 -26.30 0.94 14.36
C ARG A 133 -24.82 0.70 14.06
N ALA A 134 -23.99 1.74 14.19
CA ALA A 134 -22.55 1.57 14.11
C ALA A 134 -22.07 0.52 15.11
N ARG A 135 -22.50 0.61 16.38
CA ARG A 135 -22.08 -0.45 17.33
C ARG A 135 -22.57 -1.83 16.94
N GLU A 136 -23.81 -1.94 16.46
CA GLU A 136 -24.35 -3.25 16.09
C GLU A 136 -23.51 -3.86 14.96
N ILE A 137 -23.21 -3.04 13.95
CA ILE A 137 -22.35 -3.50 12.85
C ILE A 137 -20.99 -3.93 13.36
N ALA A 138 -20.39 -3.11 14.22
CA ALA A 138 -19.09 -3.46 14.78
C ALA A 138 -19.15 -4.82 15.50
N HIS A 139 -20.17 -5.05 16.34
CA HIS A 139 -20.34 -6.39 16.96
C HIS A 139 -20.44 -7.54 15.94
N GLU A 140 -21.27 -7.38 14.90
CA GLU A 140 -21.35 -8.36 13.81
C GLU A 140 -19.96 -8.65 13.24
N LEU A 141 -19.24 -7.60 12.82
CA LEU A 141 -17.93 -7.80 12.23
C LEU A 141 -17.02 -8.56 13.18
N VAL A 142 -17.07 -8.25 14.48
CA VAL A 142 -16.22 -8.97 15.42
C VAL A 142 -16.67 -10.45 15.54
N ASP A 143 -17.98 -10.71 15.41
CA ASP A 143 -18.51 -12.10 15.46
C ASP A 143 -17.86 -12.85 14.29
N GLN A 144 -17.99 -12.30 13.08
CA GLN A 144 -17.43 -12.87 11.86
C GLN A 144 -15.94 -13.23 11.96
N MET A 145 -15.11 -12.33 12.52
CA MET A 145 -13.74 -12.63 12.90
C MET A 145 -13.54 -13.78 13.95
N ALA A 146 -14.30 -13.74 15.05
CA ALA A 146 -14.20 -14.81 16.06
C ALA A 146 -14.52 -16.20 15.42
N ALA A 147 -15.57 -16.22 14.57
CA ALA A 147 -16.03 -17.37 13.76
C ALA A 147 -14.95 -18.08 12.95
N THR A 148 -13.95 -17.34 12.43
CA THR A 148 -12.90 -17.94 11.62
C THR A 148 -11.59 -18.17 12.39
N GLY A 149 -11.51 -17.65 13.60
CA GLY A 149 -10.45 -18.00 14.50
C GLY A 149 -9.20 -17.21 14.23
N GLN A 150 -8.40 -17.03 15.28
CA GLN A 150 -7.15 -16.32 15.22
C GLN A 150 -6.13 -17.05 14.31
N PRO A 151 -5.21 -16.31 13.64
CA PRO A 151 -5.26 -14.84 13.41
C PRO A 151 -6.31 -14.45 12.39
N ALA A 152 -7.01 -13.33 12.65
CA ALA A 152 -7.92 -12.74 11.69
C ALA A 152 -7.26 -11.44 11.15
N ASP A 153 -7.62 -11.07 9.94
CA ASP A 153 -7.11 -9.85 9.37
C ASP A 153 -8.05 -8.69 9.76
N LEU A 154 -7.64 -7.87 10.73
CA LEU A 154 -8.49 -6.75 11.17
C LEU A 154 -8.84 -5.79 10.00
N VAL A 155 -7.92 -5.65 9.04
CA VAL A 155 -8.14 -4.76 7.91
C VAL A 155 -9.28 -5.24 7.03
N ALA A 156 -9.15 -6.45 6.49
CA ALA A 156 -10.20 -7.01 5.59
C ALA A 156 -11.56 -7.24 6.28
N MET A 157 -11.51 -7.71 7.51
CA MET A 157 -12.72 -8.19 8.19
C MET A 157 -13.46 -7.07 8.97
N PHE A 158 -12.76 -6.00 9.30
CA PHE A 158 -13.32 -4.96 10.16
C PHE A 158 -13.17 -3.56 9.54
N ALA A 159 -11.93 -3.08 9.33
CA ALA A 159 -11.67 -1.68 8.98
C ALA A 159 -12.21 -1.32 7.59
N ARG A 160 -12.19 -2.28 6.68
CA ARG A 160 -12.73 -2.08 5.34
C ARG A 160 -14.22 -2.34 5.29
N GLN A 161 -14.76 -2.80 6.40
CA GLN A 161 -16.17 -3.16 6.42
C GLN A 161 -17.00 -2.16 7.18
N LEU A 162 -16.54 -1.77 8.36
CA LEU A 162 -17.37 -0.87 9.18
C LEU A 162 -17.78 0.44 8.46
N PRO A 163 -16.84 1.19 7.84
CA PRO A 163 -17.29 2.52 7.33
C PRO A 163 -18.21 2.52 6.14
N VAL A 164 -18.10 1.51 5.28
CA VAL A 164 -19.00 1.50 4.09
C VAL A 164 -20.40 1.02 4.51
N ARG A 165 -20.46 0.05 5.43
CA ARG A 165 -21.72 -0.37 6.03
C ARG A 165 -22.43 0.77 6.81
N VAL A 166 -21.66 1.56 7.55
CA VAL A 166 -22.28 2.73 8.23
C VAL A 166 -22.78 3.75 7.20
N ILE A 167 -22.02 3.97 6.11
CA ILE A 167 -22.50 4.83 5.04
C ILE A 167 -23.79 4.27 4.39
N CYS A 168 -23.92 2.95 4.34
CA CYS A 168 -25.16 2.34 3.88
C CYS A 168 -26.34 2.75 4.79
N GLU A 169 -26.17 2.59 6.09
CA GLU A 169 -27.18 2.99 7.09
C GLU A 169 -27.57 4.45 6.94
N LEU A 170 -26.55 5.32 6.80
CA LEU A 170 -26.71 6.77 6.67
C LEU A 170 -27.56 7.15 5.47
N LEU A 171 -27.11 6.73 4.28
CA LEU A 171 -27.81 6.98 3.05
C LEU A 171 -29.21 6.36 3.01
N GLY A 172 -29.34 5.12 3.46
CA GLY A 172 -30.64 4.44 3.42
C GLY A 172 -30.67 3.27 2.49
N VAL A 173 -29.51 2.67 2.28
CA VAL A 173 -29.40 1.49 1.44
C VAL A 173 -30.01 0.33 2.26
N PRO A 174 -31.05 -0.37 1.69
CA PRO A 174 -31.73 -1.46 2.43
C PRO A 174 -30.74 -2.51 2.81
N SER A 175 -30.90 -3.07 3.99
CA SER A 175 -30.01 -4.07 4.54
C SER A 175 -29.65 -5.22 3.56
N ALA A 176 -30.62 -5.63 2.74
CA ALA A 176 -30.40 -6.70 1.75
C ALA A 176 -29.31 -6.27 0.74
N ASP A 177 -29.23 -4.97 0.48
CA ASP A 177 -28.30 -4.46 -0.52
C ASP A 177 -26.93 -4.07 0.02
N HIS A 178 -26.69 -4.26 1.31
CA HIS A 178 -25.44 -3.83 1.93
C HIS A 178 -24.24 -4.63 1.42
N ASP A 179 -24.44 -5.91 1.16
CA ASP A 179 -23.31 -6.72 0.64
C ASP A 179 -22.87 -6.30 -0.76
N ARG A 180 -23.79 -6.05 -1.69
CA ARG A 180 -23.39 -5.73 -3.05
C ARG A 180 -22.88 -4.30 -3.09
N PHE A 181 -23.54 -3.44 -2.32
CA PHE A 181 -23.02 -2.09 -2.19
C PHE A 181 -21.59 -2.05 -1.62
N THR A 182 -21.31 -2.85 -0.63
CA THR A 182 -19.96 -2.98 -0.12
C THR A 182 -18.97 -3.53 -1.16
N ARG A 183 -19.40 -4.52 -1.93
CA ARG A 183 -18.55 -5.11 -2.97
C ARG A 183 -18.16 -4.05 -4.05
N TRP A 184 -19.14 -3.32 -4.55
CA TRP A 184 -18.87 -2.27 -5.53
C TRP A 184 -17.94 -1.22 -4.94
N SER A 185 -18.13 -0.90 -3.64
CA SER A 185 -17.37 0.22 -3.04
C SER A 185 -15.90 -0.09 -2.83
N GLY A 186 -15.59 -1.36 -2.61
CA GLY A 186 -14.23 -1.75 -2.37
C GLY A 186 -13.38 -1.54 -3.62
N ALA A 187 -14.03 -1.39 -4.77
CA ALA A 187 -13.26 -1.18 -5.99
C ALA A 187 -12.78 0.28 -6.13
N PHE A 188 -13.27 1.18 -5.27
CA PHE A 188 -12.91 2.63 -5.29
C PHE A 188 -11.74 2.98 -4.37
N LEU A 189 -11.37 2.04 -3.52
CA LEU A 189 -10.27 2.17 -2.60
C LEU A 189 -8.96 2.25 -3.41
N SER A 190 -8.04 3.09 -2.95
CA SER A 190 -6.79 3.32 -3.66
C SER A 190 -5.88 2.05 -3.57
N THR A 191 -6.28 1.07 -2.75
CA THR A 191 -5.51 -0.15 -2.52
C THR A 191 -6.09 -1.30 -3.34
N ALA A 192 -7.16 -1.04 -4.08
CA ALA A 192 -7.78 -2.11 -4.82
C ALA A 192 -6.86 -2.53 -6.01
N GLU A 193 -6.74 -3.83 -6.25
CA GLU A 193 -5.97 -4.26 -7.42
C GLU A 193 -6.90 -4.89 -8.40
N VAL A 194 -7.64 -4.06 -9.07
CA VAL A 194 -8.57 -4.58 -10.00
C VAL A 194 -8.15 -3.84 -11.25
N THR A 195 -8.53 -4.37 -12.40
CA THR A 195 -8.32 -3.67 -13.65
C THR A 195 -9.20 -2.40 -13.72
N ALA A 196 -8.83 -1.47 -14.61
CA ALA A 196 -9.65 -0.31 -14.95
C ALA A 196 -11.14 -0.63 -15.24
N GLU A 197 -11.41 -1.68 -16.03
CA GLU A 197 -12.79 -1.97 -16.45
C GLU A 197 -13.61 -2.57 -15.30
N GLU A 198 -12.95 -3.36 -14.48
CA GLU A 198 -13.53 -3.93 -13.28
C GLU A 198 -13.99 -2.74 -12.37
N MET A 199 -13.09 -1.78 -12.13
N MET A 199 -13.11 -1.77 -12.11
CA MET A 199 -13.43 -0.62 -11.33
CA MET A 199 -13.51 -0.62 -11.30
C MET A 199 -14.55 0.20 -11.96
C MET A 199 -14.60 0.20 -11.96
N GLN A 200 -14.46 0.41 -13.27
CA GLN A 200 -15.49 1.05 -14.07
C GLN A 200 -16.87 0.39 -14.00
N GLU A 201 -16.90 -0.93 -14.11
CA GLU A 201 -18.15 -1.65 -13.92
C GLU A 201 -18.69 -1.44 -12.49
N ALA A 202 -17.83 -1.51 -11.48
CA ALA A 202 -18.31 -1.30 -10.09
C ALA A 202 -18.88 0.11 -9.91
N ALA A 203 -18.21 1.13 -10.45
CA ALA A 203 -18.74 2.50 -10.45
C ALA A 203 -20.06 2.69 -11.20
N GLU A 204 -20.23 2.07 -12.37
CA GLU A 204 -21.51 2.26 -13.05
C GLU A 204 -22.62 1.59 -12.22
N GLN A 205 -22.30 0.44 -11.58
CA GLN A 205 -23.31 -0.26 -10.73
C GLN A 205 -23.71 0.64 -9.54
N ALA A 206 -22.71 1.20 -8.85
CA ALA A 206 -22.90 2.16 -7.74
C ALA A 206 -23.70 3.41 -8.11
N TYR A 207 -23.34 4.06 -9.21
CA TYR A 207 -24.15 5.15 -9.76
C TYR A 207 -25.59 4.83 -10.09
N ALA A 208 -25.83 3.78 -10.88
CA ALA A 208 -27.20 3.38 -11.23
C ALA A 208 -28.00 3.07 -9.97
N TYR A 209 -27.45 2.25 -9.09
CA TYR A 209 -28.17 1.95 -7.87
C TYR A 209 -28.55 3.22 -7.06
N MET A 210 -27.61 4.15 -6.95
CA MET A 210 -27.82 5.33 -6.12
C MET A 210 -28.89 6.23 -6.71
N GLY A 211 -28.89 6.33 -8.04
CA GLY A 211 -29.85 7.15 -8.78
C GLY A 211 -31.28 6.65 -8.63
N ASP A 212 -31.42 5.33 -8.63
CA ASP A 212 -32.66 4.59 -8.41
C ASP A 212 -33.16 4.77 -6.97
N LEU A 213 -32.28 4.53 -5.98
CA LEU A 213 -32.57 4.81 -4.55
C LEU A 213 -33.08 6.24 -4.29
N ILE A 214 -32.36 7.23 -4.83
CA ILE A 214 -32.82 8.62 -4.84
C ILE A 214 -34.23 8.79 -5.44
N ASP A 215 -34.51 8.08 -6.54
CA ASP A 215 -35.82 8.22 -7.20
C ASP A 215 -36.95 7.62 -6.36
N ARG A 216 -36.73 6.44 -5.79
CA ARG A 216 -37.64 5.87 -4.80
C ARG A 216 -37.94 6.91 -3.73
N ARG A 217 -36.89 7.20 -2.95
CA ARG A 217 -37.00 8.13 -1.82
C ARG A 217 -37.71 9.41 -2.16
N ARG A 218 -37.56 9.91 -3.39
CA ARG A 218 -38.26 11.16 -3.75
C ARG A 218 -39.81 11.05 -3.71
N LYS A 219 -40.29 9.90 -4.13
CA LYS A 219 -41.71 9.70 -4.38
C LYS A 219 -42.25 8.93 -3.13
N GLU A 220 -41.34 8.33 -2.35
CA GLU A 220 -41.71 7.71 -1.07
C GLU A 220 -40.63 7.88 0.07
N PRO A 221 -40.57 9.06 0.67
CA PRO A 221 -39.50 9.40 1.62
C PRO A 221 -39.52 8.61 2.92
N THR A 222 -38.34 8.28 3.45
CA THR A 222 -38.20 7.67 4.78
C THR A 222 -37.37 8.64 5.67
N ASP A 223 -36.66 8.10 6.66
N ASP A 223 -36.68 8.08 6.67
CA ASP A 223 -35.93 8.95 7.61
CA ASP A 223 -35.94 8.89 7.64
C ASP A 223 -34.46 9.15 7.25
C ASP A 223 -34.43 8.92 7.38
N ASP A 224 -33.99 8.44 6.21
CA ASP A 224 -32.57 8.37 5.86
C ASP A 224 -32.05 9.66 5.20
N LEU A 225 -30.72 9.75 5.07
CA LEU A 225 -30.14 10.96 4.47
C LEU A 225 -30.58 11.22 3.02
N VAL A 226 -30.71 10.15 2.22
CA VAL A 226 -31.12 10.40 0.84
C VAL A 226 -32.46 11.11 0.82
N SER A 227 -33.40 10.67 1.66
CA SER A 227 -34.74 11.35 1.72
C SER A 227 -34.62 12.80 2.13
N ALA A 228 -33.87 13.07 3.20
CA ALA A 228 -33.66 14.44 3.69
C ALA A 228 -32.91 15.31 2.67
N LEU A 229 -31.99 14.72 1.91
CA LEU A 229 -31.31 15.51 0.89
C LEU A 229 -32.29 15.90 -0.23
N VAL A 230 -33.14 14.96 -0.63
CA VAL A 230 -34.17 15.23 -1.63
C VAL A 230 -35.07 16.38 -1.14
N GLN A 231 -35.47 16.35 0.12
CA GLN A 231 -36.39 17.40 0.53
C GLN A 231 -35.79 18.69 1.04
N ALA A 232 -34.46 18.70 1.28
CA ALA A 232 -33.69 19.91 1.67
C ALA A 232 -34.02 21.11 0.78
N ARG A 233 -34.35 22.24 1.42
CA ARG A 233 -34.59 23.50 0.70
C ARG A 233 -33.77 24.61 1.34
N ASP A 234 -33.38 25.60 0.56
CA ASP A 234 -32.67 26.74 1.11
C ASP A 234 -33.09 27.99 0.35
N GLN A 235 -33.93 28.79 1.00
CA GLN A 235 -34.59 29.94 0.38
C GLN A 235 -35.01 29.57 -1.03
N GLN A 236 -35.84 28.51 -1.10
CA GLN A 236 -36.47 28.01 -2.34
C GLN A 236 -35.56 27.22 -3.32
N ASP A 237 -34.24 27.27 -3.11
CA ASP A 237 -33.30 26.32 -3.74
C ASP A 237 -33.45 24.87 -3.28
N SER A 238 -33.15 23.94 -4.18
CA SER A 238 -33.15 22.50 -3.91
C SER A 238 -32.00 21.89 -4.66
N LEU A 239 -31.61 20.67 -4.28
CA LEU A 239 -30.60 19.94 -5.05
C LEU A 239 -31.23 19.30 -6.27
N SER A 240 -30.61 19.52 -7.43
CA SER A 240 -31.01 18.89 -8.67
C SER A 240 -30.76 17.38 -8.66
N GLU A 241 -31.29 16.71 -9.68
CA GLU A 241 -31.22 15.25 -9.75
C GLU A 241 -29.76 14.76 -9.77
N GLN A 242 -28.96 15.41 -10.63
CA GLN A 242 -27.58 15.11 -10.81
C GLN A 242 -26.79 15.45 -9.49
N GLU A 243 -27.10 16.60 -8.91
CA GLU A 243 -26.46 17.05 -7.65
C GLU A 243 -26.63 16.02 -6.57
N LEU A 244 -27.86 15.59 -6.35
CA LEU A 244 -28.14 14.52 -5.40
C LEU A 244 -27.30 13.33 -5.64
N LEU A 245 -27.15 12.95 -6.90
CA LEU A 245 -26.41 11.74 -7.15
C LEU A 245 -24.90 11.91 -6.91
N ASP A 246 -24.36 13.02 -7.40
CA ASP A 246 -22.94 13.29 -7.26
C ASP A 246 -22.59 13.48 -5.78
N LEU A 247 -23.46 14.13 -5.03
CA LEU A 247 -23.24 14.33 -3.58
C LEU A 247 -23.33 13.03 -2.83
N ALA A 248 -24.27 12.16 -3.14
CA ALA A 248 -24.34 10.87 -2.45
C ALA A 248 -23.11 10.01 -2.69
N ILE A 249 -22.69 9.89 -3.95
CA ILE A 249 -21.47 9.14 -4.22
C ILE A 249 -20.25 9.84 -3.62
N GLY A 250 -20.22 11.18 -3.68
CA GLY A 250 -19.11 11.95 -3.06
C GLY A 250 -18.99 11.63 -1.56
N LEU A 251 -20.13 11.56 -0.84
CA LEU A 251 -20.08 11.18 0.60
C LEU A 251 -19.48 9.82 0.82
N LEU A 252 -19.84 8.87 -0.03
CA LEU A 252 -19.30 7.52 0.03
C LEU A 252 -17.81 7.54 -0.11
N VAL A 253 -17.30 8.21 -1.15
CA VAL A 253 -15.84 8.07 -1.40
C VAL A 253 -15.04 8.90 -0.38
N ALA A 254 -15.59 10.03 0.06
CA ALA A 254 -14.92 10.89 1.05
C ALA A 254 -14.93 10.19 2.43
N GLY A 255 -15.94 9.36 2.65
CA GLY A 255 -16.19 8.78 3.93
C GLY A 255 -15.78 7.37 4.13
N TYR A 256 -15.32 6.69 3.07
CA TYR A 256 -15.00 5.26 3.19
C TYR A 256 -13.51 5.05 3.50
N GLU A 257 -12.63 5.33 2.51
CA GLU A 257 -11.24 4.98 2.66
C GLU A 257 -10.59 5.72 3.85
N SER A 258 -10.95 7.00 4.05
N SER A 258 -10.93 6.99 4.08
CA SER A 258 -10.43 7.80 5.17
CA SER A 258 -10.32 7.73 5.20
C SER A 258 -10.64 7.05 6.48
C SER A 258 -10.62 7.00 6.50
N THR A 259 -11.90 6.72 6.74
CA THR A 259 -12.33 6.17 8.04
C THR A 259 -11.70 4.77 8.20
N THR A 260 -11.73 3.97 7.14
CA THR A 260 -11.15 2.62 7.10
C THR A 260 -9.71 2.65 7.48
N THR A 261 -8.98 3.63 6.94
CA THR A 261 -7.54 3.67 7.14
C THR A 261 -7.21 4.14 8.55
N GLN A 262 -8.02 5.11 9.05
CA GLN A 262 -7.79 5.66 10.35
C GLN A 262 -8.16 4.60 11.40
N ILE A 263 -9.17 3.79 11.14
CA ILE A 263 -9.48 2.71 12.12
C ILE A 263 -8.24 1.78 12.24
N ALA A 264 -7.65 1.44 11.09
CA ALA A 264 -6.55 0.52 11.02
C ALA A 264 -5.36 1.08 11.78
N ASP A 265 -5.09 2.37 11.55
CA ASP A 265 -3.98 3.02 12.13
C ASP A 265 -4.14 3.17 13.68
N PHE A 266 -5.35 3.50 14.12
CA PHE A 266 -5.60 3.68 15.56
C PHE A 266 -5.40 2.32 16.27
N VAL A 267 -5.91 1.23 15.71
CA VAL A 267 -5.82 -0.10 16.36
C VAL A 267 -4.41 -0.61 16.30
N TYR A 268 -3.72 -0.36 15.17
CA TYR A 268 -2.28 -0.60 15.10
C TYR A 268 -1.54 0.11 16.23
N LEU A 269 -1.88 1.38 16.49
CA LEU A 269 -1.24 2.09 17.56
C LEU A 269 -1.65 1.50 18.95
N LEU A 270 -2.92 1.14 19.12
CA LEU A 270 -3.36 0.57 20.40
C LEU A 270 -2.61 -0.74 20.68
N MET A 271 -2.44 -1.55 19.63
CA MET A 271 -1.80 -2.86 19.73
C MET A 271 -0.29 -2.78 19.92
N THR A 272 0.33 -1.64 19.59
CA THR A 272 1.77 -1.54 19.69
C THR A 272 2.24 -0.60 20.77
N ARG A 273 1.30 0.07 21.44
CA ARG A 273 1.59 0.98 22.54
C ARG A 273 0.72 0.58 23.71
N PRO A 274 1.26 -0.32 24.55
CA PRO A 274 0.59 -0.89 25.73
C PRO A 274 -0.06 0.17 26.61
N GLU A 275 0.62 1.28 26.90
CA GLU A 275 0.04 2.34 27.74
C GLU A 275 -1.18 3.01 27.15
N LEU A 276 -1.32 2.98 25.84
CA LEU A 276 -2.50 3.55 25.24
C LEU A 276 -3.62 2.57 25.43
N ARG A 277 -3.35 1.29 25.19
CA ARG A 277 -4.40 0.30 25.33
C ARG A 277 -4.92 0.28 26.80
N ARG A 278 -3.98 0.25 27.73
CA ARG A 278 -4.27 0.16 29.13
C ARG A 278 -5.11 1.35 29.59
N GLN A 279 -4.75 2.55 29.14
CA GLN A 279 -5.54 3.73 29.51
C GLN A 279 -6.99 3.62 29.04
N LEU A 280 -7.21 3.12 27.83
CA LEU A 280 -8.59 3.05 27.33
C LEU A 280 -9.41 1.88 27.92
N LEU A 281 -8.75 0.77 28.26
CA LEU A 281 -9.43 -0.35 28.94
C LEU A 281 -9.83 0.10 30.36
N ASP A 282 -8.94 0.80 31.06
CA ASP A 282 -9.26 1.18 32.42
C ASP A 282 -10.34 2.21 32.46
N ARG A 283 -10.36 3.08 31.44
CA ARG A 283 -11.28 4.19 31.40
C ARG A 283 -11.83 4.42 30.00
N PRO A 284 -12.80 3.60 29.54
CA PRO A 284 -13.38 3.78 28.21
C PRO A 284 -14.04 5.16 27.97
N GLU A 285 -14.30 5.94 29.03
CA GLU A 285 -14.92 7.23 28.85
C GLU A 285 -13.91 8.18 28.15
N LEU A 286 -12.62 7.81 28.15
CA LEU A 286 -11.54 8.62 27.49
C LEU A 286 -11.48 8.40 25.98
N ILE A 287 -12.23 7.43 25.47
CA ILE A 287 -12.20 7.11 24.01
C ILE A 287 -12.47 8.34 23.09
N PRO A 288 -13.52 9.13 23.37
CA PRO A 288 -13.69 10.31 22.52
C PRO A 288 -12.47 11.25 22.53
N SER A 289 -11.86 11.46 23.69
CA SER A 289 -10.67 12.36 23.73
C SER A 289 -9.44 11.71 23.01
N ALA A 290 -9.36 10.39 23.07
CA ALA A 290 -8.21 9.64 22.53
C ALA A 290 -8.36 9.67 20.99
N VAL A 291 -9.61 9.64 20.51
CA VAL A 291 -9.93 9.71 19.09
C VAL A 291 -9.47 11.08 18.55
N GLU A 292 -9.72 12.14 19.30
CA GLU A 292 -9.18 13.46 18.92
C GLU A 292 -7.65 13.52 18.94
N GLU A 293 -7.04 13.00 20.02
CA GLU A 293 -5.59 13.06 20.09
C GLU A 293 -4.92 12.23 18.96
N LEU A 294 -5.51 11.08 18.63
CA LEU A 294 -4.93 10.22 17.58
C LEU A 294 -5.18 10.81 16.19
N THR A 295 -6.28 11.55 16.05
CA THR A 295 -6.54 12.22 14.78
C THR A 295 -5.51 13.33 14.61
N ARG A 296 -5.17 14.02 15.69
CA ARG A 296 -4.08 15.00 15.67
C ARG A 296 -2.73 14.36 15.33
N TRP A 297 -2.43 13.27 16.02
CA TRP A 297 -1.05 12.77 15.99
C TRP A 297 -0.76 11.99 14.72
N VAL A 298 -1.66 11.15 14.25
CA VAL A 298 -1.43 10.34 13.04
C VAL A 298 -1.34 11.19 11.74
N PRO A 299 -0.14 11.25 11.12
CA PRO A 299 -0.05 11.97 9.83
C PRO A 299 -0.53 10.99 8.84
N LEU A 300 -1.86 10.95 8.70
CA LEU A 300 -2.59 9.97 7.92
C LEU A 300 -2.22 10.19 6.41
N GLY A 301 -2.09 11.44 5.94
CA GLY A 301 -1.83 11.65 4.51
C GLY A 301 -0.40 11.27 4.14
N VAL A 302 -0.17 10.68 2.95
CA VAL A 302 1.20 10.61 2.46
C VAL A 302 1.79 12.03 2.32
N GLY A 303 0.95 12.91 1.77
CA GLY A 303 1.33 14.32 1.50
C GLY A 303 0.41 15.27 2.25
N THR A 304 -0.16 16.24 1.52
CA THR A 304 -0.90 17.32 2.20
C THR A 304 -2.40 17.40 1.88
N ALA A 305 -3.09 18.42 2.40
CA ALA A 305 -4.44 18.81 1.94
C ALA A 305 -4.35 19.08 0.38
N ALA A 306 -5.44 18.80 -0.35
CA ALA A 306 -5.63 19.17 -1.79
C ALA A 306 -4.98 20.56 -2.04
N PRO A 307 -4.22 20.73 -3.15
CA PRO A 307 -3.50 22.00 -3.38
C PRO A 307 -4.49 23.21 -3.35
N ARG A 308 -4.08 24.40 -2.87
CA ARG A 308 -4.93 25.58 -2.93
C ARG A 308 -4.15 26.47 -3.89
N TYR A 309 -4.87 27.29 -4.62
CA TYR A 309 -4.21 28.14 -5.62
C TYR A 309 -4.36 29.56 -5.20
N ALA A 310 -3.28 30.32 -5.19
CA ALA A 310 -3.46 31.74 -4.83
C ALA A 310 -4.24 32.54 -5.92
N VAL A 311 -5.17 33.41 -5.51
CA VAL A 311 -5.96 34.12 -6.53
C VAL A 311 -5.23 35.45 -6.79
N GLU A 312 -4.41 35.87 -5.84
CA GLU A 312 -3.55 37.08 -6.00
C GLU A 312 -2.28 36.81 -5.20
N ASP A 313 -1.25 37.65 -5.34
CA ASP A 313 -0.02 37.50 -4.61
C ASP A 313 -0.38 37.61 -3.13
N VAL A 314 0.21 36.76 -2.32
CA VAL A 314 -0.03 36.71 -0.85
C VAL A 314 1.34 36.53 -0.22
N THR A 315 1.66 37.36 0.76
CA THR A 315 2.95 37.20 1.42
C THR A 315 2.76 36.45 2.71
N LEU A 316 3.57 35.41 2.89
CA LEU A 316 3.39 34.52 4.02
C LEU A 316 4.82 34.28 4.55
N ARG A 317 5.04 34.60 5.84
CA ARG A 317 6.40 34.43 6.40
C ARG A 317 7.39 35.17 5.58
N GLY A 318 6.96 36.36 5.17
CA GLY A 318 7.74 37.17 4.25
C GLY A 318 8.13 36.50 2.90
N VAL A 319 7.47 35.39 2.51
CA VAL A 319 7.68 34.89 1.11
C VAL A 319 6.45 35.22 0.28
N THR A 320 6.63 35.62 -0.97
CA THR A 320 5.45 36.01 -1.77
C THR A 320 5.05 34.84 -2.61
N ILE A 321 3.84 34.34 -2.35
CA ILE A 321 3.23 33.31 -3.18
C ILE A 321 2.54 34.16 -4.28
N ARG A 322 2.88 33.93 -5.55
CA ARG A 322 2.34 34.73 -6.66
C ARG A 322 0.99 34.23 -7.05
N ALA A 323 0.18 35.10 -7.63
CA ALA A 323 -1.08 34.64 -8.16
C ALA A 323 -0.94 33.48 -9.07
N GLY A 324 -1.84 32.49 -8.90
CA GLY A 324 -1.80 31.30 -9.72
C GLY A 324 -0.97 30.13 -9.14
N GLU A 325 -0.11 30.37 -8.14
CA GLU A 325 0.80 29.26 -7.73
C GLU A 325 0.05 28.32 -6.77
N PRO A 326 0.34 26.99 -6.85
CA PRO A 326 -0.24 26.04 -5.92
C PRO A 326 0.47 25.98 -4.56
N VAL A 327 -0.32 25.68 -3.53
CA VAL A 327 0.14 25.70 -2.14
C VAL A 327 -0.41 24.42 -1.49
N LEU A 328 0.51 23.61 -0.93
CA LEU A 328 0.24 22.36 -0.28
C LEU A 328 0.39 22.67 1.22
N ALA A 329 -0.74 22.55 1.92
CA ALA A 329 -0.81 22.91 3.35
C ALA A 329 -0.86 21.60 4.16
N SER A 330 0.25 21.25 4.84
CA SER A 330 0.32 19.95 5.49
C SER A 330 -0.42 19.98 6.83
N THR A 331 -1.58 19.34 6.89
CA THR A 331 -2.23 19.20 8.18
C THR A 331 -1.44 18.19 9.08
N GLY A 332 -0.78 17.22 8.45
CA GLY A 332 0.07 16.22 9.16
C GLY A 332 1.11 16.95 9.99
N ALA A 333 1.83 17.88 9.36
CA ALA A 333 2.90 18.60 10.01
C ALA A 333 2.34 19.63 10.97
N ALA A 334 1.27 20.32 10.53
CA ALA A 334 0.64 21.32 11.42
C ALA A 334 0.21 20.71 12.77
N ASN A 335 -0.39 19.54 12.73
CA ASN A 335 -0.85 18.86 13.92
C ASN A 335 0.29 18.42 14.86
N ARG A 336 1.51 18.47 14.36
CA ARG A 336 2.69 18.00 15.14
C ARG A 336 3.60 19.18 15.36
N ASP A 337 3.05 20.39 15.18
CA ASP A 337 3.88 21.65 15.34
C ASP A 337 4.07 21.90 16.86
N GLN A 338 5.34 21.92 17.32
CA GLN A 338 5.66 22.15 18.76
C GLN A 338 5.21 23.49 19.22
N ALA A 339 4.99 24.42 18.29
CA ALA A 339 4.57 25.78 18.69
C ALA A 339 3.12 25.84 19.07
N GLN A 340 2.32 24.90 18.58
CA GLN A 340 0.89 24.89 18.89
C GLN A 340 0.55 23.81 19.94
N PHE A 341 1.29 22.69 19.97
CA PHE A 341 0.94 21.55 20.79
C PHE A 341 2.17 21.19 21.69
N PRO A 342 2.06 21.45 23.00
CA PRO A 342 3.17 21.13 23.91
C PRO A 342 3.53 19.70 23.82
N ASP A 343 4.85 19.47 23.65
CA ASP A 343 5.41 18.13 23.44
C ASP A 343 4.61 17.42 22.34
N ALA A 344 4.67 17.98 21.13
CA ALA A 344 3.72 17.57 20.07
C ALA A 344 3.83 16.12 19.65
N ASP A 345 5.03 15.53 19.79
CA ASP A 345 5.24 14.12 19.41
C ASP A 345 4.69 13.06 20.39
N ARG A 346 4.27 13.48 21.55
CA ARG A 346 3.71 12.62 22.56
C ARG A 346 2.23 12.37 22.33
N ILE A 347 1.80 11.12 22.41
CA ILE A 347 0.35 10.86 22.32
C ILE A 347 -0.21 10.98 23.73
N ASP A 348 -1.02 12.00 23.99
CA ASP A 348 -1.58 12.16 25.35
C ASP A 348 -3.09 12.17 25.26
N VAL A 349 -3.75 11.11 25.75
CA VAL A 349 -5.17 10.93 25.47
C VAL A 349 -6.05 11.97 26.09
N ASP A 350 -5.51 12.72 27.04
N ASP A 350 -5.54 12.71 27.06
CA ASP A 350 -6.24 13.76 27.73
CA ASP A 350 -6.33 13.76 27.65
C ASP A 350 -5.93 15.17 27.26
C ASP A 350 -5.55 15.08 27.46
N ARG A 351 -5.08 15.26 26.21
CA ARG A 351 -4.54 16.51 25.78
C ARG A 351 -5.68 17.50 25.69
N THR A 352 -5.47 18.66 26.23
CA THR A 352 -6.41 19.74 26.09
C THR A 352 -5.61 21.03 26.28
N PRO A 353 -5.88 22.09 25.47
CA PRO A 353 -6.76 22.11 24.28
C PRO A 353 -6.18 21.20 23.13
N ASN A 354 -7.01 20.87 22.16
CA ASN A 354 -6.56 20.06 21.06
C ASN A 354 -7.28 20.54 19.79
N GLN A 355 -6.93 21.72 19.30
CA GLN A 355 -7.63 22.31 18.18
C GLN A 355 -6.93 21.86 16.89
N HIS A 356 -6.93 20.56 16.65
CA HIS A 356 -6.16 20.03 15.55
C HIS A 356 -6.88 20.27 14.21
N LEU A 357 -6.09 20.12 13.13
CA LEU A 357 -6.58 20.29 11.73
C LEU A 357 -6.78 18.96 11.00
N GLY A 358 -6.91 17.90 11.80
CA GLY A 358 -7.10 16.53 11.27
C GLY A 358 -8.34 16.31 10.45
N PHE A 359 -9.37 17.15 10.66
CA PHE A 359 -10.56 17.15 9.80
C PHE A 359 -10.57 18.43 8.96
N GLY A 360 -9.39 19.00 8.74
CA GLY A 360 -9.32 20.22 7.91
C GLY A 360 -9.76 21.49 8.63
N HIS A 361 -10.03 22.54 7.84
CA HIS A 361 -10.26 23.91 8.39
C HIS A 361 -10.83 24.80 7.25
N GLY A 362 -11.66 25.78 7.57
CA GLY A 362 -12.17 26.71 6.55
C GLY A 362 -13.41 26.11 5.92
N VAL A 363 -13.80 26.61 4.71
CA VAL A 363 -15.13 26.20 4.17
C VAL A 363 -15.21 24.75 3.77
N HIS A 364 -14.04 24.15 3.45
CA HIS A 364 -13.98 22.71 3.15
C HIS A 364 -13.76 21.78 4.34
N HIS A 365 -13.81 22.29 5.58
N HIS A 365 -13.84 22.29 5.57
CA HIS A 365 -13.74 21.43 6.79
CA HIS A 365 -13.74 21.43 6.76
C HIS A 365 -14.61 20.20 6.58
C HIS A 365 -14.64 20.20 6.61
N CYS A 366 -14.06 19.02 6.87
CA CYS A 366 -14.75 17.71 6.76
C CYS A 366 -16.22 17.78 7.15
N LEU A 367 -17.09 17.65 6.15
CA LEU A 367 -18.50 17.61 6.29
C LEU A 367 -18.96 16.36 7.07
N GLY A 368 -18.17 15.29 7.05
CA GLY A 368 -18.58 14.11 7.77
C GLY A 368 -17.96 13.90 9.16
N ALA A 369 -17.23 14.87 9.67
CA ALA A 369 -16.46 14.69 10.90
C ALA A 369 -17.30 14.17 12.12
N PRO A 370 -18.54 14.66 12.31
CA PRO A 370 -19.29 14.14 13.52
C PRO A 370 -19.53 12.65 13.37
N LEU A 371 -19.80 12.21 12.14
CA LEU A 371 -20.02 10.78 11.92
C LEU A 371 -18.69 9.99 11.93
N ALA A 372 -17.64 10.56 11.33
CA ALA A 372 -16.33 9.91 11.46
C ALA A 372 -16.01 9.72 12.96
N ARG A 373 -16.27 10.75 13.75
CA ARG A 373 -15.96 10.68 15.21
C ARG A 373 -16.74 9.54 15.87
N VAL A 374 -18.01 9.47 15.54
CA VAL A 374 -18.83 8.36 16.00
C VAL A 374 -18.21 7.02 15.65
N GLU A 375 -17.82 6.83 14.39
CA GLU A 375 -17.34 5.52 13.93
C GLU A 375 -16.07 5.15 14.58
N LEU A 376 -15.16 6.13 14.73
CA LEU A 376 -13.84 5.82 15.30
C LEU A 376 -13.97 5.49 16.79
N GLN A 377 -14.86 6.20 17.47
CA GLN A 377 -15.18 5.91 18.86
C GLN A 377 -15.74 4.51 19.06
N VAL A 378 -16.74 4.19 18.24
CA VAL A 378 -17.38 2.88 18.24
C VAL A 378 -16.40 1.73 17.92
N ALA A 379 -15.56 1.93 16.90
CA ALA A 379 -14.52 0.94 16.54
C ALA A 379 -13.66 0.62 17.73
N LEU A 380 -13.06 1.65 18.37
CA LEU A 380 -12.26 1.40 19.54
C LEU A 380 -13.06 0.81 20.74
N GLU A 381 -14.29 1.27 20.95
CA GLU A 381 -15.11 0.79 22.09
C GLU A 381 -15.43 -0.71 21.99
N VAL A 382 -15.98 -1.08 20.84
CA VAL A 382 -16.37 -2.45 20.60
C VAL A 382 -15.13 -3.39 20.58
N LEU A 383 -14.10 -3.01 19.81
CA LEU A 383 -12.90 -3.83 19.79
C LEU A 383 -12.34 -4.01 21.18
N LEU A 384 -12.31 -2.95 21.96
CA LEU A 384 -11.73 -3.05 23.28
C LEU A 384 -12.63 -3.84 24.27
N GLN A 385 -13.93 -3.77 24.07
CA GLN A 385 -14.83 -4.48 24.94
C GLN A 385 -14.88 -5.97 24.51
N ARG A 386 -14.91 -6.26 23.21
CA ARG A 386 -14.94 -7.64 22.72
C ARG A 386 -13.61 -8.37 22.77
N LEU A 387 -12.51 -7.66 22.55
CA LEU A 387 -11.22 -8.31 22.30
C LEU A 387 -10.17 -7.54 23.05
N PRO A 388 -10.18 -7.53 24.42
CA PRO A 388 -9.31 -6.62 25.16
C PRO A 388 -7.85 -6.96 25.07
N GLY A 389 -7.56 -8.18 24.65
CA GLY A 389 -6.16 -8.59 24.48
C GLY A 389 -5.68 -8.54 23.04
N ILE A 390 -6.50 -8.02 22.11
CA ILE A 390 -6.12 -7.84 20.70
C ILE A 390 -4.66 -7.35 20.57
N ARG A 391 -3.91 -8.04 19.75
CA ARG A 391 -2.50 -7.71 19.56
C ARG A 391 -2.11 -8.31 18.22
N LEU A 392 -0.96 -7.87 17.69
CA LEU A 392 -0.48 -8.37 16.40
C LEU A 392 -0.10 -9.84 16.58
N GLY A 393 -0.44 -10.65 15.60
CA GLY A 393 -0.02 -12.02 15.54
C GLY A 393 1.06 -12.27 14.49
N ILE A 394 1.82 -11.22 14.17
CA ILE A 394 3.11 -11.30 13.47
C ILE A 394 3.95 -10.18 14.08
N PRO A 395 5.29 -10.24 13.94
CA PRO A 395 6.12 -9.12 14.44
C PRO A 395 5.86 -7.81 13.67
N GLU A 396 5.98 -6.70 14.37
CA GLU A 396 5.76 -5.37 13.80
C GLU A 396 6.58 -5.12 12.52
N THR A 397 7.86 -5.49 12.59
CA THR A 397 8.76 -5.34 11.43
C THR A 397 8.25 -6.14 10.21
N GLN A 398 7.34 -7.07 10.38
CA GLN A 398 6.87 -7.80 9.21
C GLN A 398 5.57 -7.30 8.58
N LEU A 399 4.99 -6.24 9.13
CA LEU A 399 3.73 -5.70 8.60
C LEU A 399 3.82 -5.21 7.13
N ARG A 400 2.81 -5.50 6.31
CA ARG A 400 2.73 -4.95 4.95
C ARG A 400 1.91 -3.63 4.93
N TRP A 401 2.53 -2.59 4.36
CA TRP A 401 1.99 -1.22 4.34
C TRP A 401 1.55 -0.83 2.94
N SER A 402 0.47 -0.07 2.89
CA SER A 402 -0.15 0.27 1.65
C SER A 402 0.82 1.15 0.87
N GLU A 403 0.90 0.86 -0.43
CA GLU A 403 1.63 1.70 -1.37
C GLU A 403 0.67 2.35 -2.33
N GLY A 404 -0.54 2.67 -1.86
CA GLY A 404 -1.50 3.38 -2.69
C GLY A 404 -1.11 4.82 -2.83
N MET A 405 -0.21 5.26 -1.95
CA MET A 405 0.41 6.60 -2.06
C MET A 405 -0.55 7.79 -1.76
N LEU A 406 -1.79 7.55 -1.38
CA LEU A 406 -2.69 8.63 -0.90
C LEU A 406 -2.70 8.74 0.67
N LEU A 407 -3.02 7.63 1.32
CA LEU A 407 -3.07 7.59 2.80
C LEU A 407 -2.10 6.52 3.25
N ARG A 408 -1.65 6.61 4.50
CA ARG A 408 -0.76 5.59 5.07
C ARG A 408 -1.52 4.67 6.04
N GLY A 409 -1.31 3.37 5.87
CA GLY A 409 -1.85 2.39 6.79
C GLY A 409 -1.48 0.98 6.31
N PRO A 410 -1.73 -0.03 7.17
CA PRO A 410 -1.25 -1.37 6.90
C PRO A 410 -2.18 -1.95 5.92
N LEU A 411 -1.65 -2.79 5.04
CA LEU A 411 -2.49 -3.53 4.06
C LEU A 411 -3.24 -4.68 4.70
N GLU A 412 -2.66 -5.29 5.73
CA GLU A 412 -3.25 -6.38 6.51
C GLU A 412 -2.83 -6.21 7.93
N LEU A 413 -3.74 -6.50 8.86
CA LEU A 413 -3.34 -6.50 10.27
C LEU A 413 -3.76 -7.83 10.85
N PRO A 414 -2.91 -8.87 10.68
CA PRO A 414 -3.31 -10.12 11.34
C PRO A 414 -3.28 -9.92 12.86
N VAL A 415 -4.37 -10.26 13.54
CA VAL A 415 -4.46 -10.07 14.99
C VAL A 415 -4.85 -11.37 15.73
N VAL A 416 -4.32 -11.49 16.93
CA VAL A 416 -4.70 -12.53 17.90
C VAL A 416 -5.34 -11.85 19.14
N TRP A 417 -6.20 -12.58 19.85
CA TRP A 417 -6.81 -12.06 21.07
C TRP A 417 -7.08 -13.11 22.17
N GLU B 25 -40.21 -48.29 -5.64
CA GLU B 25 -39.69 -49.01 -6.84
C GLU B 25 -38.83 -48.18 -7.87
N PRO B 26 -38.99 -46.84 -7.93
CA PRO B 26 -37.96 -46.07 -8.65
C PRO B 26 -36.67 -45.97 -7.82
N ARG B 27 -35.52 -46.04 -8.48
CA ARG B 27 -34.30 -45.93 -7.72
C ARG B 27 -33.93 -44.48 -7.59
N ALA B 28 -33.34 -44.11 -6.47
CA ALA B 28 -32.79 -42.77 -6.29
C ALA B 28 -31.70 -42.52 -7.34
N TYR B 29 -31.75 -41.33 -7.93
CA TYR B 29 -30.88 -41.02 -9.07
C TYR B 29 -30.40 -39.61 -8.80
N PRO B 30 -29.13 -39.28 -9.16
CA PRO B 30 -28.18 -40.00 -10.01
C PRO B 30 -27.50 -41.19 -9.31
N PHE B 31 -26.88 -42.07 -10.09
CA PHE B 31 -26.15 -43.23 -9.50
C PHE B 31 -24.68 -42.87 -9.39
N ASN B 32 -24.18 -42.07 -10.34
CA ASN B 32 -22.76 -41.67 -10.32
C ASN B 32 -22.34 -40.93 -9.05
N ASP B 33 -21.16 -41.29 -8.54
CA ASP B 33 -20.54 -40.54 -7.46
C ASP B 33 -19.80 -39.40 -8.09
N VAL B 34 -20.04 -38.18 -7.63
CA VAL B 34 -19.36 -37.01 -8.23
C VAL B 34 -17.85 -36.91 -7.87
N HIS B 35 -17.41 -37.67 -6.86
CA HIS B 35 -16.03 -37.54 -6.37
C HIS B 35 -15.09 -38.43 -7.18
N GLY B 36 -15.09 -38.24 -8.51
CA GLY B 36 -14.30 -39.07 -9.41
C GLY B 36 -15.04 -39.25 -10.76
N LEU B 37 -14.47 -40.07 -11.66
CA LEU B 37 -15.05 -40.36 -12.98
C LEU B 37 -15.58 -41.76 -13.13
N THR B 38 -15.69 -42.49 -12.02
CA THR B 38 -16.17 -43.87 -12.09
C THR B 38 -17.61 -43.93 -12.63
N LEU B 39 -17.87 -44.86 -13.54
CA LEU B 39 -19.23 -45.20 -14.01
C LEU B 39 -19.92 -46.09 -12.99
N ALA B 40 -21.04 -45.64 -12.45
CA ALA B 40 -21.74 -46.40 -11.39
C ALA B 40 -22.00 -47.81 -11.85
N GLY B 41 -21.68 -48.81 -11.02
CA GLY B 41 -22.10 -50.20 -11.33
C GLY B 41 -23.56 -50.48 -11.64
N ARG B 42 -24.45 -49.67 -11.04
CA ARG B 42 -25.87 -49.79 -11.30
C ARG B 42 -26.19 -49.73 -12.81
N TYR B 43 -25.49 -48.90 -13.56
CA TYR B 43 -25.77 -48.80 -15.05
C TYR B 43 -25.66 -50.14 -15.74
N GLY B 44 -24.53 -50.82 -15.53
CA GLY B 44 -24.34 -52.13 -16.10
C GLY B 44 -25.34 -53.18 -15.69
N GLU B 45 -25.72 -53.18 -14.41
CA GLU B 45 -26.81 -54.05 -13.97
C GLU B 45 -28.13 -53.76 -14.72
N LEU B 46 -28.48 -52.48 -14.83
CA LEU B 46 -29.72 -52.12 -15.55
C LEU B 46 -29.62 -52.42 -17.07
N GLN B 47 -28.48 -52.10 -17.70
CA GLN B 47 -28.24 -52.54 -19.08
C GLN B 47 -28.59 -53.97 -19.26
N GLU B 48 -28.35 -54.78 -18.21
CA GLU B 48 -28.59 -56.20 -18.35
C GLU B 48 -30.04 -56.63 -17.93
N THR B 49 -30.52 -56.18 -16.81
CA THR B 49 -31.76 -56.72 -16.24
C THR B 49 -32.96 -55.78 -16.49
N GLU B 50 -32.74 -54.47 -16.60
CA GLU B 50 -33.89 -53.53 -16.66
C GLU B 50 -33.48 -52.31 -17.46
N PRO B 51 -33.35 -52.51 -18.78
CA PRO B 51 -32.73 -51.38 -19.49
C PRO B 51 -33.60 -50.13 -19.65
N VAL B 52 -34.91 -50.25 -19.39
CA VAL B 52 -35.77 -49.04 -19.30
C VAL B 52 -36.34 -49.01 -17.90
N SER B 53 -35.88 -48.13 -17.03
CA SER B 53 -36.29 -48.29 -15.61
C SER B 53 -36.75 -46.99 -15.06
N ARG B 54 -37.23 -46.98 -13.79
CA ARG B 54 -37.74 -45.77 -13.17
C ARG B 54 -36.76 -45.17 -12.18
N VAL B 55 -36.64 -43.87 -12.18
CA VAL B 55 -35.74 -43.21 -11.30
C VAL B 55 -36.44 -42.03 -10.63
N ARG B 56 -35.96 -41.70 -9.42
CA ARG B 56 -36.40 -40.52 -8.69
C ARG B 56 -35.21 -39.59 -8.54
N PRO B 57 -35.25 -38.44 -9.26
CA PRO B 57 -34.16 -37.47 -9.15
C PRO B 57 -34.26 -36.64 -7.88
N PRO B 58 -33.20 -35.89 -7.52
CA PRO B 58 -33.23 -35.03 -6.34
C PRO B 58 -34.30 -33.95 -6.47
N TYR B 59 -34.48 -33.40 -7.69
CA TYR B 59 -35.51 -32.38 -7.98
C TYR B 59 -36.24 -32.74 -9.28
N GLY B 60 -37.51 -32.40 -9.35
CA GLY B 60 -38.24 -32.58 -10.61
C GLY B 60 -38.98 -33.88 -10.53
N GLU B 61 -39.69 -34.24 -11.61
CA GLU B 61 -40.49 -35.50 -11.63
C GLU B 61 -39.67 -36.78 -11.73
N GLU B 62 -40.25 -37.90 -11.28
CA GLU B 62 -39.75 -39.23 -11.60
C GLU B 62 -39.78 -39.40 -13.11
N ALA B 63 -38.91 -40.27 -13.62
CA ALA B 63 -38.70 -40.34 -15.06
C ALA B 63 -38.25 -41.77 -15.38
N TRP B 64 -38.26 -42.07 -16.68
CA TRP B 64 -37.68 -43.32 -17.14
C TRP B 64 -36.20 -43.09 -17.40
N LEU B 65 -35.42 -44.14 -17.22
CA LEU B 65 -33.98 -44.07 -17.44
C LEU B 65 -33.66 -45.16 -18.46
N VAL B 66 -33.02 -44.73 -19.53
CA VAL B 66 -32.64 -45.64 -20.61
C VAL B 66 -31.11 -45.69 -20.70
N THR B 67 -30.56 -46.89 -20.77
CA THR B 67 -29.13 -47.08 -20.54
C THR B 67 -28.38 -47.85 -21.67
N ARG B 68 -29.09 -48.67 -22.46
CA ARG B 68 -28.43 -49.35 -23.59
C ARG B 68 -28.10 -48.41 -24.76
N TYR B 69 -26.93 -48.63 -25.36
CA TYR B 69 -26.49 -47.80 -26.49
C TYR B 69 -27.61 -47.71 -27.54
N GLU B 70 -28.18 -48.85 -27.91
CA GLU B 70 -29.18 -48.86 -28.99
C GLU B 70 -30.43 -48.02 -28.63
N ASP B 71 -30.81 -48.09 -27.36
CA ASP B 71 -32.04 -47.40 -26.89
C ASP B 71 -31.81 -45.92 -26.65
N VAL B 72 -30.65 -45.58 -26.08
CA VAL B 72 -30.27 -44.21 -25.92
C VAL B 72 -30.20 -43.54 -27.31
N ARG B 73 -29.55 -44.20 -28.25
CA ARG B 73 -29.45 -43.64 -29.58
C ARG B 73 -30.89 -43.49 -30.19
N ALA B 74 -31.74 -44.51 -30.07
CA ALA B 74 -33.09 -44.44 -30.59
C ALA B 74 -33.94 -43.30 -30.03
N VAL B 75 -33.95 -43.12 -28.69
CA VAL B 75 -34.55 -41.96 -28.02
C VAL B 75 -34.08 -40.56 -28.52
N LEU B 76 -32.78 -40.36 -28.56
CA LEU B 76 -32.25 -39.09 -29.03
C LEU B 76 -32.56 -38.82 -30.52
N GLY B 77 -32.89 -39.87 -31.23
CA GLY B 77 -33.02 -39.81 -32.69
C GLY B 77 -34.47 -39.87 -33.13
N ASP B 78 -35.42 -40.04 -32.21
CA ASP B 78 -36.74 -40.41 -32.62
C ASP B 78 -37.67 -39.15 -32.60
N GLY B 79 -38.42 -38.90 -33.66
CA GLY B 79 -39.30 -37.69 -33.67
C GLY B 79 -40.37 -37.65 -32.57
N ARG B 80 -40.75 -38.82 -32.02
CA ARG B 80 -41.73 -38.83 -30.92
C ARG B 80 -41.19 -38.39 -29.55
N PHE B 81 -39.90 -38.02 -29.46
CA PHE B 81 -39.33 -37.57 -28.18
C PHE B 81 -38.84 -36.13 -28.32
N VAL B 82 -39.51 -35.21 -27.62
CA VAL B 82 -39.33 -33.78 -27.84
C VAL B 82 -38.75 -33.10 -26.65
N ARG B 83 -38.27 -31.90 -26.85
CA ARG B 83 -37.68 -31.09 -25.79
C ARG B 83 -38.54 -29.83 -25.42
N GLY B 84 -39.46 -29.43 -26.30
CA GLY B 84 -40.36 -28.27 -26.02
C GLY B 84 -41.07 -28.25 -24.63
N PRO B 85 -41.62 -29.41 -24.19
CA PRO B 85 -42.22 -29.42 -22.84
C PRO B 85 -41.26 -29.01 -21.75
N SER B 86 -39.95 -29.07 -22.00
CA SER B 86 -39.01 -28.64 -20.96
C SER B 86 -39.46 -27.29 -20.37
N MET B 87 -40.00 -26.42 -21.22
CA MET B 87 -40.27 -25.01 -20.85
C MET B 87 -41.43 -24.91 -19.85
N THR B 88 -42.26 -25.96 -19.73
CA THR B 88 -43.50 -25.93 -18.94
C THR B 88 -43.64 -27.19 -18.05
N ARG B 89 -42.48 -27.86 -17.76
CA ARG B 89 -42.47 -29.10 -16.99
C ARG B 89 -41.41 -29.03 -15.89
N ASP B 90 -41.59 -29.83 -14.84
CA ASP B 90 -40.66 -29.73 -13.71
C ASP B 90 -39.58 -30.81 -13.99
N GLU B 91 -38.47 -30.42 -14.62
CA GLU B 91 -37.57 -31.43 -15.25
C GLU B 91 -36.81 -32.20 -14.18
N PRO B 92 -36.74 -33.51 -14.34
CA PRO B 92 -35.85 -34.32 -13.50
C PRO B 92 -34.45 -33.70 -13.55
N ARG B 93 -33.80 -33.49 -12.40
CA ARG B 93 -32.53 -32.75 -12.40
C ARG B 93 -31.79 -32.92 -11.05
N THR B 94 -30.61 -32.31 -10.93
CA THR B 94 -29.81 -32.43 -9.69
C THR B 94 -29.66 -31.16 -8.87
N ARG B 95 -30.06 -30.01 -9.42
CA ARG B 95 -29.99 -28.73 -8.71
C ARG B 95 -31.40 -28.11 -8.56
N PRO B 96 -31.66 -27.35 -7.46
CA PRO B 96 -33.02 -26.77 -7.26
C PRO B 96 -33.49 -25.82 -8.40
N GLU B 97 -32.61 -25.00 -8.91
CA GLU B 97 -33.02 -24.04 -9.96
C GLU B 97 -33.02 -24.72 -11.34
N MET B 98 -33.86 -24.25 -12.27
CA MET B 98 -33.84 -24.79 -13.65
C MET B 98 -33.18 -23.76 -14.62
N VAL B 99 -32.25 -24.21 -15.46
CA VAL B 99 -31.78 -23.37 -16.58
C VAL B 99 -32.47 -23.82 -17.89
N LYS B 100 -33.33 -22.95 -18.40
CA LYS B 100 -34.26 -23.28 -19.46
C LYS B 100 -33.89 -22.54 -20.72
N GLY B 101 -34.47 -22.96 -21.85
CA GLY B 101 -34.30 -22.20 -23.08
C GLY B 101 -33.06 -22.63 -23.89
N GLY B 102 -32.73 -21.79 -24.89
CA GLY B 102 -31.63 -22.13 -25.85
C GLY B 102 -32.09 -23.13 -26.87
N LEU B 103 -31.22 -23.46 -27.84
CA LEU B 103 -31.56 -24.44 -28.86
C LEU B 103 -32.05 -25.74 -28.28
N LEU B 104 -31.44 -26.14 -27.15
CA LEU B 104 -31.72 -27.47 -26.59
C LEU B 104 -33.16 -27.59 -26.05
N SER B 105 -33.84 -26.45 -25.91
CA SER B 105 -35.23 -26.47 -25.43
C SER B 105 -36.24 -26.49 -26.61
N MET B 106 -35.76 -26.49 -27.87
CA MET B 106 -36.64 -26.33 -29.05
C MET B 106 -36.85 -27.58 -29.90
N ASP B 107 -37.96 -27.59 -30.60
CA ASP B 107 -38.25 -28.74 -31.42
C ASP B 107 -38.44 -28.27 -32.87
N PRO B 108 -38.20 -29.17 -33.84
CA PRO B 108 -38.55 -28.77 -35.27
C PRO B 108 -40.02 -28.35 -35.25
N PRO B 109 -40.43 -27.39 -36.12
CA PRO B 109 -39.56 -26.78 -37.15
C PRO B 109 -38.78 -25.60 -36.63
N GLU B 110 -39.14 -25.04 -35.49
CA GLU B 110 -38.46 -23.77 -34.98
C GLU B 110 -36.96 -23.98 -34.77
N HIS B 111 -36.65 -25.16 -34.22
CA HIS B 111 -35.28 -25.56 -33.93
C HIS B 111 -34.57 -25.70 -35.23
N SER B 112 -35.23 -26.32 -36.20
CA SER B 112 -34.55 -26.64 -37.48
C SER B 112 -34.12 -25.33 -38.12
N ARG B 113 -35.02 -24.35 -38.13
CA ARG B 113 -34.69 -23.10 -38.76
C ARG B 113 -33.43 -22.43 -38.15
N LEU B 114 -33.38 -22.29 -36.81
CA LEU B 114 -32.24 -21.67 -36.15
C LEU B 114 -30.95 -22.44 -36.33
N ARG B 115 -31.06 -23.75 -36.29
CA ARG B 115 -29.90 -24.56 -36.50
C ARG B 115 -29.33 -24.44 -37.93
N ARG B 116 -30.20 -24.35 -38.93
CA ARG B 116 -29.73 -24.23 -40.32
C ARG B 116 -28.91 -22.93 -40.46
N LEU B 117 -29.37 -21.87 -39.81
CA LEU B 117 -28.72 -20.57 -39.92
C LEU B 117 -27.37 -20.56 -39.22
N VAL B 118 -27.34 -21.15 -38.01
CA VAL B 118 -26.11 -21.23 -37.23
C VAL B 118 -25.03 -22.04 -37.92
N VAL B 119 -25.36 -23.26 -38.36
CA VAL B 119 -24.37 -24.14 -39.00
C VAL B 119 -23.85 -23.59 -40.33
N LYS B 120 -24.65 -22.74 -40.99
CA LYS B 120 -24.18 -22.09 -42.20
C LYS B 120 -22.97 -21.21 -41.93
N ALA B 121 -22.99 -20.49 -40.81
CA ALA B 121 -21.86 -19.69 -40.37
C ALA B 121 -20.80 -20.54 -39.63
N PHE B 122 -21.26 -21.41 -38.71
CA PHE B 122 -20.35 -22.10 -37.80
C PHE B 122 -19.98 -23.44 -38.41
N THR B 123 -19.09 -23.40 -39.40
CA THR B 123 -18.83 -24.56 -40.24
C THR B 123 -17.65 -25.35 -39.70
N ALA B 124 -17.45 -26.57 -40.19
CA ALA B 124 -16.31 -27.40 -39.75
C ALA B 124 -14.99 -26.78 -40.15
N ARG B 125 -15.05 -26.10 -41.28
CA ARG B 125 -13.91 -25.39 -41.76
C ARG B 125 -13.56 -24.19 -40.85
N ARG B 126 -14.56 -23.46 -40.34
CA ARG B 126 -14.28 -22.39 -39.38
C ARG B 126 -13.62 -23.01 -38.13
N ALA B 127 -14.16 -24.14 -37.69
CA ALA B 127 -13.64 -24.73 -36.50
C ALA B 127 -12.20 -25.09 -36.70
N GLU B 128 -11.90 -25.75 -37.82
CA GLU B 128 -10.49 -26.17 -38.02
C GLU B 128 -9.60 -24.91 -38.18
N SER B 129 -10.15 -23.85 -38.77
CA SER B 129 -9.32 -22.63 -38.96
C SER B 129 -8.82 -22.05 -37.63
N LEU B 130 -9.46 -22.44 -36.51
CA LEU B 130 -9.11 -21.92 -35.20
C LEU B 130 -8.03 -22.71 -34.50
N ARG B 131 -7.66 -23.89 -35.02
CA ARG B 131 -6.55 -24.68 -34.42
C ARG B 131 -5.25 -23.91 -34.12
N PRO B 132 -4.74 -23.11 -35.11
CA PRO B 132 -3.49 -22.31 -34.88
C PRO B 132 -3.63 -21.30 -33.71
N ARG B 133 -4.76 -20.58 -33.65
CA ARG B 133 -5.07 -19.69 -32.53
C ARG B 133 -5.24 -20.47 -31.24
N ALA B 134 -6.00 -21.58 -31.27
CA ALA B 134 -6.16 -22.40 -30.06
C ALA B 134 -4.79 -22.83 -29.57
N ARG B 135 -3.90 -23.24 -30.48
CA ARG B 135 -2.57 -23.67 -30.04
C ARG B 135 -1.78 -22.55 -29.39
N GLU B 136 -1.85 -21.36 -29.97
CA GLU B 136 -1.11 -20.20 -29.44
C GLU B 136 -1.64 -19.82 -28.08
N ILE B 137 -2.96 -19.84 -27.91
CA ILE B 137 -3.52 -19.55 -26.56
C ILE B 137 -3.01 -20.58 -25.56
N ALA B 138 -3.03 -21.86 -25.96
CA ALA B 138 -2.55 -22.94 -25.09
C ALA B 138 -1.09 -22.72 -24.65
N HIS B 139 -0.23 -22.36 -25.60
CA HIS B 139 1.16 -22.00 -25.24
C HIS B 139 1.26 -20.80 -24.27
N GLU B 140 0.47 -19.74 -24.48
CA GLU B 140 0.44 -18.63 -23.50
C GLU B 140 0.15 -19.10 -22.07
N LEU B 141 -0.90 -19.92 -21.91
CA LEU B 141 -1.32 -20.48 -20.62
C LEU B 141 -0.23 -21.34 -19.96
N VAL B 142 0.42 -22.20 -20.74
CA VAL B 142 1.54 -22.96 -20.20
C VAL B 142 2.68 -21.98 -19.74
N ASP B 143 2.91 -20.90 -20.49
CA ASP B 143 3.93 -19.90 -20.13
C ASP B 143 3.58 -19.38 -18.72
N GLN B 144 2.34 -18.84 -18.59
CA GLN B 144 1.80 -18.31 -17.34
C GLN B 144 1.89 -19.29 -16.17
N MET B 145 1.60 -20.58 -16.40
CA MET B 145 1.86 -21.63 -15.41
C MET B 145 3.37 -21.80 -15.04
N ALA B 146 4.24 -21.86 -16.04
CA ALA B 146 5.68 -21.98 -15.77
C ALA B 146 6.23 -20.73 -15.00
N ALA B 147 5.74 -19.54 -15.38
CA ALA B 147 6.04 -18.24 -14.73
C ALA B 147 5.71 -18.17 -13.23
N THR B 148 4.88 -19.08 -12.71
CA THR B 148 4.60 -19.11 -11.27
C THR B 148 5.11 -20.37 -10.55
N GLY B 149 5.64 -21.35 -11.30
CA GLY B 149 6.41 -22.42 -10.70
C GLY B 149 5.56 -23.56 -10.19
N GLN B 150 6.12 -24.77 -10.22
CA GLN B 150 5.44 -25.93 -9.66
C GLN B 150 5.16 -25.75 -8.14
N PRO B 151 4.03 -26.32 -7.63
CA PRO B 151 2.87 -26.83 -8.42
C PRO B 151 2.00 -25.71 -8.92
N ALA B 152 1.45 -25.85 -10.13
CA ALA B 152 0.44 -24.92 -10.65
C ALA B 152 -0.92 -25.65 -10.70
N ASP B 153 -2.00 -24.88 -10.61
CA ASP B 153 -3.33 -25.47 -10.69
C ASP B 153 -3.76 -25.53 -12.15
N LEU B 154 -3.69 -26.71 -12.76
CA LEU B 154 -4.07 -26.84 -14.19
C LEU B 154 -5.52 -26.38 -14.49
N VAL B 155 -6.42 -26.57 -13.52
CA VAL B 155 -7.83 -26.12 -13.67
C VAL B 155 -7.95 -24.61 -13.78
N ALA B 156 -7.46 -23.88 -12.76
CA ALA B 156 -7.64 -22.43 -12.78
C ALA B 156 -6.80 -21.82 -13.91
N MET B 157 -5.65 -22.38 -14.16
CA MET B 157 -4.73 -21.67 -15.04
C MET B 157 -4.86 -22.07 -16.53
N PHE B 158 -5.40 -23.24 -16.82
CA PHE B 158 -5.45 -23.77 -18.17
C PHE B 158 -6.90 -24.17 -18.59
N ALA B 159 -7.50 -25.15 -17.90
CA ALA B 159 -8.78 -25.73 -18.32
C ALA B 159 -9.91 -24.70 -18.32
N ARG B 160 -9.88 -23.78 -17.36
CA ARG B 160 -10.93 -22.76 -17.25
C ARG B 160 -10.62 -21.57 -18.11
N GLN B 161 -9.46 -21.59 -18.75
CA GLN B 161 -9.01 -20.45 -19.52
C GLN B 161 -9.04 -20.71 -21.02
N LEU B 162 -8.57 -21.87 -21.46
CA LEU B 162 -8.54 -22.12 -22.93
C LEU B 162 -9.93 -22.06 -23.62
N PRO B 163 -10.99 -22.70 -23.07
CA PRO B 163 -12.17 -22.70 -23.94
C PRO B 163 -12.93 -21.41 -24.06
N VAL B 164 -12.85 -20.52 -23.04
CA VAL B 164 -13.60 -19.27 -23.15
C VAL B 164 -12.81 -18.30 -24.05
N ARG B 165 -11.48 -18.34 -23.95
CA ARG B 165 -10.61 -17.57 -24.89
C ARG B 165 -10.76 -18.05 -26.37
N VAL B 166 -10.81 -19.37 -26.58
CA VAL B 166 -11.10 -19.87 -27.96
C VAL B 166 -12.47 -19.40 -28.42
N ILE B 167 -13.48 -19.38 -27.53
CA ILE B 167 -14.77 -18.78 -27.88
C ILE B 167 -14.72 -17.26 -28.22
N CYS B 168 -13.84 -16.53 -27.54
CA CYS B 168 -13.59 -15.13 -27.89
C CYS B 168 -13.08 -15.01 -29.36
N GLU B 169 -12.09 -15.82 -29.70
CA GLU B 169 -11.53 -15.89 -31.05
C GLU B 169 -12.60 -16.26 -32.07
N LEU B 170 -13.37 -17.32 -31.81
CA LEU B 170 -14.48 -17.75 -32.67
C LEU B 170 -15.47 -16.63 -32.96
N LEU B 171 -16.02 -16.04 -31.89
CA LEU B 171 -17.03 -15.03 -32.01
C LEU B 171 -16.54 -13.75 -32.66
N GLY B 172 -15.34 -13.31 -32.27
CA GLY B 172 -14.83 -12.05 -32.79
C GLY B 172 -14.54 -11.03 -31.72
N VAL B 173 -14.48 -11.47 -30.47
CA VAL B 173 -14.22 -10.56 -29.37
C VAL B 173 -12.77 -10.04 -29.49
N PRO B 174 -12.57 -8.69 -29.66
CA PRO B 174 -11.19 -8.13 -29.82
C PRO B 174 -10.30 -8.56 -28.70
N SER B 175 -9.05 -8.82 -29.02
CA SER B 175 -8.03 -9.27 -28.09
C SER B 175 -7.97 -8.47 -26.75
N ALA B 176 -8.05 -7.13 -26.85
CA ALA B 176 -8.12 -6.26 -25.65
C ALA B 176 -9.23 -6.67 -24.66
N ASP B 177 -10.26 -7.32 -25.19
CA ASP B 177 -11.47 -7.62 -24.41
C ASP B 177 -11.58 -9.04 -23.88
N HIS B 178 -10.56 -9.87 -24.07
CA HIS B 178 -10.59 -11.28 -23.70
C HIS B 178 -10.60 -11.47 -22.17
N ASP B 179 -9.82 -10.64 -21.48
CA ASP B 179 -9.75 -10.69 -20.02
C ASP B 179 -11.10 -10.39 -19.35
N ARG B 180 -11.79 -9.34 -19.76
CA ARG B 180 -13.03 -9.00 -19.09
C ARG B 180 -14.13 -9.93 -19.54
N PHE B 181 -14.06 -10.34 -20.81
CA PHE B 181 -14.96 -11.40 -21.27
C PHE B 181 -14.76 -12.71 -20.52
N THR B 182 -13.52 -13.13 -20.31
CA THR B 182 -13.29 -14.33 -19.53
C THR B 182 -13.81 -14.18 -18.08
N ARG B 183 -13.54 -13.02 -17.48
CA ARG B 183 -13.96 -12.73 -16.11
C ARG B 183 -15.49 -12.85 -15.94
N TRP B 184 -16.27 -12.20 -16.80
CA TRP B 184 -17.72 -12.30 -16.76
C TRP B 184 -18.14 -13.76 -16.94
N SER B 185 -17.48 -14.45 -17.89
CA SER B 185 -17.93 -15.80 -18.24
C SER B 185 -17.77 -16.78 -17.11
N GLY B 186 -16.78 -16.54 -16.26
CA GLY B 186 -16.48 -17.54 -15.25
C GLY B 186 -17.57 -17.58 -14.19
N ALA B 187 -18.46 -16.60 -14.21
CA ALA B 187 -19.51 -16.54 -13.22
C ALA B 187 -20.70 -17.37 -13.68
N PHE B 188 -20.63 -17.91 -14.90
CA PHE B 188 -21.67 -18.78 -15.45
C PHE B 188 -21.39 -20.25 -15.18
N LEU B 189 -20.16 -20.56 -14.76
CA LEU B 189 -19.77 -21.90 -14.48
C LEU B 189 -20.57 -22.40 -13.28
N SER B 190 -20.94 -23.69 -13.29
CA SER B 190 -21.76 -24.25 -12.20
C SER B 190 -20.94 -24.36 -10.89
N THR B 191 -19.62 -24.21 -10.99
CA THR B 191 -18.71 -24.27 -9.86
C THR B 191 -18.43 -22.87 -9.28
N ALA B 192 -19.04 -21.82 -9.82
CA ALA B 192 -18.69 -20.50 -9.36
C ALA B 192 -19.29 -20.29 -7.92
N GLU B 193 -18.47 -19.72 -7.04
CA GLU B 193 -18.85 -19.38 -5.67
C GLU B 193 -19.10 -17.89 -5.68
N VAL B 194 -20.26 -17.47 -6.12
CA VAL B 194 -20.51 -16.05 -6.16
C VAL B 194 -22.00 -15.89 -5.83
N THR B 195 -22.38 -14.73 -5.32
CA THR B 195 -23.79 -14.45 -5.04
C THR B 195 -24.59 -14.41 -6.36
N ALA B 196 -25.91 -14.52 -6.30
CA ALA B 196 -26.76 -14.38 -7.48
C ALA B 196 -26.65 -12.99 -8.12
N GLU B 197 -26.50 -11.96 -7.28
CA GLU B 197 -26.33 -10.58 -7.74
C GLU B 197 -25.04 -10.42 -8.56
N GLU B 198 -23.95 -11.00 -8.05
CA GLU B 198 -22.68 -10.99 -8.73
C GLU B 198 -22.86 -11.66 -10.11
N MET B 199 -23.45 -12.85 -10.12
CA MET B 199 -23.71 -13.56 -11.39
C MET B 199 -24.58 -12.77 -12.36
N GLN B 200 -25.71 -12.25 -11.86
CA GLN B 200 -26.58 -11.38 -12.65
C GLN B 200 -25.87 -10.15 -13.23
N GLU B 201 -25.00 -9.49 -12.46
CA GLU B 201 -24.24 -8.36 -13.00
C GLU B 201 -23.31 -8.83 -14.15
N ALA B 202 -22.64 -9.98 -13.96
CA ALA B 202 -21.75 -10.53 -15.02
C ALA B 202 -22.55 -10.92 -16.25
N ALA B 203 -23.72 -11.53 -16.09
CA ALA B 203 -24.60 -11.85 -17.22
C ALA B 203 -25.07 -10.60 -17.95
N GLU B 204 -25.42 -9.53 -17.24
CA GLU B 204 -25.88 -8.39 -18.07
C GLU B 204 -24.71 -7.64 -18.73
N GLN B 205 -23.52 -7.72 -18.12
CA GLN B 205 -22.32 -7.22 -18.79
C GLN B 205 -22.10 -7.99 -20.11
N ALA B 206 -22.12 -9.33 -20.02
CA ALA B 206 -21.97 -10.22 -21.20
C ALA B 206 -23.01 -10.00 -22.31
N TYR B 207 -24.29 -9.95 -21.95
CA TYR B 207 -25.36 -9.58 -22.89
C TYR B 207 -25.19 -8.22 -23.57
N ALA B 208 -24.99 -7.16 -22.79
CA ALA B 208 -24.80 -5.82 -23.38
C ALA B 208 -23.56 -5.80 -24.28
N TYR B 209 -22.47 -6.38 -23.81
CA TYR B 209 -21.27 -6.40 -24.64
C TYR B 209 -21.52 -7.10 -26.00
N MET B 210 -22.20 -8.23 -25.95
CA MET B 210 -22.44 -9.06 -27.12
C MET B 210 -23.40 -8.42 -28.11
N GLY B 211 -24.47 -7.80 -27.59
CA GLY B 211 -25.37 -6.97 -28.36
C GLY B 211 -24.64 -5.87 -29.12
N ASP B 212 -23.71 -5.21 -28.43
N ASP B 212 -23.71 -5.21 -28.43
CA ASP B 212 -22.90 -4.13 -28.99
CA ASP B 212 -22.89 -4.16 -29.02
C ASP B 212 -21.94 -4.61 -30.09
C ASP B 212 -22.01 -4.68 -30.15
N LEU B 213 -21.28 -5.75 -29.86
CA LEU B 213 -20.40 -6.40 -30.85
C LEU B 213 -21.17 -6.82 -32.13
N ILE B 214 -22.31 -7.49 -31.94
CA ILE B 214 -23.22 -7.82 -33.02
C ILE B 214 -23.60 -6.58 -33.86
N ASP B 215 -23.88 -5.45 -33.21
CA ASP B 215 -24.36 -4.24 -33.94
C ASP B 215 -23.26 -3.69 -34.82
N ARG B 216 -22.06 -3.57 -34.23
CA ARG B 216 -20.82 -3.21 -34.93
C ARG B 216 -20.62 -4.10 -36.15
N ARG B 217 -20.47 -5.40 -35.91
CA ARG B 217 -20.30 -6.36 -37.00
C ARG B 217 -21.35 -6.22 -38.07
N ARG B 218 -22.58 -5.90 -37.70
CA ARG B 218 -23.62 -5.75 -38.73
C ARG B 218 -23.28 -4.65 -39.79
N LYS B 219 -22.62 -3.58 -39.34
N LYS B 219 -22.65 -3.57 -39.35
CA LYS B 219 -22.33 -2.44 -40.20
CA LYS B 219 -22.33 -2.46 -40.25
C LYS B 219 -20.89 -2.46 -40.70
C LYS B 219 -20.86 -2.40 -40.67
N GLU B 220 -20.01 -3.15 -39.97
CA GLU B 220 -18.63 -3.32 -40.40
C GLU B 220 -18.17 -4.81 -40.19
N PRO B 221 -18.62 -5.70 -41.09
CA PRO B 221 -18.42 -7.16 -40.93
C PRO B 221 -16.99 -7.54 -41.08
N THR B 222 -16.50 -8.47 -40.24
CA THR B 222 -15.16 -8.99 -40.39
C THR B 222 -15.26 -10.46 -40.79
N ASP B 223 -14.25 -11.26 -40.49
CA ASP B 223 -14.27 -12.69 -40.82
C ASP B 223 -14.72 -13.62 -39.65
N ASP B 224 -15.11 -13.03 -38.50
CA ASP B 224 -15.46 -13.82 -37.28
C ASP B 224 -16.88 -14.44 -37.36
N LEU B 225 -17.20 -15.36 -36.44
CA LEU B 225 -18.51 -15.97 -36.43
C LEU B 225 -19.65 -14.94 -36.26
N VAL B 226 -19.49 -13.94 -35.38
CA VAL B 226 -20.62 -12.97 -35.25
C VAL B 226 -20.98 -12.36 -36.63
N SER B 227 -19.95 -11.95 -37.37
CA SER B 227 -20.18 -11.31 -38.70
C SER B 227 -20.97 -12.25 -39.58
N ALA B 228 -20.55 -13.52 -39.59
CA ALA B 228 -21.11 -14.53 -40.49
C ALA B 228 -22.50 -14.95 -40.06
N LEU B 229 -22.78 -14.83 -38.77
CA LEU B 229 -24.12 -15.12 -38.28
C LEU B 229 -25.13 -14.04 -38.75
N VAL B 230 -24.68 -12.80 -38.69
CA VAL B 230 -25.46 -11.66 -39.15
C VAL B 230 -25.76 -11.83 -40.66
N GLN B 231 -24.80 -12.31 -41.43
CA GLN B 231 -24.99 -12.38 -42.88
C GLN B 231 -25.76 -13.60 -43.32
N ALA B 232 -25.85 -14.60 -42.43
CA ALA B 232 -26.45 -15.91 -42.76
C ALA B 232 -27.88 -15.74 -43.27
N ARG B 233 -28.17 -16.37 -44.39
CA ARG B 233 -29.50 -16.34 -44.97
C ARG B 233 -29.89 -17.77 -45.32
N ASP B 234 -31.17 -18.09 -45.21
CA ASP B 234 -31.61 -19.44 -45.50
C ASP B 234 -32.94 -19.38 -46.23
N GLN B 235 -32.88 -19.77 -47.50
CA GLN B 235 -33.73 -19.20 -48.54
C GLN B 235 -33.61 -17.68 -48.32
N GLN B 236 -34.66 -17.01 -47.81
CA GLN B 236 -34.58 -15.56 -47.56
C GLN B 236 -34.84 -15.20 -46.06
N ASP B 237 -34.68 -16.21 -45.21
CA ASP B 237 -34.73 -16.03 -43.76
C ASP B 237 -33.39 -15.56 -43.20
N SER B 238 -33.43 -14.83 -42.09
CA SER B 238 -32.20 -14.37 -41.43
C SER B 238 -32.40 -14.40 -39.94
N LEU B 239 -31.31 -14.25 -39.20
CA LEU B 239 -31.43 -14.25 -37.73
C LEU B 239 -31.83 -12.85 -37.24
N SER B 240 -32.90 -12.79 -36.44
CA SER B 240 -33.32 -11.54 -35.83
C SER B 240 -32.28 -11.08 -34.83
N GLU B 241 -32.44 -9.84 -34.40
CA GLU B 241 -31.51 -9.20 -33.45
C GLU B 241 -31.37 -10.01 -32.15
N GLN B 242 -32.53 -10.34 -31.57
CA GLN B 242 -32.60 -11.09 -30.33
C GLN B 242 -32.01 -12.53 -30.54
N GLU B 243 -32.39 -13.16 -31.65
CA GLU B 243 -31.86 -14.50 -32.00
C GLU B 243 -30.35 -14.52 -32.04
N LEU B 244 -29.76 -13.52 -32.68
CA LEU B 244 -28.32 -13.42 -32.78
C LEU B 244 -27.73 -13.37 -31.44
N LEU B 245 -28.33 -12.56 -30.59
CA LEU B 245 -27.78 -12.40 -29.26
C LEU B 245 -27.97 -13.67 -28.42
N ASP B 246 -29.14 -14.28 -28.46
CA ASP B 246 -29.36 -15.46 -27.61
C ASP B 246 -28.49 -16.61 -28.14
N LEU B 247 -28.27 -16.67 -29.46
CA LEU B 247 -27.45 -17.76 -29.99
C LEU B 247 -26.00 -17.59 -29.62
N ALA B 248 -25.48 -16.38 -29.67
CA ALA B 248 -24.05 -16.16 -29.31
C ALA B 248 -23.74 -16.51 -27.85
N ILE B 249 -24.60 -16.02 -26.95
CA ILE B 249 -24.45 -16.38 -25.53
C ILE B 249 -24.64 -17.87 -25.34
N GLY B 250 -25.61 -18.44 -26.09
CA GLY B 250 -25.88 -19.89 -26.06
C GLY B 250 -24.65 -20.70 -26.41
N LEU B 251 -23.93 -20.31 -27.48
CA LEU B 251 -22.61 -20.93 -27.76
C LEU B 251 -21.56 -20.83 -26.68
N LEU B 252 -21.45 -19.66 -26.08
CA LEU B 252 -20.57 -19.46 -24.95
C LEU B 252 -20.91 -20.44 -23.85
N VAL B 253 -22.17 -20.47 -23.41
CA VAL B 253 -22.47 -21.36 -22.26
C VAL B 253 -22.37 -22.85 -22.60
N ALA B 254 -22.81 -23.26 -23.80
CA ALA B 254 -22.71 -24.68 -24.19
C ALA B 254 -21.24 -25.08 -24.37
N GLY B 255 -20.41 -24.10 -24.70
CA GLY B 255 -19.07 -24.38 -25.15
C GLY B 255 -17.97 -24.14 -24.15
N TYR B 256 -18.29 -23.42 -23.05
CA TYR B 256 -17.27 -23.15 -22.02
C TYR B 256 -17.13 -24.30 -21.00
N GLU B 257 -18.11 -24.45 -20.10
CA GLU B 257 -17.97 -25.40 -19.00
C GLU B 257 -17.69 -26.83 -19.46
N SER B 258 -18.41 -27.26 -20.51
N SER B 258 -18.39 -27.30 -20.50
CA SER B 258 -18.26 -28.61 -21.10
CA SER B 258 -18.20 -28.66 -21.02
C SER B 258 -16.81 -28.93 -21.45
C SER B 258 -16.74 -28.93 -21.39
N THR B 259 -16.20 -28.06 -22.26
CA THR B 259 -14.85 -28.23 -22.73
C THR B 259 -13.84 -28.14 -21.57
N THR B 260 -14.04 -27.18 -20.68
CA THR B 260 -13.17 -26.97 -19.51
C THR B 260 -13.07 -28.22 -18.68
N THR B 261 -14.22 -28.84 -18.43
CA THR B 261 -14.28 -30.01 -17.58
C THR B 261 -13.66 -31.22 -18.28
N GLN B 262 -13.89 -31.34 -19.60
CA GLN B 262 -13.37 -32.46 -20.33
C GLN B 262 -11.85 -32.30 -20.44
N ILE B 263 -11.34 -31.08 -20.59
CA ILE B 263 -9.85 -30.91 -20.57
C ILE B 263 -9.29 -31.39 -19.22
N ALA B 264 -9.89 -30.92 -18.14
CA ALA B 264 -9.48 -31.33 -16.82
C ALA B 264 -9.49 -32.85 -16.65
N ASP B 265 -10.61 -33.47 -17.05
CA ASP B 265 -10.72 -34.90 -16.92
C ASP B 265 -9.73 -35.73 -17.77
N PHE B 266 -9.52 -35.34 -19.02
CA PHE B 266 -8.59 -36.01 -19.89
C PHE B 266 -7.18 -35.93 -19.28
N VAL B 267 -6.77 -34.75 -18.84
CA VAL B 267 -5.39 -34.61 -18.28
C VAL B 267 -5.24 -35.35 -16.98
N TYR B 268 -6.25 -35.26 -16.12
CA TYR B 268 -6.31 -36.15 -14.96
C TYR B 268 -6.08 -37.61 -15.31
N LEU B 269 -6.74 -38.11 -16.38
CA LEU B 269 -6.53 -39.48 -16.77
C LEU B 269 -5.12 -39.73 -17.32
N LEU B 270 -4.57 -38.79 -18.10
CA LEU B 270 -3.23 -39.04 -18.66
C LEU B 270 -2.22 -39.11 -17.52
N MET B 271 -2.43 -38.25 -16.49
CA MET B 271 -1.49 -38.15 -15.35
C MET B 271 -1.58 -39.35 -14.43
N THR B 272 -2.72 -40.07 -14.43
CA THR B 272 -2.90 -41.19 -13.52
C THR B 272 -2.87 -42.52 -14.21
N ARG B 273 -2.69 -42.50 -15.53
CA ARG B 273 -2.59 -43.69 -16.35
C ARG B 273 -1.38 -43.58 -17.26
N PRO B 274 -0.19 -43.92 -16.71
CA PRO B 274 1.11 -43.90 -17.41
C PRO B 274 1.04 -44.42 -18.83
N GLU B 275 0.38 -45.56 -19.05
CA GLU B 275 0.30 -46.15 -20.37
C GLU B 275 -0.45 -45.25 -21.38
N LEU B 276 -1.37 -44.43 -20.91
CA LEU B 276 -2.02 -43.49 -21.81
C LEU B 276 -1.04 -42.41 -22.15
N ARG B 277 -0.35 -41.87 -21.14
CA ARG B 277 0.58 -40.80 -21.37
C ARG B 277 1.71 -41.25 -22.34
N ARG B 278 2.25 -42.43 -22.08
CA ARG B 278 3.32 -43.01 -22.87
C ARG B 278 2.92 -43.21 -24.34
N GLN B 279 1.70 -43.73 -24.57
CA GLN B 279 1.24 -43.92 -25.95
C GLN B 279 1.18 -42.58 -26.72
N LEU B 280 0.77 -41.51 -26.03
CA LEU B 280 0.58 -40.23 -26.75
C LEU B 280 1.90 -39.47 -26.96
N LEU B 281 2.85 -39.64 -26.02
CA LEU B 281 4.20 -39.08 -26.17
C LEU B 281 4.94 -39.81 -27.33
N ASP B 282 4.81 -41.13 -27.41
CA ASP B 282 5.55 -41.85 -28.42
C ASP B 282 5.00 -41.56 -29.79
N ARG B 283 3.68 -41.39 -29.86
CA ARG B 283 2.96 -41.21 -31.11
C ARG B 283 1.87 -40.15 -30.98
N PRO B 284 2.23 -38.84 -31.01
CA PRO B 284 1.23 -37.78 -30.88
C PRO B 284 0.18 -37.78 -31.99
N GLU B 285 0.42 -38.56 -33.05
CA GLU B 285 -0.52 -38.62 -34.15
C GLU B 285 -1.82 -39.35 -33.73
N LEU B 286 -1.71 -40.12 -32.62
CA LEU B 286 -2.86 -40.85 -32.01
C LEU B 286 -3.79 -39.94 -31.20
N ILE B 287 -3.42 -38.67 -31.04
CA ILE B 287 -4.18 -37.75 -30.17
C ILE B 287 -5.67 -37.58 -30.61
N PRO B 288 -5.93 -37.35 -31.90
CA PRO B 288 -7.35 -37.23 -32.32
C PRO B 288 -8.14 -38.51 -31.97
N SER B 289 -7.56 -39.68 -32.20
CA SER B 289 -8.24 -40.95 -31.87
C SER B 289 -8.45 -41.12 -30.34
N ALA B 290 -7.51 -40.63 -29.55
CA ALA B 290 -7.50 -40.79 -28.09
C ALA B 290 -8.58 -39.85 -27.55
N VAL B 291 -8.65 -38.64 -28.13
CA VAL B 291 -9.74 -37.70 -27.87
C VAL B 291 -11.14 -38.31 -28.07
N GLU B 292 -11.37 -39.02 -29.19
CA GLU B 292 -12.61 -39.74 -29.37
C GLU B 292 -12.81 -40.84 -28.31
N GLU B 293 -11.77 -41.62 -28.05
CA GLU B 293 -11.92 -42.69 -27.08
C GLU B 293 -12.20 -42.18 -25.64
N LEU B 294 -11.54 -41.08 -25.23
CA LEU B 294 -11.78 -40.53 -23.89
C LEU B 294 -13.12 -39.79 -23.85
N THR B 295 -13.59 -39.33 -25.00
CA THR B 295 -14.94 -38.74 -25.02
C THR B 295 -15.93 -39.88 -24.84
N ARG B 296 -15.70 -41.01 -25.50
CA ARG B 296 -16.57 -42.21 -25.24
C ARG B 296 -16.50 -42.66 -23.74
N TRP B 297 -15.28 -42.79 -23.25
CA TRP B 297 -15.13 -43.49 -21.96
C TRP B 297 -15.56 -42.66 -20.78
N VAL B 298 -15.16 -41.41 -20.73
CA VAL B 298 -15.51 -40.54 -19.59
C VAL B 298 -17.01 -40.26 -19.43
N PRO B 299 -17.64 -40.78 -18.35
CA PRO B 299 -19.05 -40.39 -18.11
C PRO B 299 -19.04 -39.03 -17.49
N LEU B 300 -18.91 -38.02 -18.35
CA LEU B 300 -18.73 -36.64 -17.95
C LEU B 300 -19.98 -36.11 -17.15
N GLY B 301 -21.20 -36.47 -17.58
CA GLY B 301 -22.40 -35.96 -16.87
C GLY B 301 -22.57 -36.62 -15.49
N VAL B 302 -23.07 -35.87 -14.49
CA VAL B 302 -23.53 -36.52 -13.26
C VAL B 302 -24.67 -37.48 -13.59
N GLY B 303 -25.60 -37.00 -14.42
CA GLY B 303 -26.78 -37.77 -14.82
C GLY B 303 -26.79 -37.95 -16.35
N THR B 304 -27.88 -37.55 -17.00
CA THR B 304 -28.10 -37.96 -18.41
C THR B 304 -28.19 -36.75 -19.35
N ALA B 305 -28.49 -37.01 -20.62
CA ALA B 305 -28.85 -35.97 -21.58
C ALA B 305 -30.17 -35.29 -21.05
N ALA B 306 -30.37 -34.05 -21.40
CA ALA B 306 -31.61 -33.29 -21.03
C ALA B 306 -32.85 -34.18 -21.27
N PRO B 307 -33.84 -34.13 -20.37
CA PRO B 307 -35.01 -35.03 -20.47
C PRO B 307 -35.71 -34.88 -21.82
N ARG B 308 -36.13 -35.99 -22.42
CA ARG B 308 -36.97 -35.94 -23.64
C ARG B 308 -38.39 -36.34 -23.20
N TYR B 309 -39.41 -35.77 -23.79
CA TYR B 309 -40.80 -36.09 -23.38
C TYR B 309 -41.48 -36.86 -24.48
N ALA B 310 -42.17 -37.96 -24.16
CA ALA B 310 -42.85 -38.69 -25.21
C ALA B 310 -44.08 -37.88 -25.74
N VAL B 311 -44.24 -37.80 -27.05
CA VAL B 311 -45.37 -37.00 -27.56
C VAL B 311 -46.54 -37.97 -27.70
N GLU B 312 -46.25 -39.26 -27.74
CA GLU B 312 -47.29 -40.31 -27.77
C GLU B 312 -46.73 -41.53 -27.06
N ASP B 313 -47.56 -42.55 -26.80
CA ASP B 313 -47.08 -43.76 -26.13
C ASP B 313 -46.06 -44.37 -27.05
N VAL B 314 -44.95 -44.80 -26.49
CA VAL B 314 -43.89 -45.49 -27.24
C VAL B 314 -43.47 -46.73 -26.46
N THR B 315 -43.40 -47.86 -27.14
CA THR B 315 -42.92 -49.07 -26.51
C THR B 315 -41.46 -49.27 -26.77
N LEU B 316 -40.71 -49.45 -25.69
CA LEU B 316 -39.26 -49.58 -25.75
C LEU B 316 -38.92 -50.79 -24.85
N ARG B 317 -38.33 -51.82 -25.48
CA ARG B 317 -38.04 -53.05 -24.75
C ARG B 317 -39.20 -53.60 -23.99
N GLY B 318 -40.29 -53.67 -24.76
CA GLY B 318 -41.58 -54.11 -24.26
C GLY B 318 -42.16 -53.29 -23.08
N VAL B 319 -41.57 -52.12 -22.76
CA VAL B 319 -42.07 -51.22 -21.68
C VAL B 319 -42.81 -50.10 -22.42
N THR B 320 -43.99 -49.70 -21.92
CA THR B 320 -44.70 -48.59 -22.57
C THR B 320 -44.39 -47.27 -21.87
N ILE B 321 -43.68 -46.37 -22.57
CA ILE B 321 -43.54 -45.00 -22.09
C ILE B 321 -44.82 -44.24 -22.57
N ARG B 322 -45.59 -43.67 -21.66
N ARG B 322 -45.63 -43.71 -21.66
CA ARG B 322 -46.85 -42.96 -21.98
CA ARG B 322 -46.86 -42.97 -21.99
C ARG B 322 -46.61 -41.54 -22.42
C ARG B 322 -46.58 -41.58 -22.48
N ALA B 323 -47.51 -41.04 -23.28
CA ALA B 323 -47.43 -39.69 -23.75
C ALA B 323 -47.30 -38.76 -22.58
N GLY B 324 -46.39 -37.78 -22.72
CA GLY B 324 -46.16 -36.80 -21.71
C GLY B 324 -45.04 -37.20 -20.72
N GLU B 325 -44.67 -38.47 -20.66
CA GLU B 325 -43.63 -38.88 -19.66
C GLU B 325 -42.21 -38.48 -20.10
N PRO B 326 -41.37 -38.04 -19.11
CA PRO B 326 -39.96 -37.78 -19.31
C PRO B 326 -39.10 -39.04 -19.29
N VAL B 327 -38.07 -38.91 -20.13
CA VAL B 327 -37.13 -40.01 -20.43
C VAL B 327 -35.72 -39.40 -20.39
N LEU B 328 -34.86 -40.00 -19.55
CA LEU B 328 -33.49 -39.62 -19.38
C LEU B 328 -32.65 -40.66 -20.10
N ALA B 329 -31.92 -40.22 -21.12
CA ALA B 329 -31.15 -41.14 -21.98
C ALA B 329 -29.68 -40.95 -21.61
N SER B 330 -29.07 -41.95 -20.96
CA SER B 330 -27.72 -41.75 -20.46
C SER B 330 -26.73 -42.00 -21.59
N THR B 331 -26.10 -40.93 -22.11
CA THR B 331 -25.00 -41.17 -23.05
C THR B 331 -23.75 -41.77 -22.31
N GLY B 332 -23.59 -41.43 -21.02
CA GLY B 332 -22.51 -42.04 -20.15
C GLY B 332 -22.61 -43.55 -20.17
N ALA B 333 -23.79 -44.09 -19.87
CA ALA B 333 -23.90 -45.52 -19.79
C ALA B 333 -23.81 -46.08 -21.20
N ALA B 334 -24.54 -45.43 -22.11
CA ALA B 334 -24.50 -45.88 -23.56
C ALA B 334 -23.10 -46.11 -24.11
N ASN B 335 -22.22 -45.19 -23.80
CA ASN B 335 -20.89 -45.23 -24.32
C ASN B 335 -20.06 -46.32 -23.65
N ARG B 336 -20.59 -46.93 -22.59
CA ARG B 336 -19.87 -47.98 -21.86
C ARG B 336 -20.61 -49.26 -21.96
N ASP B 337 -21.53 -49.35 -22.93
CA ASP B 337 -22.40 -50.55 -23.11
C ASP B 337 -21.52 -51.64 -23.75
N GLN B 338 -21.42 -52.81 -23.08
CA GLN B 338 -20.60 -53.93 -23.60
C GLN B 338 -21.10 -54.49 -24.91
N ALA B 339 -22.39 -54.29 -25.22
CA ALA B 339 -23.01 -54.84 -26.46
C ALA B 339 -22.59 -54.02 -27.67
N GLN B 340 -22.18 -52.79 -27.43
CA GLN B 340 -21.78 -51.93 -28.55
C GLN B 340 -20.26 -51.80 -28.65
N PHE B 341 -19.55 -51.83 -27.51
CA PHE B 341 -18.14 -51.55 -27.50
C PHE B 341 -17.37 -52.74 -26.89
N PRO B 342 -16.64 -53.52 -27.71
CA PRO B 342 -15.92 -54.62 -27.10
C PRO B 342 -15.03 -54.18 -26.01
N ASP B 343 -15.13 -54.93 -24.90
CA ASP B 343 -14.38 -54.53 -23.65
C ASP B 343 -14.57 -53.06 -23.34
N ALA B 344 -15.82 -52.67 -23.10
CA ALA B 344 -16.19 -51.25 -23.04
C ALA B 344 -15.50 -50.42 -21.96
N ASP B 345 -15.11 -51.10 -20.86
CA ASP B 345 -14.41 -50.35 -19.76
C ASP B 345 -12.91 -50.12 -19.96
N ARG B 346 -12.34 -50.70 -20.99
CA ARG B 346 -10.96 -50.49 -21.33
C ARG B 346 -10.79 -49.20 -22.13
N ILE B 347 -9.80 -48.38 -21.80
CA ILE B 347 -9.56 -47.18 -22.64
C ILE B 347 -8.50 -47.61 -23.69
N ASP B 348 -8.90 -47.62 -24.96
CA ASP B 348 -8.00 -48.08 -26.01
C ASP B 348 -7.94 -46.98 -27.08
N VAL B 349 -6.82 -46.24 -27.10
CA VAL B 349 -6.72 -45.08 -27.95
C VAL B 349 -6.88 -45.41 -29.42
N ASP B 350 -6.68 -46.67 -29.81
CA ASP B 350 -6.74 -47.13 -31.19
C ASP B 350 -8.12 -47.65 -31.49
N ARG B 351 -9.07 -47.50 -30.56
CA ARG B 351 -10.33 -48.17 -30.72
C ARG B 351 -10.98 -47.77 -32.03
N THR B 352 -11.44 -48.76 -32.78
CA THR B 352 -12.21 -48.49 -33.98
C THR B 352 -13.05 -49.73 -34.19
N PRO B 353 -14.33 -49.61 -34.62
CA PRO B 353 -15.07 -48.34 -34.79
C PRO B 353 -15.31 -47.71 -33.36
N ASN B 354 -15.69 -46.44 -33.33
CA ASN B 354 -15.97 -45.77 -32.08
C ASN B 354 -17.10 -44.78 -32.33
N GLN B 355 -18.30 -45.29 -32.55
CA GLN B 355 -19.44 -44.41 -32.87
C GLN B 355 -20.18 -44.02 -31.55
N HIS B 356 -19.48 -43.27 -30.71
CA HIS B 356 -19.97 -42.95 -29.38
C HIS B 356 -20.98 -41.80 -29.44
N LEU B 357 -21.67 -41.62 -28.31
CA LEU B 357 -22.71 -40.61 -28.16
C LEU B 357 -22.28 -39.48 -27.25
N GLY B 358 -20.98 -39.31 -27.12
CA GLY B 358 -20.44 -38.26 -26.21
C GLY B 358 -20.72 -36.84 -26.64
N PHE B 359 -21.05 -36.64 -27.94
CA PHE B 359 -21.46 -35.32 -28.46
C PHE B 359 -22.95 -35.41 -28.82
N GLY B 360 -23.64 -36.39 -28.25
CA GLY B 360 -25.08 -36.52 -28.44
C GLY B 360 -25.39 -37.19 -29.79
N HIS B 361 -26.64 -37.06 -30.24
CA HIS B 361 -27.16 -37.80 -31.39
C HIS B 361 -28.52 -37.16 -31.79
N GLY B 362 -28.86 -37.16 -33.07
CA GLY B 362 -30.18 -36.69 -33.49
C GLY B 362 -30.07 -35.21 -33.73
N VAL B 363 -31.23 -34.53 -33.78
CA VAL B 363 -31.22 -33.15 -34.25
C VAL B 363 -30.48 -32.20 -33.29
N HIS B 364 -30.47 -32.56 -31.99
CA HIS B 364 -29.64 -31.79 -31.04
C HIS B 364 -28.17 -32.17 -30.90
N HIS B 365 -27.64 -33.06 -31.76
N HIS B 365 -27.63 -33.03 -31.78
CA HIS B 365 -26.21 -33.41 -31.74
CA HIS B 365 -26.21 -33.39 -31.70
C HIS B 365 -25.39 -32.13 -31.56
C HIS B 365 -25.36 -32.13 -31.58
N CYS B 366 -24.39 -32.18 -30.67
CA CYS B 366 -23.52 -31.04 -30.38
C CYS B 366 -23.10 -30.22 -31.62
N LEU B 367 -23.58 -28.99 -31.71
N LEU B 367 -23.63 -29.00 -31.68
CA LEU B 367 -23.28 -28.09 -32.80
CA LEU B 367 -23.31 -27.96 -32.66
C LEU B 367 -21.83 -27.52 -32.74
C LEU B 367 -21.81 -27.65 -32.74
N GLY B 368 -21.17 -27.66 -31.59
CA GLY B 368 -19.81 -27.21 -31.47
C GLY B 368 -18.76 -28.34 -31.54
N ALA B 369 -19.17 -29.57 -31.82
CA ALA B 369 -18.27 -30.70 -31.62
C ALA B 369 -16.99 -30.60 -32.51
N PRO B 370 -17.08 -30.03 -33.73
CA PRO B 370 -15.78 -29.99 -34.48
C PRO B 370 -14.79 -29.09 -33.74
N LEU B 371 -15.29 -27.99 -33.18
CA LEU B 371 -14.37 -27.07 -32.45
C LEU B 371 -13.95 -27.69 -31.10
N ALA B 372 -14.90 -28.31 -30.40
CA ALA B 372 -14.53 -29.03 -29.17
C ALA B 372 -13.36 -29.99 -29.45
N ARG B 373 -13.48 -30.74 -30.54
CA ARG B 373 -12.45 -31.76 -30.91
C ARG B 373 -11.09 -31.08 -31.10
N VAL B 374 -11.09 -30.00 -31.85
CA VAL B 374 -9.93 -29.16 -32.03
C VAL B 374 -9.33 -28.73 -30.69
N GLU B 375 -10.15 -28.17 -29.80
CA GLU B 375 -9.63 -27.69 -28.49
C GLU B 375 -9.06 -28.82 -27.69
N LEU B 376 -9.75 -29.96 -27.67
CA LEU B 376 -9.30 -31.09 -26.85
C LEU B 376 -8.00 -31.65 -27.36
N GLN B 377 -7.90 -31.75 -28.69
CA GLN B 377 -6.68 -32.21 -29.33
C GLN B 377 -5.50 -31.27 -29.03
N VAL B 378 -5.73 -29.98 -29.20
CA VAL B 378 -4.74 -28.93 -28.90
C VAL B 378 -4.32 -28.89 -27.42
N ALA B 379 -5.29 -28.98 -26.50
CA ALA B 379 -4.94 -29.15 -25.08
C ALA B 379 -3.95 -30.31 -24.84
N LEU B 380 -4.27 -31.53 -25.28
CA LEU B 380 -3.38 -32.63 -25.08
C LEU B 380 -2.04 -32.45 -25.82
N GLU B 381 -2.09 -31.94 -27.06
CA GLU B 381 -0.86 -31.73 -27.85
C GLU B 381 0.12 -30.78 -27.17
N VAL B 382 -0.36 -29.59 -26.81
CA VAL B 382 0.49 -28.57 -26.23
C VAL B 382 1.00 -28.99 -24.80
N LEU B 383 0.10 -29.45 -23.94
CA LEU B 383 0.56 -29.94 -22.64
C LEU B 383 1.58 -31.03 -22.73
N LEU B 384 1.37 -31.94 -23.65
CA LEU B 384 2.31 -33.01 -23.81
C LEU B 384 3.65 -32.56 -24.43
N GLN B 385 3.62 -31.65 -25.39
N GLN B 385 3.63 -31.61 -25.36
CA GLN B 385 4.87 -31.11 -25.94
CA GLN B 385 4.89 -31.09 -25.95
C GLN B 385 5.58 -30.36 -24.79
C GLN B 385 5.63 -30.17 -24.99
N ARG B 386 4.89 -29.39 -24.22
CA ARG B 386 5.49 -28.43 -23.28
C ARG B 386 5.89 -29.01 -21.94
N LEU B 387 5.14 -30.02 -21.48
CA LEU B 387 5.18 -30.48 -20.08
C LEU B 387 5.08 -32.00 -20.07
N PRO B 388 6.03 -32.74 -20.72
CA PRO B 388 5.83 -34.18 -20.92
C PRO B 388 5.81 -34.96 -19.63
N GLY B 389 6.39 -34.40 -18.57
CA GLY B 389 6.44 -35.08 -17.28
C GLY B 389 5.36 -34.62 -16.34
N ILE B 390 4.39 -33.81 -16.81
CA ILE B 390 3.21 -33.37 -16.03
C ILE B 390 2.57 -34.56 -15.23
N ARG B 391 2.35 -34.34 -13.94
CA ARG B 391 1.85 -35.40 -13.07
C ARG B 391 1.21 -34.67 -11.90
N LEU B 392 0.43 -35.38 -11.09
CA LEU B 392 -0.14 -34.74 -9.88
C LEU B 392 0.99 -34.36 -8.89
N GLY B 393 0.84 -33.20 -8.26
CA GLY B 393 1.68 -32.76 -7.18
C GLY B 393 0.88 -32.75 -5.87
N ILE B 394 0.06 -33.81 -5.71
CA ILE B 394 -0.60 -34.27 -4.48
C ILE B 394 -1.06 -35.68 -4.76
N PRO B 395 -1.32 -36.48 -3.72
CA PRO B 395 -1.80 -37.85 -3.97
C PRO B 395 -3.21 -37.84 -4.56
N GLU B 396 -3.50 -38.83 -5.41
CA GLU B 396 -4.83 -38.96 -6.06
C GLU B 396 -6.01 -38.89 -5.07
N THR B 397 -5.86 -39.61 -3.96
CA THR B 397 -6.87 -39.67 -2.90
C THR B 397 -7.10 -38.30 -2.26
N GLN B 398 -6.25 -37.32 -2.54
CA GLN B 398 -6.45 -36.01 -1.93
C GLN B 398 -7.14 -35.00 -2.83
N LEU B 399 -7.37 -35.36 -4.10
CA LEU B 399 -8.05 -34.45 -5.02
C LEU B 399 -9.44 -33.94 -4.54
N ARG B 400 -9.72 -32.65 -4.71
CA ARG B 400 -11.09 -32.10 -4.50
C ARG B 400 -11.92 -32.07 -5.81
N TRP B 401 -13.11 -32.69 -5.73
CA TRP B 401 -13.99 -32.90 -6.89
C TRP B 401 -15.16 -31.93 -6.83
N SER B 402 -15.59 -31.47 -8.00
CA SER B 402 -16.66 -30.55 -8.11
C SER B 402 -17.97 -31.14 -7.56
N GLU B 403 -18.66 -30.35 -6.76
CA GLU B 403 -19.99 -30.67 -6.35
C GLU B 403 -21.00 -29.73 -7.00
N GLY B 404 -20.72 -29.27 -8.21
CA GLY B 404 -21.73 -28.52 -8.96
C GLY B 404 -22.93 -29.33 -9.39
N MET B 405 -22.78 -30.65 -9.40
CA MET B 405 -23.87 -31.65 -9.67
C MET B 405 -24.35 -31.73 -11.14
N LEU B 406 -23.72 -31.03 -12.04
CA LEU B 406 -24.05 -31.13 -13.50
C LEU B 406 -23.01 -32.00 -14.22
N LEU B 407 -21.75 -31.60 -14.12
CA LEU B 407 -20.65 -32.41 -14.76
C LEU B 407 -19.68 -32.83 -13.65
N ARG B 408 -18.95 -33.89 -13.92
CA ARG B 408 -17.90 -34.33 -13.01
C ARG B 408 -16.50 -33.93 -13.46
N GLY B 409 -15.77 -33.33 -12.53
CA GLY B 409 -14.36 -33.12 -12.71
C GLY B 409 -13.73 -32.54 -11.43
N PRO B 410 -12.38 -32.51 -11.40
CA PRO B 410 -11.64 -31.94 -10.25
C PRO B 410 -11.82 -30.44 -10.16
N LEU B 411 -11.92 -29.96 -8.94
CA LEU B 411 -12.04 -28.52 -8.68
C LEU B 411 -10.69 -27.86 -8.87
N GLU B 412 -9.61 -28.57 -8.55
CA GLU B 412 -8.26 -28.08 -8.71
C GLU B 412 -7.42 -29.24 -9.13
N LEU B 413 -6.44 -28.98 -9.98
CA LEU B 413 -5.52 -30.06 -10.34
C LEU B 413 -4.14 -29.56 -10.14
N PRO B 414 -3.63 -29.64 -8.90
CA PRO B 414 -2.27 -29.13 -8.72
C PRO B 414 -1.32 -30.04 -9.49
N VAL B 415 -0.49 -29.49 -10.38
CA VAL B 415 0.43 -30.33 -11.15
C VAL B 415 1.91 -29.85 -11.03
N VAL B 416 2.81 -30.82 -11.15
CA VAL B 416 4.27 -30.60 -11.30
C VAL B 416 4.74 -31.22 -12.63
N TRP B 417 5.94 -30.81 -13.07
CA TRP B 417 6.55 -31.28 -14.33
C TRP B 417 8.09 -31.27 -14.41
N GLU C 25 28.27 -9.71 30.43
CA GLU C 25 27.21 -9.74 29.36
C GLU C 25 26.97 -8.37 28.61
N PRO C 26 26.84 -7.23 29.34
CA PRO C 26 27.01 -5.95 28.61
C PRO C 26 28.47 -5.77 28.18
N ARG C 27 28.73 -5.16 27.02
CA ARG C 27 30.12 -5.02 26.62
C ARG C 27 30.72 -3.76 27.18
N ALA C 28 32.02 -3.76 27.53
CA ALA C 28 32.68 -2.51 27.98
C ALA C 28 32.63 -1.52 26.83
N TYR C 29 32.36 -0.28 27.19
CA TYR C 29 32.13 0.77 26.19
C TYR C 29 32.85 1.99 26.73
N PRO C 30 33.39 2.84 25.85
CA PRO C 30 33.33 2.89 24.39
C PRO C 30 34.11 1.80 23.68
N PHE C 31 33.85 1.65 22.39
CA PHE C 31 34.59 0.69 21.55
C PHE C 31 35.72 1.41 20.80
N ASN C 32 35.48 2.65 20.37
CA ASN C 32 36.50 3.43 19.62
C ASN C 32 37.81 3.61 20.34
N ASP C 33 38.95 3.44 19.63
CA ASP C 33 40.23 3.75 20.19
C ASP C 33 40.41 5.23 19.96
N VAL C 34 40.72 5.99 21.01
CA VAL C 34 40.89 7.46 20.88
C VAL C 34 42.16 7.89 20.15
N HIS C 35 43.12 6.96 20.00
CA HIS C 35 44.38 7.25 19.32
C HIS C 35 44.24 7.15 17.79
N GLY C 36 43.30 7.93 17.24
CA GLY C 36 43.01 7.79 15.81
C GLY C 36 41.53 8.08 15.51
N LEU C 37 41.11 7.96 14.25
CA LEU C 37 39.73 8.15 13.87
C LEU C 37 39.08 6.90 13.38
N THR C 38 39.72 5.78 13.59
CA THR C 38 39.18 4.52 13.16
C THR C 38 37.84 4.24 13.82
N LEU C 39 36.89 3.73 13.05
CA LEU C 39 35.62 3.25 13.57
C LEU C 39 35.78 1.84 14.10
N ALA C 40 35.52 1.62 15.38
CA ALA C 40 35.73 0.28 15.98
C ALA C 40 34.99 -0.75 15.17
N GLY C 41 35.67 -1.85 14.83
CA GLY C 41 35.00 -3.03 14.23
C GLY C 41 33.77 -3.55 14.92
N ARG C 42 33.69 -3.38 16.24
CA ARG C 42 32.55 -3.92 16.97
C ARG C 42 31.20 -3.32 16.44
N TYR C 43 31.24 -2.06 16.07
CA TYR C 43 30.01 -1.39 15.57
C TYR C 43 29.38 -2.16 14.43
N GLY C 44 30.15 -2.44 13.39
CA GLY C 44 29.66 -3.23 12.28
C GLY C 44 29.15 -4.60 12.60
N GLU C 45 29.82 -5.29 13.53
CA GLU C 45 29.35 -6.57 13.99
C GLU C 45 27.97 -6.47 14.67
N LEU C 46 27.85 -5.49 15.57
CA LEU C 46 26.53 -5.21 16.25
C LEU C 46 25.44 -4.75 15.27
N GLN C 47 25.78 -3.83 14.33
CA GLN C 47 24.81 -3.51 13.25
C GLN C 47 24.25 -4.74 12.62
N GLU C 48 25.08 -5.78 12.50
CA GLU C 48 24.64 -7.05 11.88
C GLU C 48 23.93 -8.05 12.87
N THR C 49 24.49 -8.33 14.01
CA THR C 49 23.99 -9.44 14.82
C THR C 49 23.17 -8.95 16.02
N GLU C 50 23.41 -7.72 16.49
CA GLU C 50 22.79 -7.24 17.74
C GLU C 50 22.67 -5.72 17.69
N PRO C 51 21.75 -5.24 16.84
CA PRO C 51 21.73 -3.79 16.62
C PRO C 51 21.23 -2.91 17.83
N VAL C 52 20.54 -3.55 18.78
CA VAL C 52 20.20 -2.90 20.08
C VAL C 52 20.86 -3.76 21.16
N SER C 53 21.92 -3.26 21.79
CA SER C 53 22.73 -4.13 22.64
C SER C 53 22.99 -3.41 23.96
N ARG C 54 23.67 -4.07 24.92
CA ARG C 54 23.86 -3.50 26.27
C ARG C 54 25.29 -3.15 26.41
N VAL C 55 25.57 -2.03 27.00
CA VAL C 55 26.93 -1.61 27.16
C VAL C 55 27.12 -1.14 28.61
N ARG C 56 28.35 -1.26 29.09
CA ARG C 56 28.77 -0.73 30.40
C ARG C 56 29.83 0.33 30.16
N PRO C 57 29.48 1.61 30.44
CA PRO C 57 30.39 2.72 30.27
C PRO C 57 31.37 2.82 31.45
N PRO C 58 32.46 3.59 31.31
CA PRO C 58 33.42 3.82 32.37
C PRO C 58 32.74 4.44 33.57
N TYR C 59 31.83 5.41 33.34
CA TYR C 59 31.06 6.08 34.45
C TYR C 59 29.60 6.10 34.10
N GLY C 60 28.75 6.06 35.14
CA GLY C 60 27.31 6.18 34.93
C GLY C 60 26.73 4.81 34.70
N GLU C 61 25.42 4.77 34.47
CA GLU C 61 24.68 3.50 34.31
C GLU C 61 24.98 2.70 33.05
N GLU C 62 24.70 1.40 33.11
CA GLU C 62 24.65 0.56 31.92
C GLU C 62 23.49 1.07 31.05
N ALA C 63 23.60 0.86 29.74
CA ALA C 63 22.65 1.46 28.83
C ALA C 63 22.49 0.59 27.61
N TRP C 64 21.47 0.93 26.82
CA TRP C 64 21.32 0.31 25.52
C TRP C 64 22.17 1.06 24.53
N LEU C 65 22.71 0.33 23.58
CA LEU C 65 23.46 0.98 22.47
C LEU C 65 22.72 0.65 21.16
N VAL C 66 22.43 1.70 20.37
CA VAL C 66 21.73 1.55 19.09
C VAL C 66 22.67 2.03 17.99
N THR C 67 22.81 1.23 16.94
CA THR C 67 23.88 1.40 16.00
C THR C 67 23.44 1.47 14.51
N ARG C 68 22.26 0.96 14.17
CA ARG C 68 21.81 1.09 12.75
C ARG C 68 21.32 2.52 12.46
N TYR C 69 21.62 3.03 11.28
CA TYR C 69 21.13 4.35 10.83
C TYR C 69 19.65 4.52 11.06
N GLU C 70 18.82 3.54 10.70
CA GLU C 70 17.37 3.76 10.82
C GLU C 70 16.95 3.88 12.32
N ASP C 71 17.60 3.10 13.18
CA ASP C 71 17.24 3.03 14.58
C ASP C 71 17.81 4.24 15.32
N VAL C 72 19.05 4.60 15.01
CA VAL C 72 19.62 5.83 15.54
C VAL C 72 18.69 7.01 15.18
N ARG C 73 18.29 7.09 13.90
N ARG C 73 18.29 7.09 13.90
CA ARG C 73 17.42 8.17 13.45
CA ARG C 73 17.42 8.16 13.46
C ARG C 73 16.08 8.16 14.19
C ARG C 73 16.14 8.14 14.28
N ALA C 74 15.48 6.98 14.33
CA ALA C 74 14.22 6.82 15.01
C ALA C 74 14.30 7.25 16.48
N VAL C 75 15.35 6.84 17.20
CA VAL C 75 15.57 7.29 18.58
C VAL C 75 15.69 8.80 18.76
N LEU C 76 16.53 9.45 17.94
CA LEU C 76 16.70 10.88 18.06
C LEU C 76 15.44 11.66 17.63
N GLY C 77 14.57 11.03 16.85
CA GLY C 77 13.37 11.68 16.31
C GLY C 77 12.09 11.34 17.07
N ASP C 78 12.14 10.48 18.10
CA ASP C 78 10.91 9.91 18.60
C ASP C 78 10.52 10.66 19.90
N GLY C 79 9.26 11.12 19.99
CA GLY C 79 8.76 11.77 21.23
C GLY C 79 8.92 10.99 22.56
N ARG C 80 8.95 9.66 22.47
CA ARG C 80 9.10 8.84 23.67
C ARG C 80 10.54 8.81 24.23
N PHE C 81 11.50 9.48 23.60
CA PHE C 81 12.89 9.50 24.08
C PHE C 81 13.29 10.91 24.43
N VAL C 82 13.46 11.16 25.72
CA VAL C 82 13.71 12.48 26.27
C VAL C 82 15.08 12.71 26.90
N ARG C 83 15.43 13.98 27.06
CA ARG C 83 16.69 14.38 27.66
C ARG C 83 16.55 14.92 29.09
N GLY C 84 15.35 15.36 29.48
CA GLY C 84 15.13 15.97 30.86
C GLY C 84 15.70 15.13 32.01
N PRO C 85 15.50 13.78 31.97
CA PRO C 85 16.04 13.01 33.12
C PRO C 85 17.53 13.16 33.20
N SER C 86 18.18 13.67 32.14
CA SER C 86 19.62 13.85 32.27
C SER C 86 19.99 14.60 33.60
N MET C 87 19.15 15.55 33.99
CA MET C 87 19.48 16.43 35.13
C MET C 87 19.45 15.65 36.46
N THR C 88 18.80 14.49 36.53
CA THR C 88 18.62 13.74 37.77
C THR C 88 19.01 12.25 37.66
N ARG C 89 19.86 11.95 36.65
CA ARG C 89 20.32 10.59 36.45
C ARG C 89 21.83 10.53 36.29
N ASP C 90 22.38 9.34 36.50
CA ASP C 90 23.84 9.20 36.46
C ASP C 90 24.14 8.77 35.01
N GLU C 91 24.49 9.71 34.14
CA GLU C 91 24.49 9.41 32.68
C GLU C 91 25.66 8.52 32.30
N PRO C 92 25.40 7.56 31.45
CA PRO C 92 26.48 6.75 30.84
C PRO C 92 27.43 7.73 30.22
N ARG C 93 28.73 7.66 30.54
CA ARG C 93 29.67 8.70 30.08
C ARG C 93 31.13 8.22 30.14
N THR C 94 32.08 9.02 29.65
CA THR C 94 33.50 8.62 29.68
C THR C 94 34.36 9.37 30.70
N ARG C 95 33.84 10.38 31.37
CA ARG C 95 34.63 11.15 32.35
C ARG C 95 33.92 11.23 33.69
N PRO C 96 34.68 11.36 34.81
CA PRO C 96 33.97 11.34 36.12
C PRO C 96 33.00 12.52 36.33
N GLU C 97 33.38 13.71 35.90
CA GLU C 97 32.50 14.87 36.14
C GLU C 97 31.35 14.88 35.13
N MET C 98 30.18 15.38 35.54
CA MET C 98 29.03 15.49 34.60
C MET C 98 28.84 16.96 34.23
N VAL C 99 28.77 17.25 32.93
CA VAL C 99 28.50 18.58 32.42
C VAL C 99 27.02 18.62 32.03
N LYS C 100 26.21 19.42 32.71
CA LYS C 100 24.78 19.27 32.58
C LYS C 100 24.11 20.53 32.13
N GLY C 101 22.85 20.44 31.73
CA GLY C 101 22.10 21.65 31.46
C GLY C 101 22.27 22.08 30.00
N GLY C 102 21.78 23.29 29.68
CA GLY C 102 21.83 23.80 28.30
C GLY C 102 20.63 23.32 27.52
N LEU C 103 20.47 23.78 26.28
CA LEU C 103 19.30 23.31 25.45
C LEU C 103 19.24 21.80 25.37
N LEU C 104 20.41 21.15 25.31
CA LEU C 104 20.46 19.70 25.10
C LEU C 104 19.92 18.89 26.27
N SER C 105 19.75 19.52 27.44
CA SER C 105 19.18 18.83 28.59
C SER C 105 17.65 19.04 28.64
N MET C 106 17.05 19.79 27.69
CA MET C 106 15.62 20.16 27.78
C MET C 106 14.68 19.41 26.85
N ASP C 107 13.41 19.31 27.23
CA ASP C 107 12.42 18.62 26.41
C ASP C 107 11.34 19.64 26.06
N PRO C 108 10.60 19.41 24.97
CA PRO C 108 9.40 20.25 24.65
C PRO C 108 8.51 20.14 25.88
N PRO C 109 7.73 21.21 26.21
CA PRO C 109 7.67 22.47 25.44
C PRO C 109 8.72 23.50 25.82
N GLU C 110 9.41 23.32 26.94
CA GLU C 110 10.39 24.36 27.41
C GLU C 110 11.52 24.49 26.39
N HIS C 111 11.96 23.35 25.86
CA HIS C 111 13.01 23.33 24.86
C HIS C 111 12.49 24.06 23.63
N SER C 112 11.24 23.79 23.26
CA SER C 112 10.66 24.34 22.01
C SER C 112 10.68 25.86 22.05
N ARG C 113 10.25 26.42 23.18
CA ARG C 113 10.19 27.86 23.29
C ARG C 113 11.57 28.54 23.14
N LEU C 114 12.59 27.96 23.79
CA LEU C 114 13.91 28.55 23.72
C LEU C 114 14.48 28.40 22.34
N ARG C 115 14.27 27.26 21.71
CA ARG C 115 14.76 27.09 20.35
C ARG C 115 14.11 28.06 19.34
N ARG C 116 12.81 28.30 19.45
CA ARG C 116 12.11 29.23 18.57
C ARG C 116 12.71 30.62 18.65
N LEU C 117 13.08 31.07 19.86
CA LEU C 117 13.63 32.42 20.02
C LEU C 117 15.03 32.52 19.47
N VAL C 118 15.84 31.47 19.73
CA VAL C 118 17.21 31.45 19.26
C VAL C 118 17.31 31.41 17.74
N VAL C 119 16.58 30.49 17.08
CA VAL C 119 16.70 30.35 15.63
C VAL C 119 16.14 31.54 14.88
N LYS C 120 15.23 32.27 15.53
CA LYS C 120 14.68 33.47 14.97
C LYS C 120 15.78 34.53 14.80
N ALA C 121 16.72 34.59 15.74
CA ALA C 121 17.89 35.45 15.63
C ALA C 121 19.02 34.77 14.84
N PHE C 122 19.32 33.51 15.16
CA PHE C 122 20.50 32.81 14.59
C PHE C 122 20.12 32.09 13.29
N THR C 123 19.93 32.86 12.23
CA THR C 123 19.28 32.36 11.04
C THR C 123 20.33 31.79 10.10
N ALA C 124 19.93 31.05 9.07
CA ALA C 124 20.88 30.55 8.07
C ALA C 124 21.55 31.73 7.35
N ARG C 125 20.78 32.75 7.10
CA ARG C 125 21.35 33.86 6.41
C ARG C 125 22.39 34.61 7.26
N ARG C 126 22.22 34.69 8.58
CA ARG C 126 23.26 35.23 9.44
C ARG C 126 24.53 34.37 9.34
N ALA C 127 24.35 33.04 9.37
CA ALA C 127 25.50 32.15 9.28
C ALA C 127 26.28 32.42 8.01
N GLU C 128 25.58 32.50 6.88
CA GLU C 128 26.30 32.72 5.59
C GLU C 128 26.98 34.12 5.56
N SER C 129 26.33 35.11 6.15
CA SER C 129 26.90 36.49 6.14
C SER C 129 28.28 36.52 6.79
N LEU C 130 28.63 35.46 7.56
CA LEU C 130 29.86 35.44 8.31
C LEU C 130 30.96 34.82 7.48
N ARG C 131 30.62 34.24 6.32
CA ARG C 131 31.68 33.63 5.48
C ARG C 131 32.86 34.54 5.19
N PRO C 132 32.59 35.82 4.76
CA PRO C 132 33.76 36.71 4.48
C PRO C 132 34.70 36.96 5.71
N ARG C 133 34.11 37.26 6.87
CA ARG C 133 34.85 37.45 8.13
C ARG C 133 35.58 36.16 8.54
N ALA C 134 34.90 35.02 8.45
CA ALA C 134 35.56 33.73 8.67
C ALA C 134 36.76 33.60 7.76
N ARG C 135 36.62 33.94 6.47
CA ARG C 135 37.77 33.79 5.56
C ARG C 135 38.91 34.68 5.95
N GLU C 136 38.62 35.92 6.33
CA GLU C 136 39.66 36.85 6.71
C GLU C 136 40.40 36.38 7.97
N ILE C 137 39.66 35.91 8.96
CA ILE C 137 40.32 35.33 10.13
C ILE C 137 41.23 34.15 9.77
N ALA C 138 40.74 33.24 8.93
CA ALA C 138 41.56 32.13 8.44
C ALA C 138 42.85 32.62 7.78
N HIS C 139 42.76 33.67 6.96
CA HIS C 139 43.99 34.24 6.36
C HIS C 139 44.95 34.82 7.40
N GLU C 140 44.44 35.55 8.38
CA GLU C 140 45.28 36.00 9.48
C GLU C 140 46.03 34.83 10.15
N LEU C 141 45.28 33.80 10.58
CA LEU C 141 45.86 32.63 11.21
C LEU C 141 46.96 31.99 10.36
N VAL C 142 46.75 31.93 9.06
CA VAL C 142 47.77 31.40 8.19
C VAL C 142 49.00 32.37 8.13
N ASP C 143 48.76 33.69 8.13
CA ASP C 143 49.87 34.65 8.15
C ASP C 143 50.71 34.32 9.41
N GLN C 144 50.04 34.28 10.58
CA GLN C 144 50.68 34.01 11.87
C GLN C 144 51.50 32.74 11.90
N MET C 145 50.97 31.65 11.33
CA MET C 145 51.74 30.41 11.13
C MET C 145 52.95 30.60 10.21
N ALA C 146 52.72 31.22 9.04
CA ALA C 146 53.83 31.45 8.08
C ALA C 146 55.00 32.24 8.71
N ALA C 147 54.66 33.28 9.49
CA ALA C 147 55.59 34.14 10.23
C ALA C 147 56.59 33.33 11.07
N THR C 148 56.10 32.40 11.89
CA THR C 148 57.00 31.62 12.74
C THR C 148 57.72 30.47 12.02
N GLY C 149 57.33 30.20 10.77
CA GLY C 149 58.09 29.26 9.96
C GLY C 149 57.78 27.83 10.29
N GLN C 150 57.92 26.97 9.28
CA GLN C 150 57.72 25.54 9.39
C GLN C 150 58.66 24.88 10.44
N PRO C 151 58.20 23.79 11.13
CA PRO C 151 56.81 23.31 11.21
C PRO C 151 55.99 24.18 12.16
N ALA C 152 54.73 24.39 11.80
CA ALA C 152 53.80 25.08 12.69
C ALA C 152 52.77 24.04 13.18
N ASP C 153 52.23 24.27 14.36
CA ASP C 153 51.25 23.34 14.87
C ASP C 153 49.86 23.85 14.40
N LEU C 154 49.28 23.18 13.42
CA LEU C 154 47.96 23.53 12.90
C LEU C 154 46.88 23.60 13.99
N VAL C 155 46.97 22.68 14.98
CA VAL C 155 45.99 22.68 16.07
C VAL C 155 46.04 23.96 16.89
N ALA C 156 47.20 24.27 17.49
CA ALA C 156 47.28 25.44 18.38
C ALA C 156 47.09 26.76 17.58
N MET C 157 47.65 26.79 16.40
CA MET C 157 47.69 28.08 15.66
C MET C 157 46.44 28.32 14.80
N PHE C 158 45.76 27.28 14.36
CA PHE C 158 44.61 27.46 13.48
C PHE C 158 43.27 26.86 14.05
N ALA C 159 43.20 25.54 14.29
CA ALA C 159 41.95 24.82 14.65
C ALA C 159 41.36 25.31 15.97
N ARG C 160 42.24 25.64 16.92
CA ARG C 160 41.79 26.12 18.21
C ARG C 160 41.54 27.59 18.19
N GLN C 161 41.84 28.25 17.07
CA GLN C 161 41.72 29.69 16.99
C GLN C 161 40.53 30.14 16.15
N LEU C 162 40.35 29.52 14.98
CA LEU C 162 39.24 29.94 14.08
C LEU C 162 37.83 29.88 14.71
N PRO C 163 37.44 28.75 15.34
CA PRO C 163 36.05 28.67 15.75
C PRO C 163 35.62 29.55 16.87
N VAL C 164 36.53 29.93 17.78
CA VAL C 164 36.15 30.81 18.91
C VAL C 164 36.11 32.26 18.40
N ARG C 165 37.04 32.61 17.51
CA ARG C 165 37.05 33.93 16.88
C ARG C 165 35.81 34.15 15.99
N VAL C 166 35.37 33.13 15.25
CA VAL C 166 34.12 33.27 14.46
C VAL C 166 32.96 33.44 15.43
N ILE C 167 32.98 32.71 16.56
CA ILE C 167 31.94 32.92 17.56
C ILE C 167 31.92 34.36 18.14
N CYS C 168 33.10 34.94 18.34
CA CYS C 168 33.20 36.33 18.73
C CYS C 168 32.48 37.25 17.70
N GLU C 169 32.80 37.06 16.42
CA GLU C 169 32.16 37.77 15.30
C GLU C 169 30.65 37.61 15.32
N LEU C 170 30.19 36.36 15.46
CA LEU C 170 28.77 36.03 15.50
C LEU C 170 28.05 36.77 16.64
N LEU C 171 28.58 36.62 17.88
CA LEU C 171 27.93 37.20 19.05
C LEU C 171 27.96 38.73 19.03
N GLY C 172 29.08 39.30 18.62
CA GLY C 172 29.24 40.76 18.64
C GLY C 172 30.30 41.21 19.60
N VAL C 173 31.24 40.32 19.91
CA VAL C 173 32.36 40.67 20.77
C VAL C 173 33.29 41.60 19.97
N PRO C 174 33.56 42.83 20.51
CA PRO C 174 34.38 43.86 19.84
C PRO C 174 35.73 43.31 19.54
N SER C 175 36.29 43.73 18.43
CA SER C 175 37.58 43.23 17.92
C SER C 175 38.72 43.24 18.98
N ALA C 176 38.76 44.32 19.76
CA ALA C 176 39.74 44.53 20.83
C ALA C 176 39.66 43.42 21.91
N ASP C 177 38.49 42.80 22.01
CA ASP C 177 38.24 41.82 23.04
C ASP C 177 38.41 40.36 22.61
N HIS C 178 38.77 40.12 21.35
CA HIS C 178 38.81 38.77 20.81
C HIS C 178 39.90 37.94 21.49
N ASP C 179 41.05 38.56 21.76
CA ASP C 179 42.16 37.83 22.38
C ASP C 179 41.82 37.36 23.79
N ARG C 180 41.27 38.22 24.64
CA ARG C 180 41.02 37.82 26.00
C ARG C 180 39.88 36.84 26.01
N PHE C 181 38.86 37.12 25.21
CA PHE C 181 37.77 36.16 25.07
C PHE C 181 38.22 34.78 24.60
N THR C 182 39.11 34.73 23.63
CA THR C 182 39.74 33.46 23.24
C THR C 182 40.50 32.77 24.40
N ARG C 183 41.32 33.53 25.09
CA ARG C 183 42.04 33.04 26.27
C ARG C 183 41.09 32.39 27.27
N TRP C 184 40.02 33.07 27.65
CA TRP C 184 39.08 32.50 28.61
C TRP C 184 38.49 31.24 28.04
N SER C 185 38.20 31.25 26.74
CA SER C 185 37.42 30.14 26.17
C SER C 185 38.23 28.88 26.10
N GLY C 186 39.54 29.02 25.95
CA GLY C 186 40.36 27.86 25.77
C GLY C 186 40.42 26.97 26.99
N ALA C 187 39.91 27.48 28.12
CA ALA C 187 39.97 26.75 29.37
C ALA C 187 38.77 25.84 29.50
N PHE C 188 37.82 25.95 28.58
CA PHE C 188 36.62 25.12 28.58
C PHE C 188 36.74 23.86 27.70
N LEU C 189 37.79 23.82 26.89
CA LEU C 189 38.08 22.70 26.02
C LEU C 189 38.39 21.51 26.93
N SER C 190 38.02 20.32 26.45
CA SER C 190 38.17 19.10 27.26
C SER C 190 39.67 18.72 27.31
N THR C 191 40.50 19.34 26.48
CA THR C 191 41.91 19.04 26.40
C THR C 191 42.71 20.02 27.26
N ALA C 192 42.07 20.98 27.91
CA ALA C 192 42.77 21.98 28.68
C ALA C 192 43.48 21.34 29.91
N GLU C 193 44.71 21.80 30.12
CA GLU C 193 45.67 21.35 31.10
C GLU C 193 45.67 22.49 32.13
N VAL C 194 44.65 22.55 32.95
CA VAL C 194 44.54 23.67 33.87
C VAL C 194 43.84 23.14 35.11
N THR C 195 44.13 23.77 36.24
CA THR C 195 43.48 23.42 37.49
C THR C 195 42.01 23.84 37.42
N ALA C 196 41.17 23.21 38.22
CA ALA C 196 39.77 23.61 38.38
C ALA C 196 39.58 25.11 38.71
N GLU C 197 40.44 25.65 39.58
CA GLU C 197 40.41 27.05 39.98
C GLU C 197 40.64 27.97 38.76
N GLU C 198 41.66 27.65 37.99
CA GLU C 198 42.03 28.39 36.78
C GLU C 198 40.81 28.43 35.83
N MET C 199 40.16 27.27 35.68
CA MET C 199 39.06 27.12 34.76
C MET C 199 37.83 27.86 35.26
N GLN C 200 37.55 27.74 36.57
CA GLN C 200 36.55 28.55 37.24
C GLN C 200 36.73 30.07 37.12
N GLU C 201 37.95 30.57 37.30
CA GLU C 201 38.23 31.99 37.04
C GLU C 201 37.93 32.34 35.55
N ALA C 202 38.37 31.52 34.60
CA ALA C 202 38.06 31.79 33.17
C ALA C 202 36.54 31.82 32.89
N ALA C 203 35.78 30.88 33.47
CA ALA C 203 34.30 30.88 33.40
C ALA C 203 33.65 32.08 34.06
N GLU C 204 34.17 32.58 35.17
CA GLU C 204 33.48 33.77 35.73
C GLU C 204 33.75 35.00 34.83
N GLN C 205 34.98 35.11 34.31
N GLN C 205 34.96 35.07 34.28
CA GLN C 205 35.30 36.22 33.42
CA GLN C 205 35.34 36.19 33.42
C GLN C 205 34.30 36.18 32.26
C GLN C 205 34.53 36.21 32.12
N ALA C 206 34.22 35.02 31.60
CA ALA C 206 33.39 34.86 30.37
C ALA C 206 31.91 35.16 30.62
N TYR C 207 31.35 34.61 31.70
CA TYR C 207 29.99 34.99 32.11
C TYR C 207 29.81 36.47 32.40
N ALA C 208 30.67 37.05 33.24
CA ALA C 208 30.56 38.49 33.55
C ALA C 208 30.67 39.30 32.26
N TYR C 209 31.68 39.00 31.45
CA TYR C 209 31.83 39.72 30.18
C TYR C 209 30.57 39.64 29.31
N MET C 210 29.97 38.45 29.21
CA MET C 210 28.86 38.21 28.30
C MET C 210 27.60 38.87 28.81
N GLY C 211 27.39 38.79 30.13
CA GLY C 211 26.34 39.53 30.82
C GLY C 211 26.35 41.01 30.51
N ASP C 212 27.55 41.58 30.56
CA ASP C 212 27.77 43.01 30.25
C ASP C 212 27.50 43.39 28.79
N LEU C 213 28.08 42.61 27.88
CA LEU C 213 27.85 42.73 26.43
C LEU C 213 26.35 42.72 26.10
N ILE C 214 25.62 41.73 26.63
CA ILE C 214 24.15 41.68 26.53
C ILE C 214 23.46 42.97 27.01
N ASP C 215 23.89 43.51 28.17
CA ASP C 215 23.23 44.71 28.72
C ASP C 215 23.47 45.94 27.84
N ARG C 216 24.71 46.09 27.35
CA ARG C 216 25.15 47.10 26.38
C ARG C 216 24.27 47.04 25.15
N ARG C 217 24.12 45.80 24.63
CA ARG C 217 23.35 45.60 23.42
C ARG C 217 21.87 45.86 23.61
N ARG C 218 21.33 45.59 24.79
CA ARG C 218 19.90 45.84 24.99
C ARG C 218 19.55 47.34 24.81
N LYS C 219 20.46 48.19 25.22
CA LYS C 219 20.16 49.58 25.37
C LYS C 219 20.68 50.26 24.11
N GLU C 220 21.74 49.72 23.49
CA GLU C 220 22.23 50.21 22.17
C GLU C 220 22.44 49.05 21.12
N PRO C 221 21.36 48.55 20.52
CA PRO C 221 21.47 47.33 19.66
C PRO C 221 22.31 47.54 18.41
N THR C 222 23.08 46.52 18.01
CA THR C 222 23.79 46.57 16.73
C THR C 222 23.22 45.47 15.80
N ASP C 223 24.04 44.98 14.87
CA ASP C 223 23.63 43.96 13.90
C ASP C 223 24.03 42.52 14.29
N ASP C 224 24.69 42.35 15.46
CA ASP C 224 25.26 41.05 15.90
C ASP C 224 24.18 40.13 16.53
N LEU C 225 24.51 38.85 16.76
CA LEU C 225 23.52 37.92 17.29
C LEU C 225 23.01 38.33 18.67
N VAL C 226 23.88 38.82 19.55
CA VAL C 226 23.40 39.21 20.89
C VAL C 226 22.26 40.24 20.78
N SER C 227 22.50 41.27 19.98
CA SER C 227 21.43 42.31 19.71
C SER C 227 20.15 41.67 19.29
N ALA C 228 20.25 40.80 18.27
CA ALA C 228 19.05 40.14 17.72
C ALA C 228 18.44 39.15 18.71
N LEU C 229 19.25 38.58 19.59
CA LEU C 229 18.67 37.66 20.59
C LEU C 229 17.85 38.46 21.60
N VAL C 230 18.38 39.60 22.04
CA VAL C 230 17.64 40.47 22.93
C VAL C 230 16.32 40.89 22.27
N GLN C 231 16.35 41.15 20.96
CA GLN C 231 15.12 41.68 20.30
C GLN C 231 14.09 40.60 19.93
N ALA C 232 14.51 39.32 19.90
CA ALA C 232 13.64 38.18 19.55
C ALA C 232 12.36 38.14 20.37
N ARG C 233 11.22 38.08 19.65
CA ARG C 233 9.92 37.94 20.28
C ARG C 233 9.24 36.78 19.60
N ASP C 234 8.35 36.12 20.31
CA ASP C 234 7.63 35.02 19.75
C ASP C 234 6.28 34.97 20.43
N GLN C 235 5.26 35.48 19.73
CA GLN C 235 3.91 35.46 20.24
C GLN C 235 3.97 36.03 21.67
N GLN C 236 4.55 37.24 21.74
CA GLN C 236 4.65 38.05 22.97
C GLN C 236 5.81 37.62 23.91
N ASP C 237 6.28 36.38 23.77
CA ASP C 237 7.45 35.90 24.53
C ASP C 237 8.80 36.52 24.15
N SER C 238 9.71 36.58 25.11
CA SER C 238 11.06 37.06 24.84
C SER C 238 11.99 36.29 25.73
N LEU C 239 13.28 36.45 25.51
CA LEU C 239 14.29 35.75 26.34
C LEU C 239 14.62 36.59 27.58
N SER C 240 14.51 36.01 28.78
CA SER C 240 14.95 36.67 30.01
C SER C 240 16.45 36.94 30.04
N GLU C 241 16.85 37.72 31.04
CA GLU C 241 18.25 38.13 31.23
C GLU C 241 19.19 36.91 31.40
N GLN C 242 18.76 35.97 32.26
CA GLN C 242 19.50 34.77 32.52
C GLN C 242 19.54 33.85 31.25
N GLU C 243 18.39 33.71 30.59
CA GLU C 243 18.28 32.90 29.36
C GLU C 243 19.25 33.36 28.32
N LEU C 244 19.26 34.67 28.08
CA LEU C 244 20.18 35.28 27.16
C LEU C 244 21.60 34.93 27.49
N LEU C 245 21.92 35.00 28.78
CA LEU C 245 23.28 34.69 29.17
C LEU C 245 23.61 33.20 29.03
N ASP C 246 22.72 32.34 29.46
CA ASP C 246 22.98 30.92 29.39
C ASP C 246 23.04 30.49 27.92
N LEU C 247 22.17 31.04 27.07
CA LEU C 247 22.18 30.65 25.64
C LEU C 247 23.43 31.11 24.95
N ALA C 248 23.90 32.31 25.23
CA ALA C 248 25.13 32.81 24.56
C ALA C 248 26.38 32.00 24.95
N ILE C 249 26.52 31.74 26.24
CA ILE C 249 27.59 30.83 26.66
C ILE C 249 27.40 29.42 26.10
N GLY C 250 26.16 28.94 26.06
CA GLY C 250 25.87 27.62 25.48
C GLY C 250 26.29 27.53 24.00
N LEU C 251 26.03 28.59 23.21
CA LEU C 251 26.55 28.61 21.80
C LEU C 251 28.05 28.53 21.71
N LEU C 252 28.72 29.29 22.57
CA LEU C 252 30.16 29.23 22.64
C LEU C 252 30.63 27.81 22.86
N VAL C 253 30.11 27.15 23.89
N VAL C 253 30.08 27.17 23.89
CA VAL C 253 30.68 25.82 24.24
CA VAL C 253 30.63 25.86 24.26
C VAL C 253 30.26 24.73 23.26
C VAL C 253 30.26 24.77 23.26
N ALA C 254 29.03 24.83 22.73
CA ALA C 254 28.60 23.86 21.69
C ALA C 254 29.39 24.07 20.39
N GLY C 255 29.85 25.30 20.17
CA GLY C 255 30.34 25.66 18.89
C GLY C 255 31.83 25.75 18.74
N TYR C 256 32.50 25.75 19.89
CA TYR C 256 33.95 25.85 19.88
C TYR C 256 34.66 24.52 19.71
N GLU C 257 34.67 23.66 20.74
CA GLU C 257 35.52 22.46 20.68
C GLU C 257 35.13 21.55 19.51
N SER C 258 33.81 21.46 19.26
N SER C 258 33.83 21.42 19.24
CA SER C 258 33.30 20.62 18.19
CA SER C 258 33.43 20.52 18.16
C SER C 258 33.97 20.97 16.85
C SER C 258 34.02 20.97 16.81
N THR C 259 33.86 22.25 16.47
CA THR C 259 34.36 22.76 15.21
C THR C 259 35.91 22.64 15.12
N THR C 260 36.59 23.01 16.21
CA THR C 260 38.07 22.89 16.32
C THR C 260 38.56 21.51 16.07
N THR C 261 37.87 20.54 16.66
CA THR C 261 38.30 19.18 16.50
C THR C 261 38.06 18.62 15.08
N GLN C 262 36.94 19.03 14.48
CA GLN C 262 36.57 18.59 13.16
C GLN C 262 37.50 19.28 12.15
N ILE C 263 37.89 20.52 12.39
CA ILE C 263 38.89 21.12 11.46
C ILE C 263 40.21 20.31 11.47
N ALA C 264 40.69 20.03 12.69
CA ALA C 264 41.86 19.20 12.84
C ALA C 264 41.77 17.86 12.11
N ASP C 265 40.65 17.18 12.32
CA ASP C 265 40.43 15.87 11.75
C ASP C 265 40.35 15.89 10.21
N PHE C 266 39.64 16.87 9.67
CA PHE C 266 39.51 16.97 8.24
C PHE C 266 40.89 17.22 7.61
N VAL C 267 41.70 18.10 8.20
CA VAL C 267 43.02 18.47 7.63
C VAL C 267 44.02 17.33 7.82
N TYR C 268 43.92 16.63 8.95
CA TYR C 268 44.62 15.35 9.15
C TYR C 268 44.35 14.33 8.02
N LEU C 269 43.07 14.16 7.67
CA LEU C 269 42.66 13.34 6.60
C LEU C 269 43.17 13.91 5.26
N LEU C 270 43.08 15.22 5.06
CA LEU C 270 43.52 15.77 3.78
C LEU C 270 45.04 15.51 3.60
N MET C 271 45.80 15.63 4.70
CA MET C 271 47.28 15.47 4.65
C MET C 271 47.72 14.03 4.52
N THR C 272 46.86 13.06 4.88
CA THR C 272 47.29 11.68 4.87
C THR C 272 46.63 10.83 3.79
N ARG C 273 45.72 11.45 3.02
CA ARG C 273 45.01 10.80 1.91
C ARG C 273 45.18 11.66 0.67
N PRO C 274 46.28 11.44 -0.08
CA PRO C 274 46.66 12.25 -1.26
C PRO C 274 45.50 12.52 -2.21
N GLU C 275 44.66 11.51 -2.44
CA GLU C 275 43.59 11.57 -3.41
C GLU C 275 42.50 12.51 -2.96
N LEU C 276 42.31 12.65 -1.65
CA LEU C 276 41.37 13.66 -1.17
C LEU C 276 41.92 15.02 -1.42
N ARG C 277 43.20 15.24 -1.06
CA ARG C 277 43.77 16.58 -1.22
C ARG C 277 43.73 17.02 -2.71
N ARG C 278 44.04 16.07 -3.59
CA ARG C 278 44.15 16.35 -5.01
C ARG C 278 42.79 16.69 -5.62
N GLN C 279 41.75 15.96 -5.20
CA GLN C 279 40.42 16.26 -5.72
C GLN C 279 39.97 17.67 -5.33
N LEU C 280 40.35 18.12 -4.14
CA LEU C 280 39.89 19.44 -3.70
C LEU C 280 40.72 20.60 -4.28
N LEU C 281 42.01 20.34 -4.52
CA LEU C 281 42.88 21.33 -5.20
C LEU C 281 42.44 21.43 -6.70
N ASP C 282 42.08 20.31 -7.33
CA ASP C 282 41.69 20.42 -8.72
C ASP C 282 40.37 21.10 -8.87
N ARG C 283 39.46 20.82 -7.94
CA ARG C 283 38.12 21.41 -7.97
C ARG C 283 37.67 21.90 -6.58
N PRO C 284 38.10 23.10 -6.15
CA PRO C 284 37.65 23.64 -4.85
C PRO C 284 36.13 23.78 -4.73
N GLU C 285 35.42 23.70 -5.86
CA GLU C 285 33.97 23.78 -5.80
C GLU C 285 33.38 22.53 -5.10
N LEU C 286 34.16 21.42 -5.06
CA LEU C 286 33.77 20.16 -4.33
C LEU C 286 33.84 20.30 -2.80
N ILE C 287 34.40 21.39 -2.31
CA ILE C 287 34.62 21.52 -0.85
C ILE C 287 33.35 21.40 0.05
N PRO C 288 32.25 22.05 -0.32
CA PRO C 288 31.03 21.89 0.46
C PRO C 288 30.55 20.47 0.52
N SER C 289 30.60 19.74 -0.61
CA SER C 289 30.22 18.33 -0.60
C SER C 289 31.25 17.46 0.19
N ALA C 290 32.53 17.85 0.16
CA ALA C 290 33.59 17.06 0.80
C ALA C 290 33.39 17.21 2.33
N VAL C 291 33.05 18.43 2.75
CA VAL C 291 32.65 18.74 4.14
C VAL C 291 31.50 17.86 4.65
N GLU C 292 30.43 17.70 3.86
CA GLU C 292 29.36 16.79 4.21
C GLU C 292 29.84 15.32 4.28
N GLU C 293 30.62 14.90 3.28
CA GLU C 293 31.12 13.53 3.32
C GLU C 293 32.06 13.24 4.53
N LEU C 294 32.94 14.20 4.86
CA LEU C 294 33.87 14.02 6.01
C LEU C 294 33.10 14.12 7.35
N THR C 295 31.99 14.85 7.35
CA THR C 295 31.18 14.95 8.57
C THR C 295 30.48 13.60 8.73
N ARG C 296 30.00 13.02 7.63
CA ARG C 296 29.49 11.64 7.68
C ARG C 296 30.56 10.60 8.16
N TRP C 297 31.70 10.64 7.50
CA TRP C 297 32.65 9.55 7.64
C TRP C 297 33.39 9.58 8.97
N VAL C 298 33.81 10.75 9.44
CA VAL C 298 34.57 10.83 10.70
C VAL C 298 33.72 10.54 11.95
N PRO C 299 34.00 9.42 12.65
CA PRO C 299 33.28 9.23 13.94
C PRO C 299 33.99 10.05 14.98
N LEU C 300 33.65 11.33 15.00
CA LEU C 300 34.28 12.35 15.80
C LEU C 300 34.07 12.03 17.33
N GLY C 301 32.90 11.50 17.71
CA GLY C 301 32.64 11.21 19.13
C GLY C 301 33.46 10.00 19.61
N VAL C 302 34.02 10.06 20.83
CA VAL C 302 34.54 8.81 21.46
C VAL C 302 33.39 7.82 21.59
N GLY C 303 32.21 8.30 22.04
CA GLY C 303 31.04 7.48 22.26
C GLY C 303 29.87 7.94 21.41
N THR C 304 28.75 8.26 22.03
CA THR C 304 27.51 8.46 21.20
C THR C 304 26.89 9.84 21.41
N ALA C 305 25.69 10.04 20.86
CA ALA C 305 24.85 11.22 21.17
C ALA C 305 24.52 11.13 22.71
N ALA C 306 24.38 12.28 23.36
CA ALA C 306 23.88 12.37 24.77
C ALA C 306 22.75 11.32 25.02
N PRO C 307 22.79 10.59 26.16
CA PRO C 307 21.76 9.55 26.34
C PRO C 307 20.31 10.08 26.26
N ARG C 308 19.40 9.30 25.71
CA ARG C 308 18.00 9.61 25.68
C ARG C 308 17.35 8.59 26.63
N TYR C 309 16.30 9.00 27.30
CA TYR C 309 15.64 8.11 28.29
C TYR C 309 14.28 7.75 27.79
N ALA C 310 13.94 6.48 27.82
CA ALA C 310 12.58 6.09 27.39
C ALA C 310 11.50 6.63 28.38
N VAL C 311 10.42 7.19 27.83
CA VAL C 311 9.33 7.75 28.69
C VAL C 311 8.41 6.60 29.02
N GLU C 312 8.38 5.63 28.14
CA GLU C 312 7.49 4.46 28.30
C GLU C 312 8.22 3.32 27.61
N ASP C 313 7.78 2.07 27.80
CA ASP C 313 8.39 0.95 27.13
C ASP C 313 8.31 1.23 25.63
N VAL C 314 9.37 0.93 24.92
CA VAL C 314 9.40 1.04 23.45
C VAL C 314 10.05 -0.19 22.91
N THR C 315 9.46 -0.80 21.90
CA THR C 315 10.13 -1.97 21.31
C THR C 315 10.88 -1.60 20.07
N LEU C 316 12.15 -1.99 20.02
CA LEU C 316 13.00 -1.64 18.89
C LEU C 316 13.74 -2.93 18.50
N ARG C 317 13.64 -3.33 17.23
CA ARG C 317 14.31 -4.59 16.78
C ARG C 317 13.87 -5.77 17.58
N GLY C 318 12.57 -5.76 17.87
CA GLY C 318 12.01 -6.68 18.83
C GLY C 318 12.71 -6.73 20.21
N VAL C 319 13.46 -5.69 20.62
CA VAL C 319 13.90 -5.68 22.06
C VAL C 319 13.12 -4.61 22.80
N THR C 320 12.75 -4.89 24.04
CA THR C 320 11.95 -3.91 24.77
C THR C 320 12.85 -3.04 25.59
N ILE C 321 12.93 -1.75 25.21
CA ILE C 321 13.60 -0.76 26.04
C ILE C 321 12.52 -0.36 27.11
N ARG C 322 12.82 -0.56 28.40
CA ARG C 322 11.81 -0.21 29.45
C ARG C 322 11.78 1.24 29.78
N ALA C 323 10.61 1.73 30.23
CA ALA C 323 10.51 3.07 30.73
C ALA C 323 11.59 3.41 31.70
N GLY C 324 12.23 4.57 31.50
CA GLY C 324 13.28 5.00 32.37
C GLY C 324 14.69 4.60 31.94
N GLU C 325 14.84 3.65 31.01
CA GLU C 325 16.23 3.19 30.63
C GLU C 325 16.88 4.20 29.65
N PRO C 326 18.21 4.43 29.79
CA PRO C 326 19.05 5.24 28.91
C PRO C 326 19.44 4.47 27.65
N VAL C 327 19.46 5.24 26.57
CA VAL C 327 19.71 4.66 25.22
C VAL C 327 20.74 5.58 24.57
N LEU C 328 21.85 5.00 24.09
CA LEU C 328 22.97 5.71 23.53
C LEU C 328 22.85 5.42 22.04
N ALA C 329 22.60 6.47 21.27
CA ALA C 329 22.34 6.39 19.80
C ALA C 329 23.63 6.84 19.10
N SER C 330 24.37 5.90 18.49
CA SER C 330 25.68 6.23 17.92
C SER C 330 25.48 6.83 16.52
N THR C 331 25.64 8.15 16.42
CA THR C 331 25.69 8.78 15.07
C THR C 331 26.95 8.36 14.28
N GLY C 332 28.06 8.08 15.00
CA GLY C 332 29.28 7.61 14.33
C GLY C 332 29.05 6.33 13.58
N ALA C 333 28.38 5.39 14.24
CA ALA C 333 28.13 4.11 13.66
C ALA C 333 27.05 4.22 12.61
N ALA C 334 26.00 4.98 12.93
CA ALA C 334 24.88 5.21 11.95
C ALA C 334 25.37 5.72 10.59
N ASN C 335 26.30 6.64 10.65
CA ASN C 335 26.82 7.30 9.49
C ASN C 335 27.70 6.40 8.66
N ARG C 336 28.09 5.27 9.23
CA ARG C 336 28.91 4.27 8.55
C ARG C 336 28.15 2.97 8.35
N ASP C 337 26.83 3.04 8.41
CA ASP C 337 25.96 1.80 8.25
C ASP C 337 25.92 1.49 6.76
N GLN C 338 26.35 0.26 6.39
CA GLN C 338 26.36 -0.20 4.99
C GLN C 338 24.95 -0.28 4.37
N ALA C 339 23.92 -0.43 5.21
CA ALA C 339 22.52 -0.49 4.74
C ALA C 339 22.03 0.87 4.26
N GLN C 340 22.64 1.94 4.74
CA GLN C 340 22.19 3.28 4.36
C GLN C 340 23.12 3.96 3.34
N PHE C 341 24.44 3.68 3.41
CA PHE C 341 25.41 4.36 2.61
C PHE C 341 26.21 3.34 1.79
N PRO C 342 25.96 3.26 0.44
CA PRO C 342 26.74 2.29 -0.32
C PRO C 342 28.22 2.43 -0.12
N ASP C 343 28.88 1.29 0.14
CA ASP C 343 30.34 1.30 0.44
C ASP C 343 30.66 2.33 1.49
N ALA C 344 30.10 2.12 2.70
CA ALA C 344 30.09 3.20 3.72
C ALA C 344 31.43 3.63 4.25
N ASP C 345 32.42 2.70 4.19
CA ASP C 345 33.79 3.00 4.65
C ASP C 345 34.66 3.82 3.67
N ARG C 346 34.18 4.06 2.46
CA ARG C 346 34.93 4.79 1.47
C ARG C 346 34.60 6.25 1.61
N ILE C 347 35.61 7.13 1.59
CA ILE C 347 35.31 8.58 1.59
C ILE C 347 35.14 8.98 0.07
N ASP C 348 33.95 9.41 -0.30
CA ASP C 348 33.68 9.79 -1.69
C ASP C 348 33.10 11.20 -1.65
N VAL C 349 33.90 12.21 -2.09
CA VAL C 349 33.53 13.61 -1.93
C VAL C 349 32.29 13.95 -2.73
N ASP C 350 31.98 13.14 -3.72
CA ASP C 350 30.88 13.35 -4.63
C ASP C 350 29.67 12.63 -4.08
N ARG C 351 29.75 12.04 -2.87
CA ARG C 351 28.68 11.13 -2.47
C ARG C 351 27.33 11.78 -2.53
N THR C 352 26.37 11.11 -3.13
CA THR C 352 24.97 11.60 -3.09
C THR C 352 24.03 10.42 -3.27
N PRO C 353 22.90 10.36 -2.52
CA PRO C 353 22.51 11.26 -1.41
C PRO C 353 23.45 11.11 -0.17
N ASN C 354 23.36 12.02 0.78
CA ASN C 354 24.24 11.92 1.97
C ASN C 354 23.47 12.50 3.16
N GLN C 355 22.47 11.78 3.60
CA GLN C 355 21.59 12.27 4.63
C GLN C 355 22.18 11.81 5.99
N HIS C 356 23.38 12.30 6.29
CA HIS C 356 24.11 11.82 7.45
C HIS C 356 23.53 12.44 8.74
N LEU C 357 23.87 11.81 9.87
CA LEU C 357 23.42 12.26 11.18
C LEU C 357 24.55 12.95 11.94
N GLY C 358 25.54 13.47 11.21
CA GLY C 358 26.71 14.14 11.82
C GLY C 358 26.41 15.39 12.56
N PHE C 359 25.27 16.02 12.25
CA PHE C 359 24.80 17.18 12.97
C PHE C 359 23.57 16.83 13.80
N GLY C 360 23.39 15.54 14.11
CA GLY C 360 22.21 15.13 14.87
C GLY C 360 20.94 14.99 14.03
N HIS C 361 19.80 14.90 14.71
CA HIS C 361 18.48 14.63 14.10
C HIS C 361 17.39 14.88 15.16
N GLY C 362 16.19 15.34 14.76
CA GLY C 362 15.11 15.54 15.70
C GLY C 362 15.21 16.93 16.28
N VAL C 363 14.54 17.18 17.40
CA VAL C 363 14.41 18.56 17.87
C VAL C 363 15.72 19.15 18.37
N HIS C 364 16.67 18.27 18.77
CA HIS C 364 18.00 18.76 19.16
C HIS C 364 18.99 18.83 18.04
N HIS C 365 18.56 18.63 16.77
N HIS C 365 18.53 18.70 16.78
CA HIS C 365 19.49 18.73 15.62
CA HIS C 365 19.45 18.82 15.64
C HIS C 365 20.34 19.99 15.80
C HIS C 365 20.34 20.05 15.77
N CYS C 366 21.65 19.90 15.54
CA CYS C 366 22.62 21.02 15.74
C CYS C 366 22.10 22.41 15.26
N LEU C 367 21.93 23.37 16.17
N LEU C 367 21.95 23.32 16.23
CA LEU C 367 21.42 24.67 15.77
CA LEU C 367 21.54 24.71 16.08
C LEU C 367 22.53 25.58 15.20
C LEU C 367 22.50 25.47 15.20
N GLY C 368 23.77 25.13 15.35
CA GLY C 368 24.87 25.82 14.73
C GLY C 368 25.28 25.26 13.36
N ALA C 369 24.61 24.22 12.86
CA ALA C 369 25.16 23.53 11.68
C ALA C 369 25.44 24.48 10.46
N PRO C 370 24.54 25.45 10.17
CA PRO C 370 24.87 26.25 8.96
C PRO C 370 26.18 26.98 9.14
N LEU C 371 26.43 27.51 10.34
CA LEU C 371 27.72 28.20 10.56
C LEU C 371 28.88 27.21 10.63
N ALA C 372 28.69 26.07 11.29
CA ALA C 372 29.76 25.06 11.27
C ALA C 372 30.16 24.76 9.82
N ARG C 373 29.14 24.54 9.01
CA ARG C 373 29.42 24.23 7.58
C ARG C 373 30.27 25.33 6.95
N VAL C 374 29.89 26.58 7.18
CA VAL C 374 30.65 27.72 6.68
C VAL C 374 32.08 27.63 7.16
N GLU C 375 32.29 27.44 8.45
CA GLU C 375 33.67 27.40 8.99
C GLU C 375 34.50 26.28 8.45
N LEU C 376 33.91 25.08 8.32
CA LEU C 376 34.68 23.92 7.84
C LEU C 376 35.02 24.14 6.37
N GLN C 377 34.08 24.72 5.62
CA GLN C 377 34.34 24.98 4.19
C GLN C 377 35.46 26.00 4.02
N VAL C 378 35.42 27.05 4.85
CA VAL C 378 36.39 28.15 4.82
C VAL C 378 37.77 27.68 5.26
N ALA C 379 37.81 26.83 6.30
CA ALA C 379 39.07 26.24 6.74
C ALA C 379 39.75 25.48 5.62
N LEU C 380 39.04 24.56 4.96
CA LEU C 380 39.63 23.80 3.91
C LEU C 380 39.98 24.71 2.70
N GLU C 381 39.12 25.66 2.39
CA GLU C 381 39.35 26.62 1.25
C GLU C 381 40.65 27.45 1.43
N VAL C 382 40.76 28.15 2.53
CA VAL C 382 41.90 28.98 2.80
C VAL C 382 43.19 28.17 2.95
N LEU C 383 43.13 27.04 3.66
CA LEU C 383 44.33 26.25 3.83
C LEU C 383 44.78 25.69 2.53
N LEU C 384 43.84 25.24 1.72
CA LEU C 384 44.23 24.73 0.41
C LEU C 384 44.75 25.80 -0.58
N GLN C 385 44.13 26.98 -0.60
CA GLN C 385 44.66 28.11 -1.39
C GLN C 385 46.04 28.54 -0.88
N ARG C 386 46.17 28.77 0.42
CA ARG C 386 47.40 29.31 0.97
C ARG C 386 48.52 28.31 1.10
N LEU C 387 48.21 27.04 1.37
CA LEU C 387 49.25 26.05 1.70
C LEU C 387 48.95 24.75 0.98
N PRO C 388 48.99 24.73 -0.40
CA PRO C 388 48.49 23.58 -1.14
C PRO C 388 49.34 22.33 -0.90
N GLY C 389 50.58 22.53 -0.44
CA GLY C 389 51.46 21.41 -0.15
C GLY C 389 51.50 21.04 1.31
N ILE C 390 50.59 21.59 2.14
CA ILE C 390 50.52 21.29 3.58
C ILE C 390 50.53 19.75 3.80
N ARG C 391 51.43 19.29 4.66
CA ARG C 391 51.59 17.85 4.91
C ARG C 391 52.13 17.76 6.32
N LEU C 392 52.09 16.55 6.89
CA LEU C 392 52.60 16.34 8.25
C LEU C 392 54.12 16.57 8.25
N GLY C 393 54.64 17.17 9.31
CA GLY C 393 56.07 17.31 9.46
C GLY C 393 56.64 16.38 10.52
N ILE C 394 56.04 15.19 10.65
CA ILE C 394 56.50 14.06 11.49
C ILE C 394 55.74 12.87 10.94
N PRO C 395 56.23 11.63 11.17
CA PRO C 395 55.48 10.47 10.68
C PRO C 395 54.11 10.35 11.34
N GLU C 396 53.18 9.75 10.60
CA GLU C 396 51.81 9.53 11.07
C GLU C 396 51.80 8.80 12.42
N THR C 397 52.62 7.76 12.51
CA THR C 397 52.71 6.95 13.74
C THR C 397 53.23 7.74 14.95
N GLN C 398 53.75 8.95 14.76
CA GLN C 398 54.20 9.72 15.89
C GLN C 398 53.25 10.81 16.39
N LEU C 399 52.08 10.90 15.74
CA LEU C 399 51.07 11.85 16.20
C LEU C 399 50.57 11.60 17.64
N ARG C 400 50.47 12.66 18.42
CA ARG C 400 49.79 12.57 19.73
C ARG C 400 48.29 12.90 19.65
N TRP C 401 47.49 12.00 20.25
CA TRP C 401 46.04 12.07 20.15
C TRP C 401 45.44 12.45 21.47
N SER C 402 44.36 13.21 21.40
CA SER C 402 43.69 13.68 22.57
C SER C 402 43.13 12.52 23.40
N GLU C 403 43.38 12.60 24.71
CA GLU C 403 42.77 11.71 25.66
C GLU C 403 41.77 12.46 26.51
N GLY C 404 41.15 13.51 25.95
CA GLY C 404 40.02 14.14 26.66
C GLY C 404 38.80 13.23 26.77
N MET C 405 38.69 12.22 25.90
CA MET C 405 37.62 11.21 26.06
C MET C 405 36.21 11.66 25.66
N LEU C 406 36.04 12.88 25.18
CA LEU C 406 34.74 13.32 24.59
C LEU C 406 34.78 13.19 23.06
N LEU C 407 35.73 13.88 22.42
CA LEU C 407 35.87 13.80 20.93
C LEU C 407 37.26 13.28 20.60
N ARG C 408 37.45 12.78 19.38
CA ARG C 408 38.75 12.24 18.99
C ARG C 408 39.41 13.23 18.00
N GLY C 409 40.70 13.49 18.18
CA GLY C 409 41.43 14.39 17.30
C GLY C 409 42.86 14.55 17.81
N PRO C 410 43.77 15.03 16.93
CA PRO C 410 45.18 15.05 17.33
C PRO C 410 45.38 16.20 18.30
N LEU C 411 46.31 16.04 19.23
CA LEU C 411 46.61 17.11 20.18
C LEU C 411 47.44 18.18 19.53
N GLU C 412 48.28 17.80 18.56
CA GLU C 412 49.16 18.74 17.87
C GLU C 412 49.23 18.26 16.47
N LEU C 413 49.30 19.18 15.53
CA LEU C 413 49.43 18.73 14.15
C LEU C 413 50.56 19.48 13.52
N PRO C 414 51.83 19.11 13.82
CA PRO C 414 52.92 19.89 13.21
C PRO C 414 52.85 19.71 11.71
N VAL C 415 52.82 20.83 11.00
CA VAL C 415 52.77 20.75 9.54
C VAL C 415 53.87 21.60 8.87
N VAL C 416 54.31 21.07 7.73
CA VAL C 416 55.17 21.73 6.73
C VAL C 416 54.37 21.99 5.43
N TRP C 417 54.90 22.90 4.59
CA TRP C 417 54.28 23.27 3.32
C TRP C 417 55.23 23.82 2.22
CHA HEM D . -13.34 16.82 3.65
CHB HEM D . -10.70 14.23 6.81
CHC HEM D . -14.30 11.09 7.13
CHD HEM D . -16.95 13.68 4.00
C1A HEM D . -12.35 16.40 4.53
C2A HEM D . -11.11 17.11 4.79
C3A HEM D . -10.41 16.41 5.68
C4A HEM D . -11.15 15.20 5.94
CMA HEM D . -8.98 16.76 6.25
CAA HEM D . -10.67 18.46 4.17
CBA HEM D . -9.77 18.19 2.95
CGA HEM D . -9.13 19.40 2.33
O1A HEM D . -9.40 20.55 2.80
O2A HEM D . -8.35 19.24 1.33
C1B HEM D . -11.41 13.12 7.13
C2B HEM D . -10.97 12.03 7.99
C3B HEM D . -11.99 11.17 8.03
C4B HEM D . -13.07 11.69 7.26
CMB HEM D . -9.59 11.90 8.71
CAB HEM D . -12.13 9.83 8.78
CBB HEM D . -11.47 9.55 9.89
C1C HEM D . -15.38 11.56 6.39
C2C HEM D . -16.71 10.99 6.35
C3C HEM D . -17.42 11.72 5.43
C4C HEM D . -16.56 12.75 4.92
CMC HEM D . -17.19 9.77 7.17
CAC HEM D . -18.89 11.64 4.95
CBC HEM D . -19.73 10.73 5.46
C1D HEM D . -16.25 14.74 3.53
C2D HEM D . -16.63 15.60 2.42
C3D HEM D . -15.49 16.59 2.36
C4D HEM D . -14.54 16.18 3.37
CMD HEM D . -17.96 15.54 1.64
CAD HEM D . -15.27 17.76 1.43
CBD HEM D . -15.96 18.92 2.10
CGD HEM D . -15.88 20.17 1.24
O1D HEM D . -15.01 20.29 0.36
O2D HEM D . -16.71 21.09 1.44
NA HEM D . -12.37 15.26 5.31
NB HEM D . -12.69 12.90 6.71
NC HEM D . -15.32 12.64 5.54
ND HEM D . -15.02 15.11 4.02
FE HEM D . -13.88 14.00 5.46
O5 MIV E . -8.61 9.35 -4.68
C24 MIV E . -8.91 8.21 -4.33
C23 MIV E . -8.88 7.00 -5.18
C22 MIV E . -8.09 6.84 -6.24
C20 MIV E . -8.13 5.55 -6.99
C21 MIV E . -6.75 4.93 -6.73
C11 MIV E . -8.39 5.70 -8.52
O2 MIV E . -8.37 4.39 -9.14
C12 MIV E . -7.27 4.16 -10.02
O4 MIV E . -7.63 4.72 -11.30
C18 MIV E . -6.60 4.51 -12.28
C19 MIV E . -7.03 5.28 -13.52
C17 MIV E . -6.38 3.02 -12.53
C14 MIV E . -5.92 2.37 -11.22
N MIV E . -5.67 0.89 -11.36
C16 MIV E . -6.69 0.11 -12.04
C15 MIV E . -4.32 0.58 -11.87
C13 MIV E . -6.98 2.65 -10.12
O3 MIV E . -6.65 2.09 -8.84
C9 MIV E . -9.70 6.39 -8.91
C10 MIV E . -9.69 6.91 -10.36
C8 MIV E . -10.91 5.47 -8.62
C6 MIV E . -12.29 6.06 -8.93
C7 MIV E . -13.43 5.06 -8.73
C5 MIV E . -12.53 7.29 -8.10
O1 MIV E . -12.96 8.28 -8.68
C4 MIV E . -12.21 7.34 -6.64
C3 MIV E . -12.60 8.38 -5.86
C2 MIV E . -12.23 8.33 -4.43
C1 MIV E . -11.67 9.38 -3.80
O6 MIV E . -9.35 8.01 -2.96
C25 MIV E . -9.73 9.20 -2.24
C26 MIV E . -9.24 9.15 -0.80
C27 MIV E . -8.02 8.25 -0.57
C28 MIV E . -11.25 9.26 -2.32
C29 MIV E . -11.83 10.35 -1.42
O7 MIV E . -11.29 11.64 -1.65
C30 MIV E . -12.34 12.55 -2.03
O11 MIV E . -12.11 12.83 -3.42
C36 MIV E . -12.98 13.73 -4.11
C37 MIV E . -12.46 13.93 -5.54
C35 MIV E . -13.19 15.03 -3.31
O10 MIV E . -14.23 15.82 -3.90
C33 MIV E . -13.56 14.68 -1.84
O9 MIV E . -14.86 13.98 -1.80
C34 MIV E . -16.05 14.75 -1.99
C31 MIV E . -12.38 13.87 -1.25
O8 MIV E . -12.33 13.65 0.19
C32 MIV E . -12.12 14.79 1.03
C1 BEN F . -21.86 -8.99 21.95
C2 BEN F . -21.44 -10.26 21.60
C3 BEN F . -20.50 -10.92 22.38
C4 BEN F . -20.00 -10.31 23.52
C5 BEN F . -20.43 -9.02 23.87
C6 BEN F . -21.36 -8.36 23.08
C BEN F . -22.85 -8.28 21.10
N1 BEN F . -23.15 -8.77 19.97
N2 BEN F . -23.40 -7.18 21.53
C1 GOL G . -5.94 0.27 5.64
O1 GOL G . -4.85 0.56 6.46
C2 GOL G . -5.55 0.59 4.20
O2 GOL G . -4.94 -0.54 3.51
C3 GOL G . -7.01 0.80 3.92
O3 GOL G . -7.81 -0.31 3.65
C1 GOL H . -11.81 29.89 0.50
O1 GOL H . -12.79 29.72 -0.56
C2 GOL H . -12.43 30.25 1.86
O2 GOL H . -13.09 31.54 1.84
C3 GOL H . -11.60 29.76 3.08
O3 GOL H . -11.90 28.42 3.63
C1 GOL I . 0.01 7.00 24.74
O1 GOL I . -0.52 7.00 26.03
C2 GOL I . 1.30 6.20 24.80
O2 GOL I . 1.81 6.23 26.13
C3 GOL I . 2.21 7.01 23.91
O3 GOL I . 2.79 6.19 22.99
CHA HEM J . -25.24 -29.89 -27.56
CHB HEM J . -21.51 -32.28 -25.64
CHC HEM J . -18.65 -28.52 -26.49
CHD HEM J . -22.38 -26.12 -28.42
C1A HEM J . -24.48 -30.91 -27.01
C2A HEM J . -24.93 -32.23 -26.65
C3A HEM J . -23.89 -32.89 -26.10
C4A HEM J . -22.77 -31.98 -26.10
CMA HEM J . -23.90 -34.34 -25.53
CAA HEM J . -26.35 -32.81 -26.81
CBA HEM J . -27.19 -32.50 -25.55
CGA HEM J . -28.50 -33.27 -25.50
O1A HEM J . -28.88 -33.92 -26.51
O2A HEM J . -29.17 -33.19 -24.42
C1B HEM J . -20.45 -31.45 -25.62
C2B HEM J . -19.11 -31.81 -25.13
C3B HEM J . -18.34 -30.73 -25.42
C4B HEM J . -19.12 -29.73 -26.04
CMB HEM J . -18.72 -33.11 -24.43
CAB HEM J . -16.86 -30.47 -25.08
CBB HEM J . -15.97 -31.41 -24.79
C1C HEM J . -19.39 -27.58 -27.19
C2C HEM J . -18.89 -26.37 -27.81
C3C HEM J . -19.98 -25.73 -28.30
C4C HEM J . -21.13 -26.52 -28.04
CMC HEM J . -17.41 -25.94 -27.87
CAC HEM J . -20.17 -24.41 -29.09
CBC HEM J . -19.09 -23.73 -29.50
C1D HEM J . -23.51 -26.86 -28.28
C2D HEM J . -24.84 -26.37 -28.59
C3D HEM J . -25.72 -27.54 -28.34
C4D HEM J . -24.84 -28.61 -27.89
CMD HEM J . -25.22 -24.99 -29.13
CAD HEM J . -27.21 -27.61 -28.48
CBD HEM J . -27.50 -28.04 -29.90
CGD HEM J . -29.00 -28.19 -30.13
O1D HEM J . -29.86 -28.38 -29.20
O2D HEM J . -29.41 -28.17 -31.32
NA HEM J . -23.14 -30.80 -26.72
NB HEM J . -20.41 -30.22 -26.21
NC HEM J . -20.75 -27.65 -27.37
ND HEM J . -23.54 -28.17 -27.89
FE HEM J . -21.93 -29.22 -27.12
O5 MIV K . -26.48 -25.05 -16.37
C24 MIV K . -25.34 -24.66 -16.10
C23 MIV K . -25.04 -23.78 -14.96
C22 MIV K . -25.99 -23.28 -14.19
C20 MIV K . -25.56 -22.43 -13.03
C21 MIV K . -25.26 -23.46 -11.95
C11 MIV K . -26.68 -21.42 -12.59
O2 MIV K . -26.20 -20.57 -11.54
C12 MIV K . -26.80 -20.83 -10.27
O4 MIV K . -28.08 -20.18 -10.18
C18 MIV K . -28.71 -20.22 -8.88
C19 MIV K . -30.03 -19.46 -8.96
C17 MIV K . -27.80 -19.65 -7.78
C14 MIV K . -26.44 -20.38 -7.76
N MIV K . -25.47 -19.73 -6.84
C16 MIV K . -25.50 -18.26 -6.81
C15 MIV K . -25.42 -20.35 -5.51
C13 MIV K . -25.81 -20.37 -9.17
O3 MIV K . -24.59 -21.14 -9.22
C9 MIV K . -27.28 -20.56 -13.71
C10 MIV K . -28.70 -20.06 -13.38
C8 MIV K . -26.31 -19.45 -14.17
C6 MIV K . -26.74 -18.60 -15.38
C7 MIV K . -25.69 -17.51 -15.69
C5 MIV K . -26.98 -19.49 -16.57
O1 MIV K . -28.05 -19.36 -17.16
C4 MIV K . -25.99 -20.51 -17.02
C3 MIV K . -26.21 -21.34 -18.05
C2 MIV K . -25.20 -22.35 -18.41
C1 MIV K . -25.54 -23.57 -18.89
O6 MIV K . -24.22 -25.09 -16.93
C25 MIV K . -24.53 -25.74 -18.18
C26 MIV K . -23.50 -26.85 -18.46
C27 MIV K . -22.94 -27.47 -17.19
C28 MIV K . -24.48 -24.63 -19.23
C29 MIV K . -24.50 -25.16 -20.66
O7 MIV K . -25.65 -25.94 -20.93
C30 MIV K . -26.40 -25.33 -21.96
O11 MIV K . -27.59 -24.76 -21.36
C36 MIV K . -28.64 -24.28 -22.21
C37 MIV K . -29.88 -23.96 -21.34
C35 MIV K . -28.93 -25.25 -23.39
O10 MIV K . -29.88 -24.69 -24.29
C33 MIV K . -27.61 -25.60 -24.12
O9 MIV K . -26.95 -24.40 -24.67
C34 MIV K . -27.48 -23.85 -25.90
C31 MIV K . -26.73 -26.35 -23.09
O8 MIV K . -25.58 -27.06 -23.62
C32 MIV K . -25.51 -28.45 -23.26
C1 BEN L . 6.71 -22.55 -27.08
C2 BEN L . 7.07 -23.83 -27.50
C3 BEN L . 8.01 -24.55 -26.77
C4 BEN L . 8.56 -24.01 -25.61
C5 BEN L . 8.19 -22.73 -25.20
C6 BEN L . 7.26 -21.99 -25.93
C BEN L . 5.71 -21.77 -27.85
N1 BEN L . 5.36 -22.16 -28.99
N2 BEN L . 5.23 -20.66 -27.32
C1 BEN M . -12.28 -8.28 -42.65
C2 BEN M . -12.85 -6.99 -42.59
C3 BEN M . -12.44 -6.05 -41.63
C4 BEN M . -11.44 -6.42 -40.70
C5 BEN M . -10.86 -7.70 -40.74
C6 BEN M . -11.28 -8.64 -41.71
C BEN M . -12.74 -9.27 -43.71
N1 BEN M . -13.68 -8.93 -44.51
N2 BEN M . -12.15 -10.48 -43.82
C1 GOL N . -13.23 -28.64 -13.89
O1 GOL N . -12.83 -29.96 -13.70
C2 GOL N . -14.43 -28.43 -12.95
O2 GOL N . -14.03 -27.74 -11.73
C3 GOL N . -14.94 -27.43 -13.93
O3 GOL N . -13.96 -26.46 -14.14
C1 GOL O . -5.22 -46.68 -19.31
O1 GOL O . -6.24 -47.44 -18.75
C2 GOL O . -4.94 -47.42 -20.62
O2 GOL O . -3.70 -48.13 -20.56
C3 GOL O . -4.97 -46.36 -21.69
O3 GOL O . -4.50 -47.03 -22.81
CHA HEM P . 23.72 20.16 18.95
CHB HEM P . 27.28 18.46 16.12
CHC HEM P . 29.05 22.92 15.69
CHD HEM P . 25.51 24.64 18.58
C1A HEM P . 24.52 19.28 18.22
C2A HEM P . 24.28 17.88 17.97
C3A HEM P . 25.27 17.43 17.18
C4A HEM P . 26.15 18.54 16.94
CMA HEM P . 25.54 15.95 16.66
CAA HEM P . 23.14 17.01 18.56
CBA HEM P . 23.61 16.45 19.93
CGA HEM P . 22.69 15.39 20.44
O1A HEM P . 21.56 15.22 19.90
O2A HEM P . 23.10 14.71 21.42
C1B HEM P . 28.13 19.50 15.84
C2B HEM P . 29.31 19.43 15.00
C3B HEM P . 29.78 20.69 14.92
C4B HEM P . 28.90 21.55 15.64
CMB HEM P . 29.91 18.14 14.41
CAB HEM P . 31.01 21.29 14.21
CBB HEM P . 31.70 20.62 13.29
C1C HEM P . 28.22 23.78 16.38
C2C HEM P . 28.28 25.24 16.36
C3C HEM P . 27.29 25.65 17.20
C4C HEM P . 26.59 24.51 17.71
CMC HEM P . 29.29 26.08 15.57
CAC HEM P . 26.78 27.04 17.66
CBC HEM P . 27.24 28.12 17.02
C1D HEM P . 24.76 23.58 19.02
C2D HEM P . 23.76 23.70 20.03
C3D HEM P . 23.18 22.33 20.11
C4D HEM P . 23.93 21.50 19.20
CMD HEM P . 23.33 24.97 20.78
CAD HEM P . 22.06 21.93 21.06
CBD HEM P . 20.77 21.97 20.29
CGD HEM P . 19.60 21.50 21.10
O1D HEM P . 19.68 20.66 22.05
O2D HEM P . 18.47 21.94 20.79
NA HEM P . 25.61 19.65 17.48
NB HEM P . 27.86 20.83 16.16
NC HEM P . 27.14 23.38 17.16
ND HEM P . 24.84 22.29 18.55
FE HEM P . 26.32 21.57 17.26
O5 MIV Q . 31.94 18.80 28.09
C24 MIV Q . 32.89 19.45 27.68
C23 MIV Q . 33.99 19.90 28.55
C22 MIV Q . 34.20 19.29 29.69
C20 MIV Q . 35.35 19.76 30.52
C21 MIV Q . 36.39 18.64 30.39
C11 MIV Q . 34.95 20.00 32.00
O2 MIV Q . 36.14 20.47 32.67
C12 MIV Q . 36.76 19.53 33.58
O4 MIV Q . 36.06 19.55 34.85
C18 MIV Q . 36.71 18.71 35.82
C19 MIV Q . 35.82 18.57 37.05
C17 MIV Q . 38.11 19.25 36.13
C14 MIV Q . 38.93 19.06 34.85
N MIV Q . 40.38 19.41 35.01
C16 MIV Q . 40.66 20.62 35.75
C15 MIV Q . 41.18 18.26 35.44
C13 MIV Q . 38.27 19.89 33.71
O3 MIV Q . 38.98 19.83 32.44
C9 MIV Q . 33.83 21.03 32.24
C10 MIV Q . 33.21 20.90 33.65
C8 MIV Q . 34.31 22.46 31.92
C6 MIV Q . 33.30 23.58 32.18
C7 MIV Q . 33.94 24.95 32.02
C5 MIV Q . 32.17 23.41 31.21
O1 MIV Q . 31.05 23.56 31.63
C4 MIV Q . 32.38 23.02 29.78
C3 MIV Q . 31.35 22.80 28.96
C2 MIV Q . 31.62 22.38 27.57
C1 MIV Q . 30.83 21.52 26.92
O6 MIV Q . 32.97 19.77 26.27
C25 MIV Q . 31.73 19.65 25.54
C26 MIV Q . 31.92 18.99 24.18
C27 MIV Q . 33.32 18.47 23.92
C28 MIV Q . 31.17 21.09 25.49
C29 MIV Q . 30.02 21.25 24.49
O7 MIV Q . 28.92 20.37 24.73
C30 MIV Q . 27.72 21.09 25.03
O11 MIV Q . 27.46 20.89 26.42
C36 MIV Q . 26.24 21.38 26.99
C37 MIV Q . 26.13 20.92 28.47
C35 MIV Q . 25.02 20.98 26.14
O10 MIV Q . 23.83 21.67 26.58
C33 MIV Q . 25.22 21.29 24.63
O9 MIV Q . 24.93 22.68 24.23
C34 MIV Q . 25.40 23.85 24.94
C31 MIV Q . 26.55 20.60 24.16
O8 MIV Q . 26.88 20.62 22.73
C32 MIV Q . 25.84 20.19 21.83
C1 BEN R . 46.00 36.36 1.38
C2 BEN R . 45.77 35.59 0.23
C3 BEN R . 46.89 34.99 -0.36
C4 BEN R . 48.20 35.11 0.16
C5 BEN R . 48.40 35.88 1.31
C6 BEN R . 47.28 36.47 1.87
C BEN R . 44.97 37.10 2.19
N1 BEN R . 43.81 37.32 1.76
N2 BEN R . 45.36 37.50 3.39
C1 GOL S . 11.92 14.37 21.57
O1 GOL S . 11.61 15.40 22.54
C2 GOL S . 11.40 14.79 20.21
O2 GOL S . 9.95 14.98 20.21
C3 GOL S . 12.20 14.08 19.08
O3 GOL S . 13.39 14.81 18.66
C1 GOL T . 42.00 19.22 18.01
O1 GOL T . 42.10 17.86 17.60
C2 GOL T . 41.39 19.26 19.42
O2 GOL T . 41.48 20.53 20.01
C3 GOL T . 42.02 18.10 20.23
O3 GOL T . 43.37 18.51 20.41
#